data_1RO4
#
_entry.id   1RO4
#
_entity_poly.entity_id   1
_entity_poly.type   'polypeptide(L)'
_entity_poly.pdbx_seq_one_letter_code
;MASTSRLDALPRVTCPNHPDAILVEDYRAGDMICPECGLVVGDRVIDVGSEWRTFSNDKA
;
_entity_poly.pdbx_strand_id   A
#
# COMPACT_ATOMS: atom_id res chain seq x y z
N ALA A 2 -2.24 -17.41 13.41
CA ALA A 2 -2.62 -16.52 14.53
C ALA A 2 -3.11 -15.18 14.02
N SER A 3 -4.24 -14.72 14.54
CA SER A 3 -4.83 -13.45 14.14
C SER A 3 -4.49 -12.35 15.14
N THR A 4 -3.27 -12.39 15.67
CA THR A 4 -2.81 -11.40 16.64
C THR A 4 -2.05 -10.27 15.95
N SER A 5 -1.37 -10.60 14.87
CA SER A 5 -0.60 -9.62 14.12
C SER A 5 -1.52 -8.66 13.36
N ARG A 6 -1.17 -7.38 13.37
CA ARG A 6 -1.97 -6.37 12.67
C ARG A 6 -2.09 -6.69 11.19
N LEU A 7 -0.99 -6.55 10.46
CA LEU A 7 -0.96 -6.82 9.03
C LEU A 7 0.46 -7.10 8.56
N ASP A 8 1.27 -6.05 8.50
CA ASP A 8 2.66 -6.17 8.07
C ASP A 8 2.75 -6.86 6.71
N ALA A 9 1.68 -6.76 5.92
CA ALA A 9 1.63 -7.37 4.61
C ALA A 9 1.89 -6.33 3.51
N LEU A 10 2.60 -6.75 2.46
CA LEU A 10 2.91 -5.86 1.36
C LEU A 10 2.00 -6.14 0.16
N PRO A 11 1.94 -5.19 -0.80
CA PRO A 11 1.10 -5.34 -1.99
C PRO A 11 1.58 -6.48 -2.88
N ARG A 12 0.96 -6.61 -4.06
CA ARG A 12 1.31 -7.66 -5.00
C ARG A 12 2.58 -7.27 -5.77
N VAL A 13 3.45 -8.26 -5.98
CA VAL A 13 4.71 -8.02 -6.70
C VAL A 13 4.46 -7.24 -7.99
N THR A 14 4.65 -5.93 -7.93
CA THR A 14 4.45 -5.07 -9.09
C THR A 14 3.04 -5.24 -9.66
N CYS A 15 2.80 -4.61 -10.81
CA CYS A 15 1.50 -4.68 -11.46
C CYS A 15 1.26 -6.08 -12.04
N PRO A 16 0.05 -6.63 -11.87
CA PRO A 16 -0.28 -7.97 -12.39
C PRO A 16 -0.17 -8.02 -13.91
N ASN A 17 -0.23 -6.86 -14.55
CA ASN A 17 -0.14 -6.77 -16.00
C ASN A 17 1.11 -5.98 -16.43
N HIS A 18 1.75 -5.32 -15.47
CA HIS A 18 2.96 -4.55 -15.75
C HIS A 18 4.06 -4.88 -14.76
N PRO A 19 4.86 -5.92 -15.05
CA PRO A 19 5.96 -6.34 -14.18
C PRO A 19 6.98 -5.23 -13.98
N ASP A 20 7.19 -4.44 -15.02
CA ASP A 20 8.14 -3.33 -14.96
C ASP A 20 7.54 -2.13 -14.24
N ALA A 21 6.21 -2.00 -14.29
CA ALA A 21 5.53 -0.89 -13.65
C ALA A 21 5.32 -1.13 -12.18
N ILE A 22 6.26 -0.60 -11.44
CA ILE A 22 6.30 -0.72 -10.01
C ILE A 22 5.29 0.20 -9.31
N LEU A 23 4.00 -0.15 -9.40
CA LEU A 23 2.92 0.63 -8.77
C LEU A 23 3.47 1.52 -7.67
N VAL A 24 3.49 2.80 -7.92
CA VAL A 24 4.01 3.74 -6.94
C VAL A 24 3.01 3.98 -5.83
N GLU A 25 3.49 4.59 -4.75
CA GLU A 25 2.68 4.85 -3.61
C GLU A 25 1.90 6.13 -3.81
N ASP A 26 0.65 6.06 -3.42
CA ASP A 26 -0.24 7.17 -3.50
C ASP A 26 -0.52 7.68 -4.91
N TYR A 27 -1.54 7.12 -5.56
CA TYR A 27 -1.94 7.54 -6.90
C TYR A 27 -2.36 9.00 -6.88
N ARG A 28 -1.44 9.89 -7.27
CA ARG A 28 -1.74 11.31 -7.28
C ARG A 28 -2.35 11.72 -5.94
N ALA A 29 -1.82 11.14 -4.87
CA ALA A 29 -2.29 11.39 -3.50
C ALA A 29 -3.38 10.40 -3.12
N GLY A 30 -3.23 9.16 -3.59
CA GLY A 30 -4.20 8.12 -3.30
C GLY A 30 -3.54 6.80 -2.88
N ASP A 31 -3.89 5.73 -3.59
CA ASP A 31 -3.35 4.41 -3.29
C ASP A 31 -2.14 4.09 -4.17
N MET A 32 -1.97 2.83 -4.58
CA MET A 32 -0.84 2.43 -5.40
C MET A 32 -1.14 2.58 -6.88
N ILE A 33 -0.36 3.42 -7.54
CA ILE A 33 -0.56 3.73 -8.94
C ILE A 33 0.47 3.06 -9.84
N CYS A 34 -0.01 2.29 -10.81
CA CYS A 34 0.86 1.65 -11.77
C CYS A 34 1.08 2.61 -12.92
N PRO A 35 2.19 3.37 -12.92
CA PRO A 35 2.49 4.35 -13.97
C PRO A 35 2.20 3.84 -15.39
N GLU A 36 2.02 2.55 -15.54
CA GLU A 36 1.76 1.97 -16.85
C GLU A 36 0.27 1.94 -17.16
N CYS A 37 -0.48 1.18 -16.38
CA CYS A 37 -1.93 1.13 -16.56
C CYS A 37 -2.54 2.20 -15.68
N GLY A 38 -1.75 2.59 -14.69
CA GLY A 38 -2.13 3.61 -13.76
C GLY A 38 -3.25 3.14 -12.84
N LEU A 39 -3.22 1.86 -12.53
CA LEU A 39 -4.22 1.28 -11.65
C LEU A 39 -3.95 1.69 -10.22
N VAL A 40 -5.01 1.91 -9.47
CA VAL A 40 -4.92 2.33 -8.08
C VAL A 40 -5.35 1.20 -7.15
N VAL A 41 -4.39 0.65 -6.40
CA VAL A 41 -4.70 -0.42 -5.46
C VAL A 41 -4.54 0.07 -4.03
N GLY A 42 -5.50 -0.25 -3.18
CA GLY A 42 -5.42 0.15 -1.79
C GLY A 42 -6.62 0.97 -1.35
N ASP A 43 -6.82 1.04 -0.05
CA ASP A 43 -7.92 1.78 0.52
C ASP A 43 -7.82 1.80 2.03
N ARG A 44 -7.52 2.97 2.60
CA ARG A 44 -7.40 3.11 4.04
C ARG A 44 -6.29 2.21 4.58
N VAL A 45 -5.08 2.76 4.68
CA VAL A 45 -3.93 2.01 5.17
C VAL A 45 -3.60 2.41 6.61
N ILE A 46 -3.92 3.65 6.96
CA ILE A 46 -3.66 4.17 8.31
C ILE A 46 -2.26 3.79 8.81
N ASP A 47 -1.33 3.63 7.88
CA ASP A 47 0.04 3.26 8.21
C ASP A 47 0.08 2.00 9.06
N VAL A 48 0.40 0.87 8.43
CA VAL A 48 0.48 -0.40 9.13
C VAL A 48 1.94 -0.82 9.35
N GLY A 49 2.13 -2.04 9.84
CA GLY A 49 3.47 -2.53 10.08
C GLY A 49 3.93 -2.27 11.50
N SER A 50 4.67 -1.18 11.69
CA SER A 50 5.18 -0.82 13.01
C SER A 50 6.09 -1.92 13.56
N GLU A 51 7.39 -1.73 13.41
CA GLU A 51 8.37 -2.70 13.89
C GLU A 51 9.58 -2.00 14.53
N TRP A 52 9.41 -0.72 14.86
CA TRP A 52 10.49 0.05 15.47
C TRP A 52 11.70 0.15 14.54
N ARG A 53 12.51 -0.89 14.52
CA ARG A 53 13.71 -0.92 13.68
C ARG A 53 14.61 0.27 13.98
N THR A 54 15.26 0.24 15.14
CA THR A 54 16.15 1.32 15.55
C THR A 54 17.36 0.76 16.27
N PHE A 55 18.16 1.65 16.87
CA PHE A 55 19.35 1.25 17.59
C PHE A 55 19.29 1.72 19.05
N SER A 56 19.45 0.79 19.98
CA SER A 56 19.41 1.11 21.40
C SER A 56 18.03 1.65 21.80
N ASN A 57 17.55 1.23 22.97
CA ASN A 57 16.25 1.66 23.47
C ASN A 57 16.41 2.40 24.79
N ASP A 58 15.35 3.11 25.19
CA ASP A 58 15.36 3.86 26.44
C ASP A 58 14.30 3.34 27.39
N LYS A 59 13.09 3.12 26.87
CA LYS A 59 11.98 2.62 27.68
C LYS A 59 11.28 1.46 26.98
N ALA A 2 -0.51 -25.73 1.40
CA ALA A 2 -0.95 -26.69 2.45
C ALA A 2 -2.31 -27.30 2.10
N SER A 3 -2.71 -28.32 2.85
CA SER A 3 -3.99 -28.98 2.62
C SER A 3 -5.10 -28.27 3.37
N THR A 4 -4.78 -27.72 4.54
CA THR A 4 -5.76 -27.01 5.34
C THR A 4 -6.23 -25.74 4.64
N SER A 5 -5.30 -25.02 4.04
CA SER A 5 -5.62 -23.79 3.33
C SER A 5 -5.48 -23.98 1.82
N ARG A 6 -5.87 -22.95 1.06
CA ARG A 6 -5.79 -23.00 -0.40
C ARG A 6 -4.42 -22.54 -0.88
N LEU A 7 -4.19 -21.24 -0.83
CA LEU A 7 -2.92 -20.67 -1.27
C LEU A 7 -2.89 -19.17 -1.03
N ASP A 8 -1.69 -18.60 -1.03
CA ASP A 8 -1.52 -17.16 -0.83
C ASP A 8 -1.59 -16.41 -2.15
N ALA A 9 -2.65 -15.62 -2.33
CA ALA A 9 -2.82 -14.86 -3.56
C ALA A 9 -3.76 -13.67 -3.34
N LEU A 10 -3.19 -12.47 -3.29
CA LEU A 10 -3.98 -11.26 -3.09
C LEU A 10 -3.09 -10.02 -3.19
N PRO A 11 -2.10 -9.89 -2.28
CA PRO A 11 -1.20 -8.74 -2.27
C PRO A 11 -0.10 -8.88 -3.31
N ARG A 12 0.60 -7.77 -3.59
CA ARG A 12 1.67 -7.77 -4.57
C ARG A 12 2.36 -6.41 -4.62
N VAL A 13 3.68 -6.43 -4.82
CA VAL A 13 4.45 -5.21 -4.90
C VAL A 13 4.73 -4.82 -6.35
N THR A 14 3.80 -5.19 -7.23
CA THR A 14 3.94 -4.89 -8.65
C THR A 14 2.60 -5.06 -9.38
N CYS A 15 2.55 -4.60 -10.62
CA CYS A 15 1.34 -4.71 -11.42
C CYS A 15 1.18 -6.12 -11.97
N PRO A 16 -0.04 -6.70 -11.90
CA PRO A 16 -0.30 -8.04 -12.41
C PRO A 16 -0.14 -8.11 -13.93
N ASN A 17 -0.18 -6.96 -14.59
CA ASN A 17 -0.05 -6.89 -16.03
C ASN A 17 1.19 -6.09 -16.43
N HIS A 18 1.82 -5.43 -15.46
CA HIS A 18 3.02 -4.64 -15.73
C HIS A 18 4.12 -4.99 -14.73
N PRO A 19 4.94 -6.00 -15.04
CA PRO A 19 6.02 -6.42 -14.16
C PRO A 19 7.04 -5.31 -13.92
N ASP A 20 7.25 -4.49 -14.94
CA ASP A 20 8.20 -3.38 -14.86
C ASP A 20 7.56 -2.16 -14.21
N ALA A 21 6.24 -2.05 -14.33
CA ALA A 21 5.52 -0.91 -13.75
C ALA A 21 5.29 -1.11 -12.25
N ILE A 22 6.28 -0.67 -11.48
CA ILE A 22 6.26 -0.79 -10.03
C ILE A 22 5.25 0.14 -9.35
N LEU A 23 3.96 -0.20 -9.45
CA LEU A 23 2.88 0.59 -8.84
C LEU A 23 3.43 1.46 -7.73
N VAL A 24 3.49 2.75 -7.99
CA VAL A 24 4.01 3.69 -7.02
C VAL A 24 3.02 3.93 -5.90
N GLU A 25 3.49 4.57 -4.84
CA GLU A 25 2.68 4.84 -3.70
C GLU A 25 1.88 6.10 -3.89
N ASP A 26 0.64 6.01 -3.47
CA ASP A 26 -0.28 7.11 -3.54
C ASP A 26 -0.51 7.66 -4.94
N TYR A 27 -1.54 7.14 -5.62
CA TYR A 27 -1.89 7.60 -6.95
C TYR A 27 -2.35 9.05 -6.88
N ARG A 28 -1.50 9.97 -7.30
CA ARG A 28 -1.83 11.38 -7.26
C ARG A 28 -2.45 11.74 -5.91
N ALA A 29 -1.94 11.09 -4.86
CA ALA A 29 -2.43 11.29 -3.49
C ALA A 29 -3.49 10.26 -3.14
N GLY A 30 -3.30 9.03 -3.61
CA GLY A 30 -4.25 7.96 -3.36
C GLY A 30 -3.57 6.66 -2.93
N ASP A 31 -3.90 5.58 -3.64
CA ASP A 31 -3.33 4.27 -3.35
C ASP A 31 -2.11 3.99 -4.22
N MET A 32 -1.93 2.73 -4.63
CA MET A 32 -0.81 2.34 -5.46
C MET A 32 -1.09 2.55 -6.95
N ILE A 33 -0.32 3.43 -7.55
CA ILE A 33 -0.52 3.79 -8.95
C ILE A 33 0.50 3.14 -9.87
N CYS A 34 0.01 2.36 -10.82
CA CYS A 34 0.87 1.72 -11.79
C CYS A 34 1.10 2.69 -12.94
N PRO A 35 2.23 3.43 -12.94
CA PRO A 35 2.55 4.41 -13.99
C PRO A 35 2.24 3.92 -15.40
N GLU A 36 2.03 2.63 -15.55
CA GLU A 36 1.75 2.05 -16.86
C GLU A 36 0.27 2.11 -17.16
N CYS A 37 -0.53 1.36 -16.40
CA CYS A 37 -1.97 1.40 -16.58
C CYS A 37 -2.53 2.45 -15.68
N GLY A 38 -1.72 2.81 -14.70
CA GLY A 38 -2.08 3.79 -13.72
C GLY A 38 -3.22 3.33 -12.85
N LEU A 39 -3.21 2.03 -12.57
CA LEU A 39 -4.22 1.41 -11.74
C LEU A 39 -3.97 1.78 -10.28
N VAL A 40 -5.05 1.88 -9.51
CA VAL A 40 -4.95 2.26 -8.12
C VAL A 40 -5.32 1.11 -7.18
N VAL A 41 -4.34 0.62 -6.44
CA VAL A 41 -4.57 -0.45 -5.48
C VAL A 41 -4.23 0.01 -4.08
N GLY A 42 -5.09 -0.32 -3.13
CA GLY A 42 -4.83 0.06 -1.76
C GLY A 42 -6.03 0.73 -1.11
N ASP A 43 -5.99 0.82 0.22
CA ASP A 43 -7.06 1.45 0.97
C ASP A 43 -6.71 1.51 2.45
N ARG A 44 -6.94 0.40 3.16
CA ARG A 44 -6.65 0.33 4.59
C ARG A 44 -7.16 1.56 5.33
N VAL A 45 -8.23 2.15 4.81
CA VAL A 45 -8.82 3.35 5.42
C VAL A 45 -10.24 3.08 5.91
N ILE A 46 -10.85 2.00 5.42
CA ILE A 46 -12.21 1.64 5.81
C ILE A 46 -12.34 1.55 7.33
N ASP A 47 -12.85 2.60 7.95
CA ASP A 47 -13.03 2.65 9.39
C ASP A 47 -11.69 2.51 10.12
N VAL A 48 -11.57 3.18 11.26
CA VAL A 48 -10.35 3.13 12.05
C VAL A 48 -10.61 2.48 13.40
N GLY A 49 -9.53 2.04 14.05
CA GLY A 49 -9.65 1.41 15.35
C GLY A 49 -10.55 2.19 16.31
N SER A 50 -11.80 1.77 16.41
CA SER A 50 -12.76 2.43 17.29
C SER A 50 -12.55 2.03 18.74
N GLU A 51 -11.37 2.33 19.27
CA GLU A 51 -11.05 2.00 20.66
C GLU A 51 -11.59 3.07 21.59
N TRP A 52 -12.90 3.05 21.82
CA TRP A 52 -13.56 4.02 22.70
C TRP A 52 -13.69 5.38 22.01
N ARG A 53 -12.56 5.94 21.59
CA ARG A 53 -12.56 7.24 20.92
C ARG A 53 -12.81 8.37 21.91
N THR A 54 -11.76 8.77 22.63
CA THR A 54 -11.87 9.84 23.61
C THR A 54 -10.61 10.68 23.63
N PHE A 55 -10.73 11.93 23.19
CA PHE A 55 -9.59 12.84 23.15
C PHE A 55 -9.71 13.91 24.24
N SER A 56 -8.94 13.76 25.30
CA SER A 56 -8.96 14.71 26.41
C SER A 56 -10.33 14.75 27.07
N ASN A 57 -10.37 14.39 28.35
CA ASN A 57 -11.62 14.38 29.10
C ASN A 57 -11.95 15.77 29.63
N ASP A 58 -13.08 16.31 29.21
CA ASP A 58 -13.51 17.64 29.64
C ASP A 58 -14.52 17.54 30.78
N LYS A 59 -15.71 17.04 30.47
CA LYS A 59 -16.76 16.89 31.46
C LYS A 59 -16.89 15.44 31.91
N ALA A 2 11.26 2.11 12.84
CA ALA A 2 9.96 2.77 13.06
C ALA A 2 8.81 1.86 12.63
N SER A 3 8.35 1.00 13.54
CA SER A 3 7.26 0.08 13.24
C SER A 3 5.95 0.57 13.85
N THR A 4 5.37 1.62 13.25
CA THR A 4 4.12 2.18 13.72
C THR A 4 2.99 1.89 12.75
N SER A 5 3.32 1.79 11.48
CA SER A 5 2.33 1.52 10.44
C SER A 5 1.59 0.20 10.72
N ARG A 6 0.73 -0.19 9.80
CA ARG A 6 -0.03 -1.43 9.95
C ARG A 6 0.53 -2.52 9.05
N LEU A 7 0.25 -2.43 7.75
CA LEU A 7 0.73 -3.41 6.79
C LEU A 7 1.75 -2.79 5.83
N ASP A 8 2.99 -3.24 5.94
CA ASP A 8 4.06 -2.73 5.08
C ASP A 8 4.57 -3.82 4.15
N ALA A 9 3.69 -4.30 3.28
CA ALA A 9 4.05 -5.36 2.34
C ALA A 9 4.04 -4.84 0.90
N LEU A 10 4.86 -3.83 0.64
CA LEU A 10 4.94 -3.26 -0.70
C LEU A 10 6.33 -3.45 -1.35
N PRO A 11 7.17 -4.39 -0.85
CA PRO A 11 8.49 -4.61 -1.42
C PRO A 11 8.46 -5.55 -2.63
N ARG A 12 7.59 -6.55 -2.58
CA ARG A 12 7.46 -7.51 -3.66
C ARG A 12 6.13 -7.36 -4.40
N VAL A 13 5.57 -6.16 -4.38
CA VAL A 13 4.31 -5.90 -5.06
C VAL A 13 4.55 -5.38 -6.47
N THR A 14 3.67 -5.76 -7.40
CA THR A 14 3.80 -5.33 -8.78
C THR A 14 2.48 -5.47 -9.52
N CYS A 15 2.39 -4.84 -10.69
CA CYS A 15 1.19 -4.88 -11.50
C CYS A 15 1.01 -6.26 -12.15
N PRO A 16 -0.21 -6.81 -12.13
CA PRO A 16 -0.50 -8.12 -12.72
C PRO A 16 -0.29 -8.12 -14.23
N ASN A 17 -0.28 -6.94 -14.84
CA ASN A 17 -0.09 -6.82 -16.28
C ASN A 17 1.18 -6.04 -16.61
N HIS A 18 1.74 -5.37 -15.60
CA HIS A 18 2.96 -4.59 -15.79
C HIS A 18 4.02 -5.01 -14.77
N PRO A 19 4.85 -6.01 -15.09
CA PRO A 19 5.90 -6.48 -14.19
C PRO A 19 6.93 -5.38 -13.88
N ASP A 20 7.27 -4.60 -14.90
CA ASP A 20 8.24 -3.52 -14.75
C ASP A 20 7.62 -2.31 -14.03
N ALA A 21 6.34 -2.07 -14.30
CA ALA A 21 5.63 -0.95 -13.68
C ALA A 21 5.27 -1.25 -12.23
N ILE A 22 6.27 -1.11 -11.36
CA ILE A 22 6.10 -1.39 -9.94
C ILE A 22 5.20 -0.38 -9.23
N LEU A 23 3.89 -0.46 -9.51
CA LEU A 23 2.88 0.42 -8.91
C LEU A 23 3.50 1.28 -7.81
N VAL A 24 3.61 2.57 -8.06
CA VAL A 24 4.24 3.46 -7.10
C VAL A 24 3.27 3.91 -6.01
N GLU A 25 3.87 4.27 -4.88
CA GLU A 25 3.14 4.70 -3.73
C GLU A 25 2.53 6.06 -3.94
N ASP A 26 1.23 6.10 -3.76
CA ASP A 26 0.46 7.32 -3.90
C ASP A 26 0.16 7.69 -5.36
N TYR A 27 0.02 8.98 -5.62
CA TYR A 27 -0.32 9.47 -6.95
C TYR A 27 -1.83 9.53 -7.13
N ARG A 28 -2.32 10.75 -7.29
CA ARG A 28 -3.75 11.00 -7.49
C ARG A 28 -4.54 10.75 -6.21
N ALA A 29 -4.96 9.50 -5.99
CA ALA A 29 -5.74 9.16 -4.80
C ALA A 29 -4.86 9.20 -3.54
N GLY A 30 -4.13 8.12 -3.31
CA GLY A 30 -3.27 8.05 -2.15
C GLY A 30 -2.50 6.74 -2.10
N ASP A 31 -3.17 5.66 -2.47
CA ASP A 31 -2.55 4.34 -2.49
C ASP A 31 -1.60 4.20 -3.67
N MET A 32 -1.33 2.97 -4.10
CA MET A 32 -0.40 2.73 -5.19
C MET A 32 -1.00 3.10 -6.55
N ILE A 33 -0.12 3.35 -7.52
CA ILE A 33 -0.51 3.73 -8.88
C ILE A 33 0.46 3.05 -9.84
N CYS A 34 -0.04 2.38 -10.86
CA CYS A 34 0.83 1.74 -11.83
C CYS A 34 1.16 2.73 -12.92
N PRO A 35 2.33 3.40 -12.84
CA PRO A 35 2.74 4.38 -13.85
C PRO A 35 2.51 3.93 -15.28
N GLU A 36 2.25 2.64 -15.47
CA GLU A 36 2.02 2.10 -16.79
C GLU A 36 0.54 2.23 -17.18
N CYS A 37 -0.32 1.53 -16.46
CA CYS A 37 -1.76 1.64 -16.72
C CYS A 37 -2.30 2.71 -15.82
N GLY A 38 -1.58 2.91 -14.73
CA GLY A 38 -1.89 3.89 -13.73
C GLY A 38 -3.06 3.46 -12.89
N LEU A 39 -3.06 2.18 -12.54
CA LEU A 39 -4.10 1.61 -11.72
C LEU A 39 -3.84 1.97 -10.26
N VAL A 40 -4.91 2.16 -9.50
CA VAL A 40 -4.81 2.53 -8.12
C VAL A 40 -5.28 1.42 -7.18
N VAL A 41 -4.39 0.99 -6.29
CA VAL A 41 -4.74 -0.04 -5.33
C VAL A 41 -4.36 0.37 -3.91
N GLY A 42 -5.32 0.29 -2.99
CA GLY A 42 -5.06 0.65 -1.61
C GLY A 42 -5.94 1.78 -1.15
N ASP A 43 -5.52 2.46 -0.10
CA ASP A 43 -6.28 3.57 0.44
C ASP A 43 -7.47 3.08 1.25
N ARG A 44 -7.60 3.63 2.46
CA ARG A 44 -8.70 3.26 3.35
C ARG A 44 -9.86 4.25 3.22
N VAL A 45 -10.81 4.14 4.14
CA VAL A 45 -11.97 5.02 4.14
C VAL A 45 -12.82 4.81 5.39
N ILE A 46 -12.19 4.92 6.56
CA ILE A 46 -12.88 4.75 7.82
C ILE A 46 -12.95 6.07 8.60
N ASP A 47 -11.84 6.78 8.65
CA ASP A 47 -11.77 8.05 9.36
C ASP A 47 -12.15 7.88 10.82
N VAL A 48 -11.20 7.43 11.63
CA VAL A 48 -11.43 7.23 13.06
C VAL A 48 -11.22 8.51 13.84
N GLY A 49 -12.25 9.36 13.85
CA GLY A 49 -12.16 10.63 14.57
C GLY A 49 -12.36 10.46 16.06
N SER A 50 -13.58 10.73 16.52
CA SER A 50 -13.89 10.61 17.94
C SER A 50 -13.03 11.55 18.79
N GLU A 51 -12.65 12.67 18.21
CA GLU A 51 -11.81 13.65 18.89
C GLU A 51 -12.43 15.05 18.81
N TRP A 52 -13.72 15.15 19.13
CA TRP A 52 -14.43 16.42 19.08
C TRP A 52 -14.46 16.98 17.67
N ARG A 53 -13.37 17.62 17.24
CA ARG A 53 -13.28 18.19 15.91
C ARG A 53 -14.42 19.18 15.66
N THR A 54 -14.09 20.47 15.73
CA THR A 54 -15.07 21.52 15.52
C THR A 54 -14.43 22.76 14.91
N PHE A 55 -15.26 23.74 14.56
CA PHE A 55 -14.76 24.98 13.96
C PHE A 55 -14.58 26.07 15.02
N SER A 56 -14.71 25.69 16.29
CA SER A 56 -14.55 26.64 17.38
C SER A 56 -15.49 27.84 17.21
N ASN A 57 -15.49 28.73 18.20
CA ASN A 57 -16.34 29.92 18.16
C ASN A 57 -15.49 31.19 18.24
N ASP A 58 -16.15 32.33 18.35
CA ASP A 58 -15.47 33.61 18.44
C ASP A 58 -14.94 33.84 19.85
N LYS A 59 -15.83 33.82 20.84
CA LYS A 59 -15.46 34.02 22.23
C LYS A 59 -15.10 32.70 22.90
N ALA A 2 8.78 -29.62 -2.42
CA ALA A 2 8.07 -29.67 -1.10
C ALA A 2 6.63 -29.17 -1.23
N SER A 3 5.70 -30.10 -1.36
CA SER A 3 4.29 -29.75 -1.48
C SER A 3 3.62 -29.68 -0.12
N THR A 4 4.21 -28.89 0.78
CA THR A 4 3.67 -28.72 2.12
C THR A 4 3.51 -27.25 2.47
N SER A 5 3.05 -26.46 1.50
CA SER A 5 2.83 -25.03 1.69
C SER A 5 1.38 -24.74 2.01
N ARG A 6 1.15 -24.09 3.15
CA ARG A 6 -0.20 -23.73 3.57
C ARG A 6 -0.70 -22.49 2.85
N LEU A 7 -0.01 -21.38 3.08
CA LEU A 7 -0.38 -20.11 2.45
C LEU A 7 0.63 -19.02 2.80
N ASP A 8 1.78 -19.05 2.13
CA ASP A 8 2.83 -18.06 2.36
C ASP A 8 2.51 -16.75 1.65
N ALA A 9 2.40 -15.67 2.40
CA ALA A 9 2.10 -14.37 1.84
C ALA A 9 0.75 -14.38 1.13
N LEU A 10 0.48 -13.33 0.36
CA LEU A 10 -0.77 -13.21 -0.38
C LEU A 10 -0.70 -12.10 -1.41
N PRO A 11 -0.56 -10.84 -0.96
CA PRO A 11 -0.48 -9.68 -1.86
C PRO A 11 0.69 -9.80 -2.84
N ARG A 12 0.98 -8.71 -3.53
CA ARG A 12 2.07 -8.68 -4.50
C ARG A 12 2.88 -7.41 -4.36
N VAL A 13 3.89 -7.25 -5.22
CA VAL A 13 4.74 -6.07 -5.20
C VAL A 13 4.91 -5.47 -6.59
N THR A 14 3.95 -5.73 -7.46
CA THR A 14 4.00 -5.22 -8.83
C THR A 14 2.64 -5.37 -9.52
N CYS A 15 2.52 -4.75 -10.69
CA CYS A 15 1.28 -4.81 -11.45
C CYS A 15 1.10 -6.19 -12.08
N PRO A 16 -0.12 -6.77 -12.01
CA PRO A 16 -0.39 -8.08 -12.58
C PRO A 16 -0.25 -8.11 -14.09
N ASN A 17 -0.31 -6.93 -14.71
CA ASN A 17 -0.19 -6.81 -16.16
C ASN A 17 1.06 -6.04 -16.55
N HIS A 18 1.70 -5.39 -15.57
CA HIS A 18 2.92 -4.64 -15.82
C HIS A 18 4.00 -5.01 -14.81
N PRO A 19 4.80 -6.04 -15.12
CA PRO A 19 5.87 -6.50 -14.22
C PRO A 19 6.89 -5.40 -13.96
N ASP A 20 7.15 -4.59 -14.99
CA ASP A 20 8.11 -3.50 -14.88
C ASP A 20 7.50 -2.31 -14.14
N ALA A 21 6.21 -2.10 -14.31
CA ALA A 21 5.51 -1.00 -13.66
C ALA A 21 5.26 -1.29 -12.18
N ILE A 22 6.25 -0.93 -11.37
CA ILE A 22 6.20 -1.16 -9.93
C ILE A 22 5.24 -0.19 -9.21
N LEU A 23 3.94 -0.38 -9.43
CA LEU A 23 2.89 0.45 -8.81
C LEU A 23 3.48 1.31 -7.70
N VAL A 24 3.59 2.59 -7.96
CA VAL A 24 4.17 3.49 -7.00
C VAL A 24 3.18 3.83 -5.90
N GLU A 25 3.71 4.39 -4.81
CA GLU A 25 2.92 4.75 -3.68
C GLU A 25 2.19 6.04 -3.96
N ASP A 26 0.90 5.98 -3.76
CA ASP A 26 0.02 7.10 -3.95
C ASP A 26 -0.54 7.17 -5.37
N TYR A 27 -1.11 8.33 -5.72
CA TYR A 27 -1.70 8.57 -7.03
C TYR A 27 -2.59 9.79 -6.96
N ARG A 28 -1.98 10.97 -6.90
CA ARG A 28 -2.76 12.20 -6.80
C ARG A 28 -3.60 12.13 -5.53
N ALA A 29 -2.98 11.63 -4.46
CA ALA A 29 -3.64 11.47 -3.17
C ALA A 29 -4.40 10.15 -3.14
N GLY A 30 -3.77 9.10 -3.68
CA GLY A 30 -4.41 7.80 -3.73
C GLY A 30 -3.55 6.69 -3.15
N ASP A 31 -3.79 5.46 -3.62
CA ASP A 31 -3.06 4.28 -3.16
C ASP A 31 -1.88 3.96 -4.07
N MET A 32 -1.80 2.75 -4.61
CA MET A 32 -0.67 2.36 -5.45
C MET A 32 -0.97 2.53 -6.93
N ILE A 33 -0.23 3.41 -7.56
CA ILE A 33 -0.42 3.75 -8.96
C ILE A 33 0.60 3.07 -9.87
N CYS A 34 0.09 2.32 -10.84
CA CYS A 34 0.96 1.66 -11.80
C CYS A 34 1.24 2.62 -12.94
N PRO A 35 2.38 3.33 -12.93
CA PRO A 35 2.74 4.30 -13.97
C PRO A 35 2.42 3.84 -15.40
N GLU A 36 2.19 2.55 -15.56
CA GLU A 36 1.91 2.00 -16.88
C GLU A 36 0.43 2.06 -17.20
N CYS A 37 -0.38 1.32 -16.45
CA CYS A 37 -1.83 1.36 -16.64
C CYS A 37 -2.39 2.45 -15.75
N GLY A 38 -1.58 2.78 -14.75
CA GLY A 38 -1.92 3.77 -13.79
C GLY A 38 -3.04 3.36 -12.87
N LEU A 39 -3.03 2.08 -12.55
CA LEU A 39 -4.03 1.49 -11.68
C LEU A 39 -3.71 1.79 -10.22
N VAL A 40 -4.75 1.87 -9.41
CA VAL A 40 -4.57 2.18 -8.01
C VAL A 40 -5.08 1.09 -7.10
N VAL A 41 -4.16 0.57 -6.28
CA VAL A 41 -4.49 -0.47 -5.32
C VAL A 41 -4.08 -0.05 -3.93
N GLY A 42 -4.98 -0.20 -2.96
CA GLY A 42 -4.66 0.17 -1.59
C GLY A 42 -5.76 0.99 -0.94
N ASP A 43 -5.69 1.12 0.37
CA ASP A 43 -6.69 1.89 1.10
C ASP A 43 -6.01 2.85 2.09
N ARG A 44 -5.44 2.29 3.14
CA ARG A 44 -4.75 3.09 4.16
C ARG A 44 -4.42 2.25 5.39
N VAL A 45 -5.44 1.90 6.15
CA VAL A 45 -5.26 1.10 7.36
C VAL A 45 -6.06 -0.20 7.28
N ILE A 46 -5.34 -1.32 7.28
CA ILE A 46 -5.97 -2.63 7.21
C ILE A 46 -6.63 -2.97 8.55
N ASP A 47 -6.85 -4.26 8.84
CA ASP A 47 -7.46 -4.69 10.08
C ASP A 47 -6.85 -3.96 11.28
N VAL A 48 -5.53 -4.05 11.40
CA VAL A 48 -4.80 -3.41 12.49
C VAL A 48 -5.51 -3.61 13.83
N GLY A 49 -6.15 -4.76 13.99
CA GLY A 49 -6.85 -5.05 15.23
C GLY A 49 -6.32 -6.30 15.91
N SER A 50 -6.58 -6.42 17.21
CA SER A 50 -6.13 -7.58 17.97
C SER A 50 -4.60 -7.65 17.99
N GLU A 51 -4.07 -8.84 18.29
CA GLU A 51 -2.63 -9.04 18.34
C GLU A 51 -2.02 -8.32 19.54
N TRP A 52 -1.85 -7.01 19.42
CA TRP A 52 -1.28 -6.21 20.49
C TRP A 52 -1.53 -4.72 20.26
N ARG A 53 -1.06 -4.21 19.13
CA ARG A 53 -1.23 -2.81 18.79
C ARG A 53 -0.47 -1.92 19.78
N THR A 54 0.69 -2.39 20.21
CA THR A 54 1.51 -1.64 21.15
C THR A 54 2.87 -1.27 20.52
N PHE A 55 3.53 -0.29 21.11
CA PHE A 55 4.82 0.17 20.61
C PHE A 55 5.89 0.11 21.71
N SER A 56 5.82 -0.93 22.54
CA SER A 56 6.78 -1.10 23.62
C SER A 56 6.71 0.08 24.59
N ASN A 57 7.44 -0.04 25.70
CA ASN A 57 7.47 1.01 26.70
C ASN A 57 8.68 1.92 26.51
N ASP A 58 8.69 3.05 27.21
CA ASP A 58 9.80 4.00 27.11
C ASP A 58 11.03 3.48 27.87
N LYS A 59 10.91 3.34 29.18
CA LYS A 59 12.00 2.86 30.00
C LYS A 59 12.13 1.34 29.91
N ALA A 2 -1.61 -11.14 17.13
CA ALA A 2 -2.25 -10.66 18.38
C ALA A 2 -3.49 -9.81 18.07
N SER A 3 -4.14 -9.32 19.11
CA SER A 3 -5.33 -8.50 18.95
C SER A 3 -4.99 -7.01 19.06
N THR A 4 -3.77 -6.66 18.65
CA THR A 4 -3.32 -5.27 18.71
C THR A 4 -2.91 -4.79 17.32
N SER A 5 -2.20 -5.63 16.59
CA SER A 5 -1.75 -5.28 15.25
C SER A 5 -2.72 -5.79 14.20
N ARG A 6 -2.37 -5.61 12.93
CA ARG A 6 -3.22 -6.05 11.83
C ARG A 6 -2.42 -6.90 10.84
N LEU A 7 -1.51 -6.27 10.12
CA LEU A 7 -0.69 -6.97 9.14
C LEU A 7 0.75 -6.43 9.15
N ASP A 8 1.58 -6.99 8.28
CA ASP A 8 2.98 -6.57 8.17
C ASP A 8 3.44 -6.57 6.72
N ALA A 9 2.51 -6.34 5.80
CA ALA A 9 2.83 -6.33 4.38
C ALA A 9 1.61 -5.93 3.55
N LEU A 10 1.81 -5.05 2.58
CA LEU A 10 0.73 -4.60 1.72
C LEU A 10 1.15 -4.62 0.24
N PRO A 11 2.18 -3.84 -0.15
CA PRO A 11 2.64 -3.80 -1.54
C PRO A 11 3.29 -5.10 -1.99
N ARG A 12 2.50 -6.18 -2.01
CA ARG A 12 2.99 -7.48 -2.43
C ARG A 12 2.94 -7.62 -3.94
N VAL A 13 4.11 -7.64 -4.58
CA VAL A 13 4.21 -7.76 -6.03
C VAL A 13 3.84 -6.43 -6.70
N THR A 14 4.20 -6.30 -7.98
CA THR A 14 3.91 -5.08 -8.72
C THR A 14 2.55 -5.18 -9.41
N CYS A 15 2.41 -4.59 -10.60
CA CYS A 15 1.16 -4.63 -11.34
C CYS A 15 0.91 -6.04 -11.90
N PRO A 16 -0.34 -6.54 -11.78
CA PRO A 16 -0.69 -7.86 -12.29
C PRO A 16 -0.46 -7.98 -13.79
N ASN A 17 -0.51 -6.84 -14.48
CA ASN A 17 -0.31 -6.82 -15.93
C ASN A 17 1.03 -6.18 -16.27
N HIS A 18 1.48 -5.26 -15.42
CA HIS A 18 2.76 -4.58 -15.65
C HIS A 18 3.77 -4.95 -14.57
N PRO A 19 4.44 -6.11 -14.72
CA PRO A 19 5.45 -6.55 -13.76
C PRO A 19 6.57 -5.51 -13.65
N ASP A 20 6.86 -4.85 -14.76
CA ASP A 20 7.90 -3.83 -14.81
C ASP A 20 7.46 -2.56 -14.08
N ALA A 21 6.21 -2.15 -14.30
CA ALA A 21 5.70 -0.94 -13.65
C ALA A 21 5.41 -1.20 -12.18
N ILE A 22 6.44 -1.01 -11.37
CA ILE A 22 6.34 -1.23 -9.94
C ILE A 22 5.46 -0.17 -9.26
N LEU A 23 4.14 -0.33 -9.45
CA LEU A 23 3.14 0.59 -8.88
C LEU A 23 3.76 1.46 -7.79
N VAL A 24 3.85 2.74 -8.07
CA VAL A 24 4.44 3.66 -7.12
C VAL A 24 3.44 4.05 -6.04
N GLU A 25 3.98 4.59 -4.96
CA GLU A 25 3.17 4.99 -3.85
C GLU A 25 2.52 6.31 -4.14
N ASP A 26 1.24 6.36 -3.85
CA ASP A 26 0.44 7.55 -4.04
C ASP A 26 -0.04 7.72 -5.49
N TYR A 27 -0.38 8.97 -5.86
CA TYR A 27 -0.85 9.33 -7.20
C TYR A 27 -2.14 10.13 -7.12
N ARG A 28 -3.27 9.44 -7.03
CA ARG A 28 -4.56 10.12 -6.96
C ARG A 28 -5.11 10.14 -5.54
N ALA A 29 -5.37 8.95 -4.98
CA ALA A 29 -5.92 8.85 -3.63
C ALA A 29 -4.89 8.36 -2.63
N GLY A 30 -3.62 8.66 -2.91
CA GLY A 30 -2.56 8.26 -2.01
C GLY A 30 -2.33 6.76 -2.00
N ASP A 31 -2.76 6.08 -3.07
CA ASP A 31 -2.59 4.64 -3.17
C ASP A 31 -1.45 4.28 -4.12
N MET A 32 -1.42 3.04 -4.59
CA MET A 32 -0.38 2.58 -5.50
C MET A 32 -0.74 2.78 -6.96
N ILE A 33 0.06 3.57 -7.64
CA ILE A 33 -0.15 3.91 -9.05
C ILE A 33 0.80 3.15 -9.96
N CYS A 34 0.24 2.47 -10.95
CA CYS A 34 1.08 1.75 -11.91
C CYS A 34 1.37 2.67 -13.08
N PRO A 35 2.55 3.30 -13.10
CA PRO A 35 2.94 4.23 -14.17
C PRO A 35 2.60 3.73 -15.57
N GLU A 36 2.28 2.45 -15.70
CA GLU A 36 1.95 1.87 -16.98
C GLU A 36 0.47 2.02 -17.29
N CYS A 37 -0.37 1.38 -16.50
CA CYS A 37 -1.81 1.51 -16.69
C CYS A 37 -2.28 2.65 -15.82
N GLY A 38 -1.45 2.94 -14.83
CA GLY A 38 -1.72 3.98 -13.89
C GLY A 38 -2.87 3.64 -12.98
N LEU A 39 -2.91 2.37 -12.60
CA LEU A 39 -3.95 1.85 -11.72
C LEU A 39 -3.66 2.20 -10.28
N VAL A 40 -4.71 2.48 -9.53
CA VAL A 40 -4.60 2.82 -8.13
C VAL A 40 -5.04 1.65 -7.27
N VAL A 41 -4.10 1.06 -6.53
CA VAL A 41 -4.43 -0.07 -5.68
C VAL A 41 -4.36 0.34 -4.21
N GLY A 42 -5.39 -0.06 -3.45
CA GLY A 42 -5.42 0.26 -2.04
C GLY A 42 -6.43 1.31 -1.72
N ASP A 43 -6.88 1.31 -0.48
CA ASP A 43 -7.85 2.26 -0.02
C ASP A 43 -8.23 1.94 1.41
N ARG A 44 -9.24 2.65 1.93
CA ARG A 44 -9.71 2.43 3.30
C ARG A 44 -8.57 2.53 4.30
N VAL A 45 -8.52 3.65 5.02
CA VAL A 45 -7.48 3.87 6.02
C VAL A 45 -7.95 3.44 7.40
N ILE A 46 -7.01 3.37 8.35
CA ILE A 46 -7.33 2.97 9.71
C ILE A 46 -6.97 4.06 10.71
N ASP A 47 -7.75 4.17 11.77
CA ASP A 47 -7.50 5.18 12.80
C ASP A 47 -7.21 4.52 14.15
N VAL A 48 -6.68 3.30 14.10
CA VAL A 48 -6.34 2.55 15.31
C VAL A 48 -7.52 2.51 16.30
N GLY A 49 -7.32 1.85 17.43
CA GLY A 49 -8.37 1.75 18.43
C GLY A 49 -7.87 2.10 19.82
N SER A 50 -7.41 3.33 19.99
CA SER A 50 -6.89 3.78 21.28
C SER A 50 -5.70 2.96 21.72
N GLU A 51 -4.60 3.06 20.96
CA GLU A 51 -3.39 2.32 21.27
C GLU A 51 -2.49 3.10 22.24
N TRP A 52 -2.99 4.23 22.73
CA TRP A 52 -2.23 5.06 23.67
C TRP A 52 -0.94 5.57 23.02
N ARG A 53 0.09 4.73 23.04
CA ARG A 53 1.38 5.10 22.45
C ARG A 53 1.91 6.38 23.06
N THR A 54 2.78 6.26 24.05
CA THR A 54 3.37 7.42 24.72
C THR A 54 4.84 7.19 25.02
N PHE A 55 5.66 8.22 24.80
CA PHE A 55 7.09 8.13 25.05
C PHE A 55 7.37 7.88 26.53
N SER A 56 7.30 6.61 26.93
CA SER A 56 7.54 6.24 28.32
C SER A 56 6.57 6.94 29.26
N ASN A 57 6.43 6.41 30.47
CA ASN A 57 5.53 7.00 31.46
C ASN A 57 6.31 7.72 32.55
N ASP A 58 5.89 8.94 32.87
CA ASP A 58 6.56 9.74 33.89
C ASP A 58 5.81 9.64 35.22
N LYS A 59 4.48 9.67 35.15
CA LYS A 59 3.64 9.59 36.34
C LYS A 59 3.33 8.14 36.69
N ALA A 2 0.42 -19.91 5.57
CA ALA A 2 -0.60 -19.92 6.66
C ALA A 2 -1.85 -20.68 6.25
N SER A 3 -2.27 -21.63 7.08
CA SER A 3 -3.46 -22.43 6.79
C SER A 3 -4.66 -21.88 7.55
N THR A 4 -4.69 -20.57 7.75
CA THR A 4 -5.79 -19.93 8.47
C THR A 4 -5.86 -18.44 8.14
N SER A 5 -5.55 -18.10 6.89
CA SER A 5 -5.56 -16.71 6.45
C SER A 5 -5.59 -16.62 4.93
N ARG A 6 -5.54 -15.40 4.41
CA ARG A 6 -5.56 -15.17 2.98
C ARG A 6 -4.13 -15.08 2.43
N LEU A 7 -3.99 -14.52 1.23
CA LEU A 7 -2.69 -14.37 0.59
C LEU A 7 -1.66 -13.81 1.58
N ASP A 8 -0.60 -14.57 1.81
CA ASP A 8 0.45 -14.15 2.74
C ASP A 8 1.56 -13.40 1.99
N ALA A 9 1.80 -13.80 0.75
CA ALA A 9 2.83 -13.16 -0.07
C ALA A 9 2.26 -12.03 -0.91
N LEU A 10 1.01 -11.65 -0.63
CA LEU A 10 0.36 -10.58 -1.37
C LEU A 10 0.30 -10.90 -2.87
N PRO A 11 -0.57 -10.20 -3.61
CA PRO A 11 -0.73 -10.42 -5.06
C PRO A 11 0.44 -9.84 -5.85
N ARG A 12 1.50 -10.63 -6.00
CA ARG A 12 2.68 -10.19 -6.73
C ARG A 12 3.30 -8.97 -6.06
N VAL A 13 4.34 -8.43 -6.68
CA VAL A 13 5.01 -7.25 -6.14
C VAL A 13 4.66 -6.00 -6.93
N THR A 14 4.75 -6.08 -8.26
CA THR A 14 4.45 -4.95 -9.13
C THR A 14 3.00 -5.04 -9.64
N CYS A 15 2.75 -4.45 -10.81
CA CYS A 15 1.43 -4.48 -11.41
C CYS A 15 1.10 -5.89 -11.89
N PRO A 16 -0.17 -6.32 -11.75
CA PRO A 16 -0.60 -7.64 -12.18
C PRO A 16 -0.31 -7.88 -13.66
N ASN A 17 -0.28 -6.81 -14.43
CA ASN A 17 -0.02 -6.91 -15.86
C ASN A 17 1.24 -6.12 -16.26
N HIS A 18 1.81 -5.39 -15.32
CA HIS A 18 3.02 -4.62 -15.60
C HIS A 18 4.11 -4.89 -14.56
N PRO A 19 4.95 -5.91 -14.80
CA PRO A 19 6.04 -6.26 -13.88
C PRO A 19 7.04 -5.12 -13.72
N ASP A 20 7.23 -4.35 -14.79
CA ASP A 20 8.16 -3.23 -14.78
C ASP A 20 7.49 -1.96 -14.26
N ALA A 21 6.16 -1.92 -14.29
CA ALA A 21 5.43 -0.75 -13.83
C ALA A 21 5.20 -0.83 -12.32
N ILE A 22 6.23 -0.39 -11.61
CA ILE A 22 6.24 -0.41 -10.14
C ILE A 22 5.18 0.48 -9.49
N LEU A 23 3.96 -0.06 -9.38
CA LEU A 23 2.85 0.69 -8.75
C LEU A 23 3.39 1.57 -7.63
N VAL A 24 3.35 2.86 -7.81
CA VAL A 24 3.86 3.78 -6.82
C VAL A 24 2.94 3.85 -5.62
N GLU A 25 3.47 4.36 -4.55
CA GLU A 25 2.72 4.47 -3.33
C GLU A 25 1.97 5.77 -3.27
N ASP A 26 0.75 5.75 -3.79
CA ASP A 26 -0.14 6.92 -3.81
C ASP A 26 -0.38 7.47 -5.22
N TYR A 27 -1.53 7.09 -5.79
CA TYR A 27 -1.93 7.58 -7.11
C TYR A 27 -2.33 9.04 -7.02
N ARG A 28 -1.47 9.93 -7.52
CA ARG A 28 -1.75 11.35 -7.46
C ARG A 28 -2.20 11.73 -6.06
N ALA A 29 -1.62 11.05 -5.06
CA ALA A 29 -1.94 11.26 -3.66
C ALA A 29 -3.07 10.31 -3.23
N GLY A 30 -3.00 9.08 -3.71
CA GLY A 30 -4.01 8.09 -3.38
C GLY A 30 -3.43 6.75 -2.98
N ASP A 31 -3.78 5.71 -3.73
CA ASP A 31 -3.31 4.35 -3.45
C ASP A 31 -2.15 3.97 -4.37
N MET A 32 -1.98 2.68 -4.62
CA MET A 32 -0.89 2.20 -5.46
C MET A 32 -1.17 2.46 -6.94
N ILE A 33 -0.42 3.35 -7.53
CA ILE A 33 -0.59 3.73 -8.91
C ILE A 33 0.44 3.10 -9.84
N CYS A 34 -0.05 2.31 -10.78
CA CYS A 34 0.82 1.68 -11.74
C CYS A 34 1.04 2.64 -12.89
N PRO A 35 2.15 3.39 -12.90
CA PRO A 35 2.46 4.37 -13.96
C PRO A 35 2.22 3.84 -15.37
N GLU A 36 1.99 2.55 -15.50
CA GLU A 36 1.74 1.95 -16.81
C GLU A 36 0.26 1.97 -17.14
N CYS A 37 -0.54 1.26 -16.37
CA CYS A 37 -1.97 1.27 -16.57
C CYS A 37 -2.56 2.36 -15.70
N GLY A 38 -1.77 2.72 -14.70
CA GLY A 38 -2.15 3.73 -13.75
C GLY A 38 -3.30 3.27 -12.90
N LEU A 39 -3.23 2.00 -12.52
CA LEU A 39 -4.23 1.35 -11.70
C LEU A 39 -4.01 1.74 -10.24
N VAL A 40 -5.09 1.79 -9.46
CA VAL A 40 -5.00 2.17 -8.06
C VAL A 40 -5.38 1.03 -7.11
N VAL A 41 -4.39 0.49 -6.38
CA VAL A 41 -4.63 -0.59 -5.42
C VAL A 41 -4.56 -0.09 -3.99
N GLY A 42 -5.48 -0.55 -3.16
CA GLY A 42 -5.48 -0.15 -1.77
C GLY A 42 -6.50 0.89 -1.45
N ASP A 43 -7.65 0.45 -1.02
CA ASP A 43 -8.70 1.36 -0.65
C ASP A 43 -9.13 1.08 0.78
N ARG A 44 -8.77 1.97 1.68
CA ARG A 44 -9.13 1.81 3.09
C ARG A 44 -9.04 3.14 3.83
N VAL A 45 -9.90 3.31 4.83
CA VAL A 45 -9.94 4.54 5.62
C VAL A 45 -11.00 4.46 6.71
N ILE A 46 -11.10 3.30 7.36
CA ILE A 46 -12.08 3.10 8.42
C ILE A 46 -11.52 3.50 9.77
N ASP A 47 -10.65 2.67 10.34
CA ASP A 47 -10.04 2.94 11.63
C ASP A 47 -9.21 1.76 12.12
N VAL A 48 -8.05 2.03 12.68
CA VAL A 48 -7.17 0.99 13.18
C VAL A 48 -6.28 1.51 14.30
N GLY A 49 -6.04 0.68 15.31
CA GLY A 49 -5.21 1.06 16.43
C GLY A 49 -6.02 1.33 17.68
N SER A 50 -6.71 0.30 18.17
CA SER A 50 -7.53 0.44 19.37
C SER A 50 -6.69 0.19 20.62
N GLU A 51 -6.17 1.27 21.20
CA GLU A 51 -5.36 1.17 22.41
C GLU A 51 -5.86 2.13 23.48
N TRP A 52 -5.55 3.41 23.32
CA TRP A 52 -5.98 4.43 24.28
C TRP A 52 -5.31 5.77 23.98
N ARG A 53 -4.04 5.90 24.36
CA ARG A 53 -3.29 7.12 24.12
C ARG A 53 -3.96 8.31 24.82
N THR A 54 -3.33 8.79 25.88
CA THR A 54 -3.87 9.93 26.63
C THR A 54 -3.17 11.22 26.23
N PHE A 55 -3.49 12.31 26.92
CA PHE A 55 -2.89 13.61 26.63
C PHE A 55 -2.42 14.28 27.92
N SER A 56 -3.25 14.24 28.95
CA SER A 56 -2.92 14.84 30.24
C SER A 56 -2.79 16.35 30.10
N ASN A 57 -2.76 17.04 31.24
CA ASN A 57 -2.64 18.49 31.26
C ASN A 57 -1.28 18.93 31.78
N ASP A 58 -1.07 18.77 33.09
CA ASP A 58 0.18 19.14 33.71
C ASP A 58 0.18 18.78 35.20
N LYS A 59 -0.63 19.50 35.98
CA LYS A 59 -0.72 19.26 37.40
C LYS A 59 -1.95 18.41 37.74
N ALA A 2 1.50 -21.77 9.66
CA ALA A 2 1.04 -20.81 10.69
C ALA A 2 0.04 -19.83 10.11
N SER A 3 -1.25 -20.16 10.22
CA SER A 3 -2.31 -19.31 9.70
C SER A 3 -2.93 -18.47 10.82
N THR A 4 -2.10 -18.12 11.81
CA THR A 4 -2.57 -17.31 12.93
C THR A 4 -2.30 -15.82 12.68
N SER A 5 -1.21 -15.53 11.99
CA SER A 5 -0.84 -14.15 11.69
C SER A 5 -1.86 -13.52 10.75
N ARG A 6 -2.10 -12.22 10.94
CA ARG A 6 -3.05 -11.49 10.11
C ARG A 6 -2.53 -11.33 8.69
N LEU A 7 -1.29 -10.90 8.57
CA LEU A 7 -0.66 -10.72 7.25
C LEU A 7 0.80 -11.17 7.27
N ASP A 8 1.38 -11.32 6.09
CA ASP A 8 2.77 -11.75 5.97
C ASP A 8 3.64 -10.63 5.40
N ALA A 9 3.34 -10.19 4.18
CA ALA A 9 4.10 -9.14 3.53
C ALA A 9 3.45 -8.71 2.23
N LEU A 10 2.13 -8.65 2.21
CA LEU A 10 1.39 -8.24 1.02
C LEU A 10 1.63 -9.22 -0.13
N PRO A 11 0.82 -9.13 -1.20
CA PRO A 11 0.96 -9.99 -2.38
C PRO A 11 2.35 -9.89 -3.01
N ARG A 12 2.45 -10.24 -4.29
CA ARG A 12 3.73 -10.20 -5.01
C ARG A 12 4.46 -8.89 -4.74
N VAL A 13 4.39 -7.94 -5.69
CA VAL A 13 5.05 -6.64 -5.52
C VAL A 13 5.01 -5.80 -6.81
N THR A 14 4.08 -6.10 -7.70
CA THR A 14 3.97 -5.35 -8.95
C THR A 14 2.63 -5.60 -9.64
N CYS A 15 2.35 -4.80 -10.66
CA CYS A 15 1.11 -4.91 -11.43
C CYS A 15 1.04 -6.26 -12.17
N PRO A 16 -0.14 -6.90 -12.15
CA PRO A 16 -0.34 -8.18 -12.84
C PRO A 16 -0.17 -8.07 -14.34
N ASN A 17 -0.49 -6.90 -14.87
CA ASN A 17 -0.36 -6.64 -16.30
C ASN A 17 0.95 -5.94 -16.61
N HIS A 18 1.60 -5.41 -15.58
CA HIS A 18 2.86 -4.71 -15.74
C HIS A 18 3.91 -5.22 -14.75
N PRO A 19 4.63 -6.29 -15.11
CA PRO A 19 5.66 -6.86 -14.24
C PRO A 19 6.80 -5.88 -14.00
N ASP A 20 7.30 -5.28 -15.08
CA ASP A 20 8.41 -4.33 -14.99
C ASP A 20 7.96 -2.97 -14.45
N ALA A 21 6.64 -2.75 -14.34
CA ALA A 21 6.14 -1.49 -13.82
C ALA A 21 5.66 -1.63 -12.38
N ILE A 22 6.46 -1.09 -11.47
CA ILE A 22 6.15 -1.13 -10.05
C ILE A 22 5.18 -0.01 -9.67
N LEU A 23 4.07 -0.37 -9.05
CA LEU A 23 3.09 0.63 -8.64
C LEU A 23 3.71 1.56 -7.61
N VAL A 24 3.57 2.84 -7.82
CA VAL A 24 4.15 3.78 -6.89
C VAL A 24 3.18 4.09 -5.76
N GLU A 25 3.74 4.55 -4.66
CA GLU A 25 2.96 4.86 -3.50
C GLU A 25 2.24 6.17 -3.71
N ASP A 26 0.93 6.06 -3.82
CA ASP A 26 0.03 7.18 -4.01
C ASP A 26 -0.55 7.21 -5.42
N TYR A 27 -1.39 8.20 -5.67
CA TYR A 27 -2.05 8.40 -6.95
C TYR A 27 -2.95 9.62 -6.87
N ARG A 28 -2.37 10.79 -7.07
CA ARG A 28 -3.16 12.00 -6.99
C ARG A 28 -3.90 12.04 -5.66
N ALA A 29 -3.24 11.51 -4.62
CA ALA A 29 -3.83 11.42 -3.28
C ALA A 29 -4.64 10.13 -3.16
N GLY A 30 -4.05 9.02 -3.61
CA GLY A 30 -4.74 7.74 -3.56
C GLY A 30 -3.89 6.61 -3.01
N ASP A 31 -4.03 5.44 -3.61
CA ASP A 31 -3.29 4.24 -3.19
C ASP A 31 -1.98 4.11 -3.99
N MET A 32 -1.75 2.95 -4.61
CA MET A 32 -0.55 2.71 -5.37
C MET A 32 -0.84 2.83 -6.87
N ILE A 33 -0.16 3.73 -7.53
CA ILE A 33 -0.39 4.01 -8.94
C ILE A 33 0.65 3.33 -9.85
N CYS A 34 0.18 2.53 -10.82
CA CYS A 34 1.08 1.89 -11.77
C CYS A 34 1.32 2.85 -12.93
N PRO A 35 2.48 3.52 -12.97
CA PRO A 35 2.80 4.50 -14.01
C PRO A 35 2.39 4.07 -15.42
N GLU A 36 2.20 2.78 -15.60
CA GLU A 36 1.85 2.24 -16.89
C GLU A 36 0.35 2.28 -17.14
N CYS A 37 -0.39 1.52 -16.37
CA CYS A 37 -1.85 1.51 -16.50
C CYS A 37 -2.39 2.58 -15.58
N GLY A 38 -1.55 2.95 -14.64
CA GLY A 38 -1.87 3.95 -13.67
C GLY A 38 -2.95 3.49 -12.73
N LEU A 39 -2.96 2.18 -12.49
CA LEU A 39 -3.93 1.54 -11.63
C LEU A 39 -3.66 1.87 -10.17
N VAL A 40 -4.72 1.91 -9.37
CA VAL A 40 -4.60 2.24 -7.97
C VAL A 40 -4.93 1.05 -7.08
N VAL A 41 -4.02 0.73 -6.17
CA VAL A 41 -4.24 -0.37 -5.25
C VAL A 41 -3.83 0.04 -3.83
N GLY A 42 -4.73 -0.17 -2.88
CA GLY A 42 -4.42 0.17 -1.51
C GLY A 42 -5.54 0.93 -0.85
N ASP A 43 -5.24 1.58 0.27
CA ASP A 43 -6.22 2.35 1.02
C ASP A 43 -6.87 1.48 2.10
N ARG A 44 -6.05 0.91 2.98
CA ARG A 44 -6.54 0.06 4.05
C ARG A 44 -6.62 0.82 5.37
N VAL A 45 -7.70 0.60 6.12
CA VAL A 45 -7.91 1.26 7.40
C VAL A 45 -9.22 0.83 8.04
N ILE A 46 -10.32 1.40 7.54
CA ILE A 46 -11.67 1.09 8.04
C ILE A 46 -11.69 0.92 9.56
N ASP A 47 -11.42 -0.29 10.04
CA ASP A 47 -11.43 -0.56 11.47
C ASP A 47 -10.19 -1.36 11.87
N VAL A 48 -9.27 -0.71 12.58
CA VAL A 48 -8.04 -1.36 13.02
C VAL A 48 -8.09 -1.65 14.52
N GLY A 49 -7.49 -2.77 14.91
CA GLY A 49 -7.46 -3.15 16.32
C GLY A 49 -6.90 -2.06 17.20
N SER A 50 -7.08 -2.21 18.52
CA SER A 50 -6.58 -1.24 19.48
C SER A 50 -5.30 -1.74 20.14
N GLU A 51 -4.42 -2.34 19.33
CA GLU A 51 -3.15 -2.86 19.85
C GLU A 51 -2.09 -1.77 19.94
N TRP A 52 -2.38 -0.60 19.34
CA TRP A 52 -1.46 0.53 19.35
C TRP A 52 -0.24 0.29 18.46
N ARG A 53 -0.18 -0.88 17.82
CA ARG A 53 0.94 -1.23 16.94
C ARG A 53 2.28 -0.88 17.57
N THR A 54 2.95 -1.88 18.13
CA THR A 54 4.25 -1.69 18.75
C THR A 54 5.38 -1.93 17.75
N PHE A 55 6.55 -1.37 18.02
CA PHE A 55 7.70 -1.55 17.14
C PHE A 55 9.00 -1.65 17.95
N SER A 56 9.36 -2.88 18.32
CA SER A 56 10.57 -3.11 19.08
C SER A 56 10.53 -2.39 20.43
N ASN A 57 11.57 -2.58 21.23
CA ASN A 57 11.65 -1.95 22.55
C ASN A 57 13.06 -2.07 23.12
N ASP A 58 13.28 -1.45 24.28
CA ASP A 58 14.57 -1.48 24.93
C ASP A 58 14.54 -2.39 26.16
N LYS A 59 13.38 -2.43 26.82
CA LYS A 59 13.21 -3.26 28.01
C LYS A 59 13.15 -4.75 27.63
N ALA A 2 3.50 -19.31 7.93
CA ALA A 2 2.28 -18.52 7.64
C ALA A 2 1.08 -19.42 7.38
N SER A 3 0.57 -20.04 8.44
CA SER A 3 -0.57 -20.93 8.34
C SER A 3 -1.75 -20.42 9.15
N THR A 4 -1.45 -19.84 10.30
CA THR A 4 -2.49 -19.29 11.18
C THR A 4 -3.37 -18.28 10.45
N SER A 5 -2.75 -17.53 9.55
CA SER A 5 -3.47 -16.53 8.77
C SER A 5 -4.25 -17.18 7.63
N ARG A 6 -5.27 -16.47 7.15
CA ARG A 6 -6.10 -16.98 6.06
C ARG A 6 -5.46 -16.69 4.71
N LEU A 7 -5.44 -15.42 4.32
CA LEU A 7 -4.84 -15.01 3.06
C LEU A 7 -4.65 -13.48 3.01
N ASP A 8 -5.59 -12.76 2.41
CA ASP A 8 -5.49 -11.30 2.32
C ASP A 8 -4.10 -10.85 1.91
N ALA A 9 -3.59 -11.42 0.82
CA ALA A 9 -2.26 -11.08 0.32
C ALA A 9 -2.21 -11.13 -1.21
N LEU A 10 -1.49 -10.18 -1.79
CA LEU A 10 -1.34 -10.12 -3.24
C LEU A 10 -0.11 -10.90 -3.70
N PRO A 11 -0.03 -11.22 -5.00
CA PRO A 11 1.10 -11.96 -5.56
C PRO A 11 2.44 -11.38 -5.12
N ARG A 12 2.72 -10.15 -5.55
CA ARG A 12 3.97 -9.49 -5.19
C ARG A 12 3.81 -7.97 -5.26
N VAL A 13 4.93 -7.25 -5.20
CA VAL A 13 4.91 -5.79 -5.23
C VAL A 13 5.04 -5.26 -6.66
N THR A 14 4.18 -5.73 -7.55
CA THR A 14 4.20 -5.30 -8.94
C THR A 14 2.84 -5.45 -9.60
N CYS A 15 2.65 -4.77 -10.73
CA CYS A 15 1.39 -4.83 -11.46
C CYS A 15 1.24 -6.17 -12.18
N PRO A 16 0.05 -6.79 -12.13
CA PRO A 16 -0.21 -8.07 -12.78
C PRO A 16 -0.12 -7.98 -14.30
N ASN A 17 -0.26 -6.77 -14.84
CA ASN A 17 -0.19 -6.55 -16.27
C ASN A 17 1.05 -5.74 -16.65
N HIS A 18 1.71 -5.15 -15.65
CA HIS A 18 2.91 -4.37 -15.88
C HIS A 18 4.02 -4.78 -14.91
N PRO A 19 4.82 -5.80 -15.28
CA PRO A 19 5.92 -6.27 -14.44
C PRO A 19 6.93 -5.17 -14.15
N ASP A 20 7.12 -4.28 -15.12
CA ASP A 20 8.05 -3.18 -14.98
C ASP A 20 7.43 -2.02 -14.20
N ALA A 21 6.11 -1.89 -14.28
CA ALA A 21 5.41 -0.82 -13.57
C ALA A 21 5.17 -1.18 -12.11
N ILE A 22 6.17 -0.86 -11.29
CA ILE A 22 6.13 -1.15 -9.86
C ILE A 22 5.19 -0.22 -9.09
N LEU A 23 3.87 -0.40 -9.32
CA LEU A 23 2.84 0.41 -8.64
C LEU A 23 3.45 1.25 -7.53
N VAL A 24 3.49 2.55 -7.72
CA VAL A 24 4.10 3.42 -6.73
C VAL A 24 3.17 3.75 -5.58
N GLU A 25 3.77 4.15 -4.47
CA GLU A 25 3.06 4.48 -3.27
C GLU A 25 2.54 5.89 -3.33
N ASP A 26 1.25 6.01 -3.14
CA ASP A 26 0.57 7.28 -3.16
C ASP A 26 0.90 8.10 -4.40
N TYR A 27 -0.10 8.27 -5.26
CA TYR A 27 0.08 9.04 -6.49
C TYR A 27 -1.16 8.93 -7.39
N ARG A 28 -1.53 10.06 -7.99
CA ARG A 28 -2.68 10.10 -8.88
C ARG A 28 -3.93 9.51 -8.21
N ALA A 29 -3.97 9.56 -6.89
CA ALA A 29 -5.09 9.04 -6.13
C ALA A 29 -4.80 9.10 -4.63
N GLY A 30 -3.95 8.20 -4.16
CA GLY A 30 -3.57 8.19 -2.76
C GLY A 30 -2.96 6.88 -2.32
N ASP A 31 -3.45 5.77 -2.88
CA ASP A 31 -2.92 4.46 -2.55
C ASP A 31 -1.78 4.11 -3.50
N MET A 32 -1.82 2.97 -4.15
CA MET A 32 -0.76 2.56 -5.06
C MET A 32 -1.20 2.67 -6.51
N ILE A 33 -0.43 3.41 -7.31
CA ILE A 33 -0.76 3.59 -8.73
C ILE A 33 0.31 2.99 -9.62
N CYS A 34 -0.16 2.31 -10.65
CA CYS A 34 0.72 1.72 -11.62
C CYS A 34 1.03 2.73 -12.71
N PRO A 35 2.17 3.43 -12.61
CA PRO A 35 2.58 4.45 -13.60
C PRO A 35 2.27 4.07 -15.04
N GLU A 36 2.07 2.79 -15.29
CA GLU A 36 1.79 2.32 -16.63
C GLU A 36 0.30 2.41 -16.93
N CYS A 37 -0.50 1.62 -16.23
CA CYS A 37 -1.95 1.67 -16.40
C CYS A 37 -2.49 2.70 -15.43
N GLY A 38 -1.65 3.01 -14.45
CA GLY A 38 -1.99 3.95 -13.42
C GLY A 38 -3.12 3.45 -12.56
N LEU A 39 -3.17 2.14 -12.42
CA LEU A 39 -4.18 1.50 -11.61
C LEU A 39 -3.96 1.90 -10.17
N VAL A 40 -5.05 2.22 -9.48
CA VAL A 40 -4.96 2.66 -8.11
C VAL A 40 -5.45 1.57 -7.16
N VAL A 41 -4.55 1.06 -6.34
CA VAL A 41 -4.92 0.04 -5.37
C VAL A 41 -4.45 0.43 -3.98
N GLY A 42 -5.32 0.25 -3.00
CA GLY A 42 -4.98 0.58 -1.63
C GLY A 42 -5.96 1.56 -1.04
N ASP A 43 -5.55 2.21 0.05
CA ASP A 43 -6.40 3.18 0.71
C ASP A 43 -7.15 4.05 -0.28
N ARG A 44 -8.46 3.78 -0.43
CA ARG A 44 -9.30 4.54 -1.35
C ARG A 44 -9.22 6.03 -1.06
N VAL A 45 -9.00 6.38 0.21
CA VAL A 45 -8.90 7.78 0.62
C VAL A 45 -7.69 7.99 1.54
N ILE A 46 -7.89 8.64 2.69
CA ILE A 46 -6.80 8.88 3.62
C ILE A 46 -7.30 9.58 4.89
N ASP A 47 -6.80 9.15 6.04
CA ASP A 47 -7.19 9.74 7.31
C ASP A 47 -6.30 9.22 8.44
N VAL A 48 -5.25 9.97 8.74
CA VAL A 48 -4.31 9.60 9.80
C VAL A 48 -4.26 10.66 10.88
N GLY A 49 -3.89 11.88 10.49
CA GLY A 49 -3.80 12.97 11.45
C GLY A 49 -4.92 13.98 11.28
N SER A 50 -6.16 13.49 11.29
CA SER A 50 -7.33 14.36 11.13
C SER A 50 -7.65 15.08 12.44
N GLU A 51 -7.30 14.45 13.56
CA GLU A 51 -7.55 15.04 14.87
C GLU A 51 -6.90 16.41 15.00
N TRP A 52 -7.70 17.46 14.89
CA TRP A 52 -7.21 18.82 14.99
C TRP A 52 -6.21 19.13 13.87
N ARG A 53 -4.95 18.73 14.07
CA ARG A 53 -3.90 18.96 13.09
C ARG A 53 -3.99 20.36 12.48
N THR A 54 -3.72 21.37 13.31
CA THR A 54 -3.78 22.76 12.85
C THR A 54 -2.50 23.50 13.22
N PHE A 55 -2.53 24.82 13.09
CA PHE A 55 -1.37 25.65 13.41
C PHE A 55 -1.52 26.29 14.79
N SER A 56 -1.58 25.44 15.81
CA SER A 56 -1.73 25.91 17.19
C SER A 56 -3.03 26.69 17.37
N ASN A 57 -3.39 26.95 18.62
CA ASN A 57 -4.61 27.69 18.93
C ASN A 57 -4.47 29.16 18.55
N ASP A 58 -5.50 29.71 17.94
CA ASP A 58 -5.50 31.10 17.52
C ASP A 58 -6.48 31.93 18.38
N LYS A 59 -7.75 31.56 18.31
CA LYS A 59 -8.78 32.27 19.07
C LYS A 59 -9.14 31.49 20.33
N ALA A 2 3.28 -9.92 21.39
CA ALA A 2 2.73 -9.00 20.35
C ALA A 2 3.22 -9.40 18.96
N SER A 3 2.31 -9.93 18.14
CA SER A 3 2.65 -10.36 16.80
C SER A 3 1.81 -9.59 15.77
N THR A 4 2.50 -8.88 14.86
CA THR A 4 1.83 -8.12 13.82
C THR A 4 2.23 -8.60 12.44
N SER A 5 1.43 -9.49 11.86
CA SER A 5 1.71 -10.03 10.55
C SER A 5 0.47 -10.71 9.96
N ARG A 6 -0.01 -11.73 10.65
CA ARG A 6 -1.19 -12.47 10.21
C ARG A 6 -0.93 -13.17 8.87
N LEU A 7 -0.99 -12.40 7.79
CA LEU A 7 -0.76 -12.95 6.45
C LEU A 7 -0.29 -11.85 5.50
N ASP A 8 -1.22 -11.02 5.04
CA ASP A 8 -0.89 -9.93 4.12
C ASP A 8 -0.21 -10.46 2.87
N ALA A 9 -1.00 -10.84 1.87
CA ALA A 9 -0.46 -11.37 0.62
C ALA A 9 -1.58 -11.62 -0.38
N LEU A 10 -1.37 -11.15 -1.62
CA LEU A 10 -2.36 -11.34 -2.68
C LEU A 10 -1.69 -11.33 -4.05
N PRO A 11 -1.14 -10.17 -4.48
CA PRO A 11 -0.48 -10.06 -5.78
C PRO A 11 0.92 -10.69 -5.77
N ARG A 12 1.68 -10.43 -6.83
CA ARG A 12 3.03 -10.96 -6.95
C ARG A 12 4.05 -10.01 -6.34
N VAL A 13 4.06 -8.77 -6.84
CA VAL A 13 4.98 -7.75 -6.35
C VAL A 13 4.61 -6.37 -6.91
N THR A 14 4.45 -6.29 -8.22
CA THR A 14 4.10 -5.04 -8.88
C THR A 14 2.72 -5.15 -9.54
N CYS A 15 2.58 -4.58 -10.74
CA CYS A 15 1.32 -4.64 -11.47
C CYS A 15 1.07 -6.05 -12.02
N PRO A 16 -0.16 -6.56 -11.93
CA PRO A 16 -0.50 -7.89 -12.43
C PRO A 16 -0.26 -8.00 -13.93
N ASN A 17 -0.25 -6.86 -14.61
CA ASN A 17 -0.03 -6.84 -16.06
C ASN A 17 1.21 -6.03 -16.43
N HIS A 18 1.81 -5.37 -15.44
CA HIS A 18 3.01 -4.58 -15.69
C HIS A 18 4.10 -4.89 -14.66
N PRO A 19 4.91 -5.93 -14.91
CA PRO A 19 5.99 -6.32 -14.00
C PRO A 19 7.02 -5.20 -13.81
N ASP A 20 7.24 -4.42 -14.87
CA ASP A 20 8.19 -3.32 -14.82
C ASP A 20 7.55 -2.07 -14.22
N ALA A 21 6.23 -1.97 -14.31
CA ALA A 21 5.51 -0.83 -13.77
C ALA A 21 5.27 -1.00 -12.28
N ILE A 22 6.28 -0.67 -11.51
CA ILE A 22 6.26 -0.80 -10.06
C ILE A 22 5.27 0.14 -9.37
N LEU A 23 3.98 -0.24 -9.42
CA LEU A 23 2.90 0.56 -8.80
C LEU A 23 3.47 1.46 -7.70
N VAL A 24 3.53 2.74 -7.98
CA VAL A 24 4.07 3.69 -7.03
C VAL A 24 3.08 3.96 -5.90
N GLU A 25 3.55 4.61 -4.86
CA GLU A 25 2.74 4.91 -3.72
C GLU A 25 1.93 6.15 -3.95
N ASP A 26 0.71 6.09 -3.47
CA ASP A 26 -0.22 7.18 -3.56
C ASP A 26 -0.47 7.69 -4.97
N TYR A 27 -1.52 7.16 -5.61
CA TYR A 27 -1.91 7.59 -6.95
C TYR A 27 -2.43 9.02 -6.89
N ARG A 28 -1.67 9.95 -7.46
CA ARG A 28 -2.07 11.36 -7.46
C ARG A 28 -2.59 11.74 -6.07
N ALA A 29 -2.01 11.13 -5.04
CA ALA A 29 -2.40 11.35 -3.65
C ALA A 29 -3.46 10.34 -3.23
N GLY A 30 -3.26 9.08 -3.64
CA GLY A 30 -4.20 8.03 -3.29
C GLY A 30 -3.51 6.74 -2.86
N ASP A 31 -3.82 5.65 -3.55
CA ASP A 31 -3.24 4.34 -3.24
C ASP A 31 -2.05 4.05 -4.14
N MET A 32 -1.86 2.78 -4.51
CA MET A 32 -0.74 2.38 -5.35
C MET A 32 -1.06 2.54 -6.84
N ILE A 33 -0.30 3.40 -7.48
CA ILE A 33 -0.52 3.73 -8.88
C ILE A 33 0.49 3.06 -9.80
N CYS A 34 -0.01 2.30 -10.76
CA CYS A 34 0.86 1.66 -11.73
C CYS A 34 1.10 2.63 -12.87
N PRO A 35 2.23 3.37 -12.86
CA PRO A 35 2.55 4.36 -13.90
C PRO A 35 2.28 3.87 -15.32
N GLU A 36 2.06 2.58 -15.49
CA GLU A 36 1.81 2.02 -16.80
C GLU A 36 0.32 2.05 -17.13
N CYS A 37 -0.47 1.31 -16.37
CA CYS A 37 -1.91 1.31 -16.57
C CYS A 37 -2.50 2.38 -15.67
N GLY A 38 -1.71 2.75 -14.68
CA GLY A 38 -2.08 3.75 -13.72
C GLY A 38 -3.21 3.29 -12.84
N LEU A 39 -3.17 2.01 -12.51
CA LEU A 39 -4.16 1.39 -11.66
C LEU A 39 -3.91 1.76 -10.20
N VAL A 40 -4.98 1.84 -9.42
CA VAL A 40 -4.87 2.21 -8.02
C VAL A 40 -5.26 1.06 -7.09
N VAL A 41 -4.27 0.56 -6.34
CA VAL A 41 -4.52 -0.52 -5.39
C VAL A 41 -4.40 -0.02 -3.96
N GLY A 42 -5.37 -0.37 -3.12
CA GLY A 42 -5.33 0.05 -1.74
C GLY A 42 -6.53 0.88 -1.35
N ASP A 43 -6.77 0.93 -0.05
CA ASP A 43 -7.88 1.68 0.51
C ASP A 43 -7.99 1.39 2.00
N ARG A 44 -8.76 0.36 2.34
CA ARG A 44 -8.94 -0.04 3.74
C ARG A 44 -9.53 1.08 4.59
N VAL A 45 -8.69 2.08 4.89
CA VAL A 45 -9.08 3.23 5.71
C VAL A 45 -8.86 2.96 7.20
N ILE A 46 -8.57 1.69 7.53
CA ILE A 46 -8.33 1.30 8.91
C ILE A 46 -7.05 0.47 9.02
N ASP A 47 -6.04 1.03 9.67
CA ASP A 47 -4.76 0.34 9.84
C ASP A 47 -4.96 -1.06 10.42
N VAL A 48 -5.15 -1.14 11.72
CA VAL A 48 -5.35 -2.42 12.40
C VAL A 48 -6.77 -2.55 12.94
N GLY A 49 -7.54 -3.47 12.37
CA GLY A 49 -8.91 -3.68 12.82
C GLY A 49 -9.10 -5.00 13.51
N SER A 50 -8.34 -6.01 13.08
CA SER A 50 -8.43 -7.34 13.68
C SER A 50 -7.97 -7.32 15.13
N GLU A 51 -8.62 -8.14 15.96
CA GLU A 51 -8.27 -8.21 17.38
C GLU A 51 -8.44 -6.85 18.04
N TRP A 52 -7.95 -6.72 19.27
CA TRP A 52 -8.04 -5.46 20.00
C TRP A 52 -6.98 -4.48 19.52
N ARG A 53 -5.81 -4.48 20.16
CA ARG A 53 -4.73 -3.58 19.78
C ARG A 53 -5.15 -2.12 19.94
N THR A 54 -4.23 -1.31 20.47
CA THR A 54 -4.51 0.11 20.67
C THR A 54 -3.29 0.95 20.27
N PHE A 55 -3.53 2.24 20.07
CA PHE A 55 -2.45 3.16 19.68
C PHE A 55 -1.96 3.95 20.88
N SER A 56 -1.00 3.39 21.62
CA SER A 56 -0.45 4.04 22.79
C SER A 56 -1.53 4.30 23.84
N ASN A 57 -1.69 3.35 24.75
CA ASN A 57 -2.69 3.46 25.80
C ASN A 57 -2.32 4.57 26.78
N ASP A 58 -3.27 4.93 27.64
CA ASP A 58 -3.04 5.98 28.63
C ASP A 58 -3.90 5.76 29.87
N LYS A 59 -5.19 5.49 29.65
CA LYS A 59 -6.12 5.25 30.75
C LYS A 59 -5.74 3.98 31.51
N ALA A 2 8.91 -6.55 18.10
CA ALA A 2 8.31 -5.27 18.57
C ALA A 2 6.80 -5.27 18.41
N SER A 3 6.09 -5.10 19.52
CA SER A 3 4.62 -5.08 19.50
C SER A 3 4.10 -3.66 19.51
N THR A 4 4.86 -2.74 18.91
CA THR A 4 4.46 -1.33 18.86
C THR A 4 3.89 -0.99 17.48
N SER A 5 4.44 -1.60 16.45
CA SER A 5 3.99 -1.36 15.08
C SER A 5 3.40 -2.63 14.47
N ARG A 6 2.07 -2.74 14.54
CA ARG A 6 1.39 -3.91 13.98
C ARG A 6 1.66 -4.05 12.49
N LEU A 7 1.72 -2.91 11.80
CA LEU A 7 1.98 -2.92 10.36
C LEU A 7 3.48 -2.80 10.09
N ASP A 8 3.95 -3.52 9.07
CA ASP A 8 5.35 -3.50 8.71
C ASP A 8 5.54 -3.49 7.20
N ALA A 9 4.97 -4.49 6.53
CA ALA A 9 5.07 -4.59 5.07
C ALA A 9 3.89 -5.35 4.48
N LEU A 10 3.87 -5.46 3.15
CA LEU A 10 2.81 -6.16 2.45
C LEU A 10 2.88 -5.90 0.94
N PRO A 11 3.09 -4.64 0.50
CA PRO A 11 3.16 -4.32 -0.94
C PRO A 11 4.27 -5.11 -1.65
N ARG A 12 4.72 -4.58 -2.79
CA ARG A 12 5.77 -5.22 -3.59
C ARG A 12 5.20 -6.31 -4.49
N VAL A 13 3.90 -6.21 -4.77
CA VAL A 13 3.23 -7.18 -5.64
C VAL A 13 3.33 -6.75 -7.10
N THR A 14 3.62 -5.47 -7.32
CA THR A 14 3.75 -4.93 -8.66
C THR A 14 2.44 -5.11 -9.43
N CYS A 15 2.41 -4.59 -10.66
CA CYS A 15 1.23 -4.69 -11.49
C CYS A 15 1.11 -6.09 -12.10
N PRO A 16 -0.11 -6.66 -12.12
CA PRO A 16 -0.34 -8.01 -12.67
C PRO A 16 -0.04 -8.07 -14.16
N ASN A 17 -0.08 -6.93 -14.84
CA ASN A 17 0.18 -6.88 -16.26
C ASN A 17 1.40 -6.01 -16.58
N HIS A 18 1.94 -5.34 -15.56
CA HIS A 18 3.11 -4.49 -15.75
C HIS A 18 4.18 -4.78 -14.70
N PRO A 19 5.00 -5.82 -14.94
CA PRO A 19 6.07 -6.19 -14.01
C PRO A 19 7.07 -5.06 -13.81
N ASP A 20 7.34 -4.32 -14.88
CA ASP A 20 8.27 -3.20 -14.82
C ASP A 20 7.65 -1.99 -14.11
N ALA A 21 6.34 -1.81 -14.29
CA ALA A 21 5.63 -0.69 -13.67
C ALA A 21 5.39 -0.97 -12.19
N ILE A 22 6.38 -0.66 -11.38
CA ILE A 22 6.32 -0.88 -9.94
C ILE A 22 5.32 0.06 -9.26
N LEU A 23 4.02 -0.22 -9.44
CA LEU A 23 2.94 0.59 -8.84
C LEU A 23 3.50 1.52 -7.77
N VAL A 24 3.42 2.81 -8.02
CA VAL A 24 3.95 3.77 -7.08
C VAL A 24 2.97 4.09 -5.96
N GLU A 25 3.51 4.56 -4.86
CA GLU A 25 2.75 4.87 -3.70
C GLU A 25 1.98 6.15 -3.89
N ASP A 26 0.74 6.09 -3.46
CA ASP A 26 -0.16 7.19 -3.53
C ASP A 26 -0.42 7.71 -4.95
N TYR A 27 -1.42 7.14 -5.60
CA TYR A 27 -1.81 7.55 -6.95
C TYR A 27 -2.11 9.04 -6.98
N ARG A 28 -1.08 9.86 -7.13
CA ARG A 28 -1.29 11.29 -7.16
C ARG A 28 -2.07 11.73 -5.93
N ALA A 29 -1.69 11.16 -4.78
CA ALA A 29 -2.34 11.43 -3.51
C ALA A 29 -3.44 10.41 -3.23
N GLY A 30 -3.20 9.18 -3.68
CA GLY A 30 -4.16 8.12 -3.50
C GLY A 30 -3.52 6.84 -2.99
N ASP A 31 -3.82 5.72 -3.65
CA ASP A 31 -3.26 4.42 -3.27
C ASP A 31 -2.04 4.10 -4.14
N MET A 32 -1.91 2.85 -4.57
CA MET A 32 -0.78 2.44 -5.40
C MET A 32 -1.15 2.49 -6.87
N ILE A 33 -0.51 3.38 -7.60
CA ILE A 33 -0.78 3.55 -9.01
C ILE A 33 0.30 2.95 -9.89
N CYS A 34 -0.13 2.20 -10.88
CA CYS A 34 0.79 1.63 -11.83
C CYS A 34 0.94 2.61 -12.96
N PRO A 35 1.98 3.46 -12.95
CA PRO A 35 2.21 4.47 -13.98
C PRO A 35 2.03 3.95 -15.40
N GLU A 36 1.90 2.64 -15.56
CA GLU A 36 1.72 2.05 -16.87
C GLU A 36 0.25 1.99 -17.21
N CYS A 37 -0.52 1.23 -16.46
CA CYS A 37 -1.96 1.17 -16.68
C CYS A 37 -2.61 2.21 -15.79
N GLY A 38 -1.87 2.57 -14.75
CA GLY A 38 -2.30 3.54 -13.78
C GLY A 38 -3.41 2.99 -12.91
N LEU A 39 -3.17 1.78 -12.45
CA LEU A 39 -4.12 1.07 -11.60
C LEU A 39 -3.89 1.47 -10.15
N VAL A 40 -4.97 1.65 -9.41
CA VAL A 40 -4.90 2.06 -8.03
C VAL A 40 -5.28 0.93 -7.09
N VAL A 41 -4.35 0.52 -6.24
CA VAL A 41 -4.61 -0.54 -5.28
C VAL A 41 -4.46 -0.03 -3.85
N GLY A 42 -5.44 -0.34 -2.99
CA GLY A 42 -5.37 0.09 -1.62
C GLY A 42 -6.54 0.95 -1.23
N ASP A 43 -6.79 1.04 0.07
CA ASP A 43 -7.88 1.84 0.58
C ASP A 43 -7.85 1.86 2.11
N ARG A 44 -7.41 2.99 2.66
CA ARG A 44 -7.33 3.15 4.11
C ARG A 44 -7.41 4.61 4.51
N VAL A 45 -8.35 4.92 5.40
CA VAL A 45 -8.53 6.29 5.87
C VAL A 45 -8.27 6.39 7.37
N ILE A 46 -8.71 5.39 8.12
CA ILE A 46 -8.51 5.37 9.56
C ILE A 46 -7.11 4.91 9.92
N ASP A 47 -6.31 5.84 10.46
CA ASP A 47 -4.94 5.53 10.85
C ASP A 47 -4.92 4.70 12.14
N VAL A 48 -3.74 4.60 12.75
CA VAL A 48 -3.58 3.83 13.99
C VAL A 48 -3.44 4.76 15.19
N GLY A 49 -4.43 4.73 16.06
CA GLY A 49 -4.40 5.57 17.25
C GLY A 49 -5.37 5.10 18.32
N SER A 50 -5.63 3.80 18.34
CA SER A 50 -6.55 3.21 19.32
C SER A 50 -5.81 2.81 20.58
N GLU A 51 -4.54 2.43 20.43
CA GLU A 51 -3.72 2.01 21.57
C GLU A 51 -2.49 2.90 21.69
N TRP A 52 -2.70 4.12 22.16
CA TRP A 52 -1.61 5.08 22.34
C TRP A 52 -0.97 5.42 21.00
N ARG A 53 -0.10 4.55 20.51
CA ARG A 53 0.58 4.77 19.25
C ARG A 53 1.41 6.05 19.28
N THR A 54 2.49 6.02 20.08
CA THR A 54 3.36 7.18 20.20
C THR A 54 4.82 6.79 19.98
N PHE A 55 5.67 7.78 19.81
CA PHE A 55 7.09 7.55 19.59
C PHE A 55 7.90 7.81 20.85
N SER A 56 7.65 7.00 21.89
CA SER A 56 8.36 7.15 23.16
C SER A 56 8.12 8.53 23.75
N ASN A 57 8.68 8.76 24.94
CA ASN A 57 8.53 10.04 25.62
C ASN A 57 9.86 10.77 25.72
N ASP A 58 9.81 12.09 25.79
CA ASP A 58 11.01 12.91 25.89
C ASP A 58 11.46 13.03 27.34
N LYS A 59 10.51 13.27 28.24
CA LYS A 59 10.81 13.40 29.66
C LYS A 59 10.16 12.28 30.45
N ALA A 2 -2.82 -16.59 8.08
CA ALA A 2 -3.56 -15.40 8.58
C ALA A 2 -5.03 -15.47 8.18
N SER A 3 -5.80 -16.28 8.91
CA SER A 3 -7.22 -16.43 8.63
C SER A 3 -8.06 -15.48 9.47
N THR A 4 -7.49 -15.01 10.58
CA THR A 4 -8.19 -14.09 11.48
C THR A 4 -8.70 -12.88 10.71
N SER A 5 -7.79 -12.11 10.14
CA SER A 5 -8.17 -10.91 9.38
C SER A 5 -8.98 -11.29 8.15
N ARG A 6 -9.25 -10.30 7.30
CA ARG A 6 -10.02 -10.53 6.08
C ARG A 6 -9.31 -11.50 5.15
N LEU A 7 -8.20 -11.05 4.59
CA LEU A 7 -7.41 -11.89 3.68
C LEU A 7 -6.10 -12.31 4.32
N ASP A 8 -5.28 -13.03 3.56
CA ASP A 8 -3.98 -13.49 4.05
C ASP A 8 -2.89 -12.46 3.77
N ALA A 9 -2.58 -12.27 2.49
CA ALA A 9 -1.56 -11.31 2.09
C ALA A 9 -2.18 -10.06 1.50
N LEU A 10 -1.56 -8.91 1.79
CA LEU A 10 -2.05 -7.63 1.29
C LEU A 10 -1.21 -7.12 0.11
N PRO A 11 0.06 -6.76 0.36
CA PRO A 11 0.94 -6.25 -0.69
C PRO A 11 1.30 -7.32 -1.72
N ARG A 12 1.26 -6.95 -2.99
CA ARG A 12 1.59 -7.87 -4.08
C ARG A 12 2.92 -7.50 -4.71
N VAL A 13 3.21 -8.09 -5.87
CA VAL A 13 4.45 -7.82 -6.58
C VAL A 13 4.20 -7.10 -7.90
N THR A 14 4.34 -5.78 -7.88
CA THR A 14 4.13 -4.97 -9.08
C THR A 14 2.74 -5.17 -9.66
N CYS A 15 2.48 -4.51 -10.78
CA CYS A 15 1.20 -4.60 -11.47
C CYS A 15 1.01 -5.97 -12.10
N PRO A 16 -0.20 -6.57 -11.98
CA PRO A 16 -0.49 -7.88 -12.56
C PRO A 16 -0.40 -7.86 -14.09
N ASN A 17 -0.48 -6.66 -14.66
CA ASN A 17 -0.40 -6.48 -16.11
C ASN A 17 0.86 -5.71 -16.51
N HIS A 18 1.52 -5.10 -15.52
CA HIS A 18 2.74 -4.35 -15.77
C HIS A 18 3.83 -4.77 -14.78
N PRO A 19 4.60 -5.81 -15.13
CA PRO A 19 5.68 -6.30 -14.26
C PRO A 19 6.73 -5.23 -14.00
N ASP A 20 6.98 -4.40 -15.00
CA ASP A 20 7.95 -3.33 -14.88
C ASP A 20 7.38 -2.14 -14.12
N ALA A 21 6.07 -1.96 -14.21
CA ALA A 21 5.40 -0.86 -13.53
C ALA A 21 5.17 -1.17 -12.06
N ILE A 22 6.16 -0.84 -11.26
CA ILE A 22 6.14 -1.09 -9.82
C ILE A 22 5.20 -0.13 -9.07
N LEU A 23 3.89 -0.32 -9.24
CA LEU A 23 2.86 0.51 -8.59
C LEU A 23 3.47 1.33 -7.46
N VAL A 24 3.68 2.60 -7.72
CA VAL A 24 4.28 3.48 -6.75
C VAL A 24 3.30 3.85 -5.64
N GLU A 25 3.84 4.42 -4.56
CA GLU A 25 3.05 4.80 -3.42
C GLU A 25 2.48 6.19 -3.64
N ASP A 26 1.17 6.26 -3.54
CA ASP A 26 0.43 7.49 -3.71
C ASP A 26 0.86 8.29 -4.94
N TYR A 27 -0.13 8.63 -5.77
CA TYR A 27 0.14 9.41 -6.98
C TYR A 27 -1.14 9.64 -7.76
N ARG A 28 -1.88 8.58 -8.04
CA ARG A 28 -3.11 8.68 -8.79
C ARG A 28 -4.30 8.97 -7.87
N ALA A 29 -4.48 8.12 -6.86
CA ALA A 29 -5.57 8.30 -5.90
C ALA A 29 -5.07 8.22 -4.46
N GLY A 30 -3.75 8.29 -4.29
CA GLY A 30 -3.17 8.23 -2.96
C GLY A 30 -2.72 6.84 -2.59
N ASP A 31 -3.25 5.83 -3.27
CA ASP A 31 -2.88 4.44 -3.00
C ASP A 31 -1.68 4.03 -3.85
N MET A 32 -1.67 2.80 -4.35
CA MET A 32 -0.58 2.31 -5.18
C MET A 32 -0.90 2.54 -6.65
N ILE A 33 -0.17 3.47 -7.25
CA ILE A 33 -0.38 3.84 -8.64
C ILE A 33 0.62 3.17 -9.57
N CYS A 34 0.10 2.47 -10.56
CA CYS A 34 0.95 1.82 -11.54
C CYS A 34 1.25 2.81 -12.65
N PRO A 35 2.41 3.49 -12.61
CA PRO A 35 2.82 4.48 -13.61
C PRO A 35 2.46 4.10 -15.04
N GLU A 36 2.18 2.82 -15.27
CA GLU A 36 1.86 2.34 -16.60
C GLU A 36 0.39 2.48 -16.89
N CYS A 37 -0.44 1.74 -16.16
CA CYS A 37 -1.89 1.87 -16.33
C CYS A 37 -2.39 2.92 -15.38
N GLY A 38 -1.55 3.19 -14.39
CA GLY A 38 -1.84 4.16 -13.37
C GLY A 38 -2.98 3.72 -12.50
N LEU A 39 -3.06 2.43 -12.30
CA LEU A 39 -4.09 1.84 -11.47
C LEU A 39 -3.81 2.13 -10.00
N VAL A 40 -4.85 2.34 -9.23
CA VAL A 40 -4.69 2.63 -7.82
C VAL A 40 -5.24 1.53 -6.93
N VAL A 41 -4.36 0.92 -6.14
CA VAL A 41 -4.75 -0.14 -5.23
C VAL A 41 -4.49 0.27 -3.79
N GLY A 42 -5.43 -0.03 -2.91
CA GLY A 42 -5.27 0.31 -1.52
C GLY A 42 -6.32 1.26 -1.02
N ASP A 43 -6.51 1.28 0.28
CA ASP A 43 -7.48 2.15 0.91
C ASP A 43 -7.46 1.98 2.42
N ARG A 44 -6.28 1.68 2.96
CA ARG A 44 -6.09 1.48 4.41
C ARG A 44 -7.26 0.69 5.02
N VAL A 45 -7.31 0.64 6.34
CA VAL A 45 -8.37 -0.07 7.04
C VAL A 45 -9.61 0.80 7.16
N ILE A 46 -9.42 2.11 7.11
CA ILE A 46 -10.52 3.07 7.21
C ILE A 46 -10.00 4.49 7.04
N ASP A 47 -10.89 5.47 7.16
CA ASP A 47 -10.52 6.88 7.03
C ASP A 47 -9.40 7.23 8.00
N VAL A 48 -8.16 7.06 7.57
CA VAL A 48 -7.01 7.36 8.42
C VAL A 48 -6.07 8.35 7.73
N GLY A 49 -5.21 8.99 8.52
CA GLY A 49 -4.28 9.95 7.97
C GLY A 49 -4.33 11.29 8.69
N SER A 50 -3.77 11.33 9.90
CA SER A 50 -3.76 12.55 10.69
C SER A 50 -2.37 13.20 10.65
N GLU A 51 -2.25 14.33 11.34
CA GLU A 51 -0.99 15.07 11.40
C GLU A 51 -1.11 16.28 12.30
N TRP A 52 -1.85 17.28 11.86
CA TRP A 52 -2.05 18.50 12.62
C TRP A 52 -0.73 19.26 12.82
N ARG A 53 0.10 18.78 13.74
CA ARG A 53 1.39 19.40 14.02
C ARG A 53 1.26 20.92 14.12
N THR A 54 1.09 21.41 15.35
CA THR A 54 0.95 22.84 15.59
C THR A 54 2.27 23.56 15.31
N PHE A 55 2.19 24.86 15.07
CA PHE A 55 3.38 25.66 14.79
C PHE A 55 3.46 26.88 15.70
N SER A 56 2.53 27.00 16.64
CA SER A 56 2.49 28.11 17.57
C SER A 56 2.48 29.45 16.81
N ASN A 57 2.51 30.54 17.57
CA ASN A 57 2.50 31.88 16.97
C ASN A 57 3.44 32.81 17.72
N ASP A 58 3.33 34.11 17.44
CA ASP A 58 4.17 35.10 18.09
C ASP A 58 4.02 35.05 19.61
N LYS A 59 2.78 35.22 20.08
CA LYS A 59 2.50 35.20 21.50
C LYS A 59 2.37 33.76 22.00
N ALA A 2 18.68 -19.76 6.86
CA ALA A 2 18.07 -19.80 8.21
C ALA A 2 16.56 -19.69 8.14
N SER A 3 15.90 -19.88 9.27
CA SER A 3 14.44 -19.79 9.34
C SER A 3 13.99 -18.40 9.76
N THR A 4 14.48 -17.39 9.05
CA THR A 4 14.12 -16.00 9.34
C THR A 4 13.74 -15.26 8.06
N SER A 5 13.18 -15.99 7.11
CA SER A 5 12.77 -15.40 5.84
C SER A 5 11.29 -15.64 5.58
N ARG A 6 10.45 -14.77 6.15
CA ARG A 6 9.01 -14.88 5.98
C ARG A 6 8.55 -14.13 4.73
N LEU A 7 7.23 -14.09 4.52
CA LEU A 7 6.66 -13.41 3.36
C LEU A 7 7.20 -11.99 3.24
N ASP A 8 8.24 -11.82 2.44
CA ASP A 8 8.84 -10.50 2.23
C ASP A 8 7.92 -9.60 1.43
N ALA A 9 7.13 -10.20 0.55
CA ALA A 9 6.19 -9.45 -0.27
C ALA A 9 4.77 -9.99 -0.14
N LEU A 10 3.83 -9.10 0.13
CA LEU A 10 2.43 -9.50 0.28
C LEU A 10 1.72 -9.55 -1.07
N PRO A 11 1.75 -8.46 -1.85
CA PRO A 11 1.12 -8.41 -3.16
C PRO A 11 1.94 -9.10 -4.23
N ARG A 12 1.68 -8.78 -5.49
CA ARG A 12 2.40 -9.37 -6.61
C ARG A 12 3.68 -8.59 -6.92
N VAL A 13 4.19 -7.87 -5.91
CA VAL A 13 5.40 -7.06 -6.05
C VAL A 13 5.36 -6.12 -7.25
N THR A 14 4.21 -6.00 -7.90
CA THR A 14 4.08 -5.12 -9.06
C THR A 14 2.69 -5.24 -9.68
N CYS A 15 2.51 -4.57 -10.81
CA CYS A 15 1.22 -4.59 -11.52
C CYS A 15 0.96 -5.96 -12.12
N PRO A 16 -0.28 -6.47 -12.00
CA PRO A 16 -0.65 -7.77 -12.56
C PRO A 16 -0.51 -7.80 -14.08
N ASN A 17 -0.51 -6.62 -14.70
CA ASN A 17 -0.37 -6.51 -16.15
C ASN A 17 0.92 -5.77 -16.52
N HIS A 18 1.56 -5.15 -15.54
CA HIS A 18 2.81 -4.43 -15.79
C HIS A 18 3.88 -4.85 -14.79
N PRO A 19 4.65 -5.89 -15.11
CA PRO A 19 5.72 -6.38 -14.22
C PRO A 19 6.77 -5.31 -13.95
N ASP A 20 7.07 -4.52 -14.98
CA ASP A 20 8.06 -3.45 -14.86
C ASP A 20 7.48 -2.23 -14.14
N ALA A 21 6.19 -1.99 -14.34
CA ALA A 21 5.52 -0.85 -13.71
C ALA A 21 5.27 -1.12 -12.23
N ILE A 22 6.29 -0.84 -11.43
CA ILE A 22 6.24 -1.06 -9.99
C ILE A 22 5.30 -0.10 -9.26
N LEU A 23 3.99 -0.31 -9.41
CA LEU A 23 2.96 0.52 -8.76
C LEU A 23 3.58 1.36 -7.65
N VAL A 24 3.51 2.66 -7.77
CA VAL A 24 4.11 3.54 -6.77
C VAL A 24 3.17 3.82 -5.62
N GLU A 25 3.79 4.05 -4.47
CA GLU A 25 3.10 4.33 -3.24
C GLU A 25 2.47 5.69 -3.30
N ASP A 26 1.19 5.74 -2.96
CA ASP A 26 0.45 6.98 -2.96
C ASP A 26 0.68 7.80 -4.22
N TYR A 27 -0.36 7.89 -5.05
CA TYR A 27 -0.29 8.65 -6.28
C TYR A 27 -1.68 8.85 -6.85
N ARG A 28 -1.79 9.76 -7.83
CA ARG A 28 -3.07 10.06 -8.45
C ARG A 28 -4.10 10.33 -7.36
N ALA A 29 -3.62 10.91 -6.26
CA ALA A 29 -4.47 11.20 -5.12
C ALA A 29 -5.03 9.89 -4.58
N GLY A 30 -4.22 8.84 -4.63
CA GLY A 30 -4.67 7.55 -4.17
C GLY A 30 -3.58 6.68 -3.55
N ASP A 31 -3.84 5.37 -3.58
CA ASP A 31 -2.95 4.36 -3.03
C ASP A 31 -1.77 4.06 -3.94
N MET A 32 -1.69 2.84 -4.45
CA MET A 32 -0.60 2.44 -5.29
C MET A 32 -0.95 2.58 -6.76
N ILE A 33 -0.27 3.48 -7.43
CA ILE A 33 -0.52 3.76 -8.82
C ILE A 33 0.49 3.11 -9.73
N CYS A 34 0.00 2.38 -10.71
CA CYS A 34 0.88 1.74 -11.68
C CYS A 34 1.19 2.74 -12.78
N PRO A 35 2.36 3.41 -12.72
CA PRO A 35 2.76 4.40 -13.72
C PRO A 35 2.47 3.99 -15.15
N GLU A 36 2.20 2.70 -15.36
CA GLU A 36 1.94 2.20 -16.69
C GLU A 36 0.45 2.26 -17.02
N CYS A 37 -0.37 1.53 -16.28
CA CYS A 37 -1.81 1.58 -16.48
C CYS A 37 -2.36 2.66 -15.57
N GLY A 38 -1.57 2.94 -14.55
CA GLY A 38 -1.90 3.93 -13.57
C GLY A 38 -3.04 3.50 -12.68
N LEU A 39 -3.04 2.23 -12.35
CA LEU A 39 -4.05 1.64 -11.50
C LEU A 39 -3.78 1.97 -10.04
N VAL A 40 -4.83 2.16 -9.25
CA VAL A 40 -4.70 2.50 -7.85
C VAL A 40 -5.13 1.36 -6.95
N VAL A 41 -4.19 0.86 -6.15
CA VAL A 41 -4.48 -0.22 -5.22
C VAL A 41 -4.09 0.17 -3.80
N GLY A 42 -4.94 -0.17 -2.85
CA GLY A 42 -4.65 0.11 -1.45
C GLY A 42 -5.78 0.80 -0.74
N ASP A 43 -5.76 0.73 0.58
CA ASP A 43 -6.79 1.34 1.40
C ASP A 43 -6.53 1.05 2.87
N ARG A 44 -5.94 2.01 3.57
CA ARG A 44 -5.64 1.85 4.98
C ARG A 44 -6.13 3.05 5.79
N VAL A 45 -7.00 2.78 6.76
CA VAL A 45 -7.55 3.84 7.60
C VAL A 45 -7.80 3.34 9.02
N ILE A 46 -7.08 3.92 9.97
CA ILE A 46 -7.22 3.54 11.37
C ILE A 46 -7.35 4.77 12.27
N ASP A 47 -6.49 5.75 12.03
CA ASP A 47 -6.51 6.99 12.83
C ASP A 47 -5.47 7.97 12.30
N VAL A 48 -5.79 8.64 11.20
CA VAL A 48 -4.89 9.62 10.61
C VAL A 48 -5.39 11.04 10.84
N GLY A 49 -4.47 12.00 10.77
CA GLY A 49 -4.83 13.39 10.97
C GLY A 49 -3.71 14.19 11.59
N SER A 50 -3.30 13.79 12.80
CA SER A 50 -2.22 14.49 13.51
C SER A 50 -0.87 14.18 12.87
N GLU A 51 -0.47 15.00 11.90
CA GLU A 51 0.79 14.81 11.21
C GLU A 51 1.75 15.96 11.49
N TRP A 52 1.53 16.67 12.60
CA TRP A 52 2.37 17.79 12.98
C TRP A 52 2.40 18.85 11.87
N ARG A 53 3.33 19.80 11.99
CA ARG A 53 3.48 20.88 11.01
C ARG A 53 2.48 21.99 11.28
N THR A 54 3.00 23.18 11.62
CA THR A 54 2.16 24.33 11.89
C THR A 54 2.75 25.59 11.26
N PHE A 55 2.29 26.75 11.72
CA PHE A 55 2.78 28.03 11.19
C PHE A 55 3.89 28.60 12.08
N SER A 56 4.72 27.71 12.61
CA SER A 56 5.83 28.13 13.48
C SER A 56 5.30 28.81 14.74
N ASN A 57 6.02 28.65 15.84
CA ASN A 57 5.63 29.25 17.10
C ASN A 57 5.95 30.74 17.12
N ASP A 58 5.30 31.47 18.02
CA ASP A 58 5.52 32.90 18.14
C ASP A 58 6.20 33.25 19.47
N LYS A 59 5.83 32.52 20.52
CA LYS A 59 6.39 32.75 21.84
C LYS A 59 7.43 31.68 22.17
N ALA A 2 15.49 -29.54 1.27
CA ALA A 2 15.28 -29.61 2.74
C ALA A 2 13.86 -29.22 3.12
N SER A 3 13.57 -29.21 4.42
CA SER A 3 12.25 -28.84 4.91
C SER A 3 12.08 -27.32 4.92
N THR A 4 13.18 -26.61 5.16
CA THR A 4 13.15 -25.16 5.20
C THR A 4 12.89 -24.58 3.81
N SER A 5 11.62 -24.59 3.40
CA SER A 5 11.23 -24.07 2.10
C SER A 5 9.72 -24.13 1.91
N ARG A 6 8.99 -23.77 2.96
CA ARG A 6 7.53 -23.79 2.91
C ARG A 6 7.01 -22.86 1.82
N LEU A 7 6.97 -21.57 2.11
CA LEU A 7 6.50 -20.57 1.15
C LEU A 7 6.48 -19.18 1.77
N ASP A 8 6.87 -18.19 0.98
CA ASP A 8 6.91 -16.80 1.44
C ASP A 8 6.19 -15.88 0.46
N ALA A 9 5.16 -16.42 -0.21
CA ALA A 9 4.39 -15.64 -1.17
C ALA A 9 3.00 -15.31 -0.64
N LEU A 10 2.57 -14.08 -0.85
CA LEU A 10 1.25 -13.65 -0.40
C LEU A 10 0.76 -12.45 -1.22
N PRO A 11 1.45 -11.30 -1.13
CA PRO A 11 1.06 -10.10 -1.88
C PRO A 11 1.15 -10.30 -3.39
N ARG A 12 0.38 -9.52 -4.14
CA ARG A 12 0.37 -9.62 -5.59
C ARG A 12 1.77 -9.35 -6.16
N VAL A 13 2.43 -8.33 -5.61
CA VAL A 13 3.77 -7.97 -6.06
C VAL A 13 3.77 -7.44 -7.48
N THR A 14 3.89 -6.13 -7.63
CA THR A 14 3.91 -5.48 -8.93
C THR A 14 2.58 -5.63 -9.66
N CYS A 15 2.43 -4.91 -10.76
CA CYS A 15 1.22 -4.94 -11.57
C CYS A 15 1.08 -6.27 -12.29
N PRO A 16 -0.14 -6.86 -12.30
CA PRO A 16 -0.39 -8.13 -12.98
C PRO A 16 -0.26 -8.00 -14.50
N ASN A 17 -0.38 -6.78 -15.00
CA ASN A 17 -0.28 -6.52 -16.43
C ASN A 17 0.99 -5.72 -16.75
N HIS A 18 1.61 -5.15 -15.71
CA HIS A 18 2.83 -4.37 -15.89
C HIS A 18 3.90 -4.82 -14.89
N PRO A 19 4.70 -5.84 -15.25
CA PRO A 19 5.76 -6.36 -14.39
C PRO A 19 6.78 -5.28 -14.05
N ASP A 20 7.09 -4.45 -15.04
CA ASP A 20 8.07 -3.37 -14.85
C ASP A 20 7.48 -2.23 -14.02
N ALA A 21 6.21 -1.92 -14.26
CA ALA A 21 5.53 -0.85 -13.54
C ALA A 21 5.28 -1.24 -12.09
N ILE A 22 6.23 -0.90 -11.23
CA ILE A 22 6.14 -1.22 -9.81
C ILE A 22 5.20 -0.29 -9.06
N LEU A 23 3.89 -0.40 -9.38
CA LEU A 23 2.85 0.43 -8.74
C LEU A 23 3.43 1.27 -7.61
N VAL A 24 3.62 2.54 -7.88
CA VAL A 24 4.19 3.44 -6.90
C VAL A 24 3.18 3.84 -5.85
N GLU A 25 3.69 4.37 -4.75
CA GLU A 25 2.88 4.77 -3.63
C GLU A 25 1.88 5.84 -4.02
N ASP A 26 1.33 6.48 -3.00
CA ASP A 26 0.33 7.52 -3.16
C ASP A 26 0.58 8.40 -4.39
N TYR A 27 -0.36 8.34 -5.33
CA TYR A 27 -0.29 9.13 -6.55
C TYR A 27 -1.46 8.77 -7.47
N ARG A 28 -2.01 9.79 -8.11
CA ARG A 28 -3.14 9.60 -9.02
C ARG A 28 -4.37 9.10 -8.25
N ALA A 29 -4.34 9.24 -6.92
CA ALA A 29 -5.44 8.81 -6.07
C ALA A 29 -5.05 8.94 -4.60
N GLY A 30 -4.14 8.09 -4.15
CA GLY A 30 -3.70 8.16 -2.77
C GLY A 30 -3.01 6.90 -2.29
N ASP A 31 -3.36 5.77 -2.89
CA ASP A 31 -2.77 4.48 -2.52
C ASP A 31 -1.58 4.15 -3.43
N MET A 32 -1.66 3.06 -4.18
CA MET A 32 -0.56 2.67 -5.05
C MET A 32 -0.97 2.79 -6.52
N ILE A 33 -0.17 3.51 -7.30
CA ILE A 33 -0.48 3.75 -8.71
C ILE A 33 0.53 3.07 -9.62
N CYS A 34 0.03 2.40 -10.65
CA CYS A 34 0.88 1.75 -11.63
C CYS A 34 1.24 2.75 -12.71
N PRO A 35 2.41 3.41 -12.62
CA PRO A 35 2.86 4.42 -13.59
C PRO A 35 2.51 4.07 -15.04
N GLU A 36 2.24 2.80 -15.29
CA GLU A 36 1.92 2.35 -16.63
C GLU A 36 0.43 2.53 -16.92
N CYS A 37 -0.42 1.78 -16.23
CA CYS A 37 -1.85 1.93 -16.40
C CYS A 37 -2.34 2.97 -15.41
N GLY A 38 -1.52 3.16 -14.39
CA GLY A 38 -1.78 4.11 -13.34
C GLY A 38 -2.92 3.67 -12.46
N LEU A 39 -3.04 2.35 -12.30
CA LEU A 39 -4.07 1.78 -11.47
C LEU A 39 -3.73 2.05 -10.01
N VAL A 40 -4.75 2.34 -9.21
CA VAL A 40 -4.53 2.64 -7.81
C VAL A 40 -5.03 1.51 -6.93
N VAL A 41 -4.17 1.02 -6.05
CA VAL A 41 -4.54 -0.04 -5.13
C VAL A 41 -4.19 0.36 -3.70
N GLY A 42 -5.16 0.30 -2.79
CA GLY A 42 -4.89 0.64 -1.42
C GLY A 42 -5.95 1.55 -0.85
N ASP A 43 -5.74 1.98 0.40
CA ASP A 43 -6.68 2.86 1.06
C ASP A 43 -7.96 2.10 1.44
N ARG A 44 -7.92 1.42 2.59
CA ARG A 44 -9.08 0.66 3.06
C ARG A 44 -9.53 1.15 4.43
N VAL A 45 -8.79 0.79 5.47
CA VAL A 45 -9.14 1.20 6.83
C VAL A 45 -8.07 0.76 7.83
N ILE A 46 -8.13 -0.51 8.25
CA ILE A 46 -7.19 -1.08 9.21
C ILE A 46 -6.92 -0.12 10.38
N ASP A 47 -6.01 0.83 10.19
CA ASP A 47 -5.67 1.80 11.23
C ASP A 47 -4.98 1.12 12.40
N VAL A 48 -3.94 1.77 12.92
CA VAL A 48 -3.19 1.24 14.05
C VAL A 48 -3.00 2.31 15.12
N GLY A 49 -4.02 2.51 15.93
CA GLY A 49 -3.93 3.51 16.98
C GLY A 49 -2.81 3.24 17.96
N SER A 50 -3.12 2.48 19.01
CA SER A 50 -2.12 2.15 20.03
C SER A 50 -0.95 1.39 19.42
N GLU A 51 0.03 2.13 18.90
CA GLU A 51 1.21 1.52 18.29
C GLU A 51 2.19 2.59 17.82
N TRP A 52 2.32 3.66 18.60
CA TRP A 52 3.22 4.75 18.25
C TRP A 52 2.82 5.40 16.93
N ARG A 53 3.80 5.84 16.14
CA ARG A 53 3.53 6.48 14.86
C ARG A 53 2.92 7.86 15.05
N THR A 54 3.38 8.56 16.08
CA THR A 54 2.90 9.90 16.38
C THR A 54 4.05 10.82 16.76
N PHE A 55 3.75 12.11 16.92
CA PHE A 55 4.77 13.08 17.28
C PHE A 55 5.16 12.95 18.75
N SER A 56 5.72 11.79 19.10
CA SER A 56 6.14 11.54 20.47
C SER A 56 4.96 11.63 21.43
N ASN A 57 5.15 11.13 22.65
CA ASN A 57 4.09 11.16 23.66
C ASN A 57 4.48 12.05 24.83
N ASP A 58 3.56 12.25 25.76
CA ASP A 58 3.80 13.08 26.93
C ASP A 58 3.86 12.24 28.19
N LYS A 59 2.73 11.68 28.59
CA LYS A 59 2.65 10.85 29.78
C LYS A 59 3.44 9.56 29.60
N ALA A 2 0.97 -35.90 -8.67
CA ALA A 2 0.65 -35.41 -7.30
C ALA A 2 0.41 -33.90 -7.28
N SER A 3 -0.85 -33.52 -7.07
CA SER A 3 -1.21 -32.11 -7.02
C SER A 3 -0.75 -31.47 -5.72
N THR A 4 0.56 -31.40 -5.53
CA THR A 4 1.13 -30.80 -4.32
C THR A 4 2.38 -29.99 -4.65
N SER A 5 2.18 -28.72 -4.98
CA SER A 5 3.29 -27.84 -5.32
C SER A 5 2.84 -26.38 -5.36
N ARG A 6 2.60 -25.81 -4.20
CA ARG A 6 2.15 -24.42 -4.10
C ARG A 6 3.20 -23.48 -4.69
N LEU A 7 2.79 -22.71 -5.70
CA LEU A 7 3.68 -21.76 -6.35
C LEU A 7 4.20 -20.73 -5.36
N ASP A 8 5.29 -20.05 -5.73
CA ASP A 8 5.89 -19.03 -4.86
C ASP A 8 5.01 -17.80 -4.80
N ALA A 9 4.35 -17.60 -3.67
CA ALA A 9 3.47 -16.45 -3.47
C ALA A 9 2.31 -16.48 -4.45
N LEU A 10 1.09 -16.39 -3.91
CA LEU A 10 -0.11 -16.42 -4.74
C LEU A 10 -0.54 -15.03 -5.21
N PRO A 11 -0.10 -13.93 -4.56
CA PRO A 11 -0.47 -12.58 -4.96
C PRO A 11 0.43 -12.03 -6.07
N ARG A 12 0.29 -10.73 -6.34
CA ARG A 12 1.10 -10.09 -7.38
C ARG A 12 1.90 -8.93 -6.80
N VAL A 13 3.23 -9.09 -6.76
CA VAL A 13 4.12 -8.07 -6.23
C VAL A 13 3.80 -6.68 -6.82
N THR A 14 4.07 -6.52 -8.10
CA THR A 14 3.80 -5.25 -8.78
C THR A 14 2.47 -5.32 -9.54
N CYS A 15 2.39 -4.70 -10.71
CA CYS A 15 1.17 -4.71 -11.50
C CYS A 15 0.95 -6.08 -12.15
N PRO A 16 -0.29 -6.60 -12.11
CA PRO A 16 -0.61 -7.90 -12.70
C PRO A 16 -0.35 -7.93 -14.20
N ASN A 17 -0.37 -6.76 -14.84
CA ASN A 17 -0.14 -6.67 -16.27
C ASN A 17 1.10 -5.82 -16.57
N HIS A 18 1.69 -5.21 -15.55
CA HIS A 18 2.88 -4.38 -15.74
C HIS A 18 3.95 -4.70 -14.70
N PRO A 19 4.72 -5.78 -14.91
CA PRO A 19 5.79 -6.15 -13.99
C PRO A 19 6.80 -5.02 -13.83
N ASP A 20 7.04 -4.32 -14.93
CA ASP A 20 7.98 -3.20 -14.93
C ASP A 20 7.44 -2.03 -14.11
N ALA A 21 6.19 -1.64 -14.35
CA ALA A 21 5.59 -0.53 -13.62
C ALA A 21 5.31 -0.90 -12.17
N ILE A 22 6.33 -0.73 -11.35
CA ILE A 22 6.26 -1.07 -9.94
C ILE A 22 5.31 -0.14 -9.18
N LEU A 23 4.00 -0.37 -9.36
CA LEU A 23 2.96 0.43 -8.70
C LEU A 23 3.55 1.27 -7.58
N VAL A 24 3.56 2.57 -7.76
CA VAL A 24 4.12 3.45 -6.78
C VAL A 24 3.16 3.73 -5.64
N GLU A 25 3.71 4.16 -4.52
CA GLU A 25 2.93 4.45 -3.35
C GLU A 25 2.30 5.81 -3.47
N ASP A 26 1.01 5.84 -3.23
CA ASP A 26 0.24 7.05 -3.29
C ASP A 26 0.53 7.90 -4.53
N TYR A 27 -0.49 8.05 -5.37
CA TYR A 27 -0.38 8.86 -6.57
C TYR A 27 -1.71 9.53 -6.87
N ARG A 28 -1.64 10.75 -7.42
CA ARG A 28 -2.83 11.51 -7.74
C ARG A 28 -3.74 11.56 -6.52
N ALA A 29 -3.12 11.56 -5.34
CA ALA A 29 -3.85 11.58 -4.08
C ALA A 29 -4.58 10.25 -3.92
N GLY A 30 -3.92 9.17 -4.34
CA GLY A 30 -4.51 7.86 -4.27
C GLY A 30 -3.66 6.80 -3.58
N ASP A 31 -3.93 5.55 -3.94
CA ASP A 31 -3.24 4.39 -3.38
C ASP A 31 -1.99 4.04 -4.19
N MET A 32 -1.86 2.79 -4.60
CA MET A 32 -0.72 2.32 -5.35
C MET A 32 -0.98 2.48 -6.85
N ILE A 33 -0.25 3.36 -7.47
CA ILE A 33 -0.45 3.65 -8.87
C ILE A 33 0.57 2.97 -9.78
N CYS A 34 0.07 2.23 -10.75
CA CYS A 34 0.95 1.59 -11.71
C CYS A 34 1.18 2.57 -12.85
N PRO A 35 2.31 3.30 -12.84
CA PRO A 35 2.64 4.28 -13.87
C PRO A 35 2.34 3.82 -15.29
N GLU A 36 2.13 2.53 -15.48
CA GLU A 36 1.86 1.99 -16.80
C GLU A 36 0.38 2.00 -17.11
N CYS A 37 -0.41 1.25 -16.35
CA CYS A 37 -1.86 1.25 -16.55
C CYS A 37 -2.44 2.31 -15.66
N GLY A 38 -1.67 2.61 -14.62
CA GLY A 38 -2.02 3.60 -13.65
C GLY A 38 -3.14 3.15 -12.74
N LEU A 39 -3.11 1.88 -12.39
CA LEU A 39 -4.10 1.29 -11.52
C LEU A 39 -3.83 1.68 -10.08
N VAL A 40 -4.89 1.85 -9.30
CA VAL A 40 -4.77 2.24 -7.92
C VAL A 40 -5.21 1.10 -6.99
N VAL A 41 -4.28 0.60 -6.20
CA VAL A 41 -4.60 -0.48 -5.26
C VAL A 41 -4.46 0.00 -3.83
N GLY A 42 -5.35 -0.48 -2.96
CA GLY A 42 -5.34 -0.12 -1.56
C GLY A 42 -3.98 0.28 -1.05
N ASP A 43 -3.10 -0.71 -0.90
CA ASP A 43 -1.74 -0.46 -0.43
C ASP A 43 -1.15 -1.73 0.19
N ARG A 44 0.03 -1.57 0.79
CA ARG A 44 0.72 -2.69 1.44
C ARG A 44 0.58 -2.58 2.95
N VAL A 45 0.71 -1.36 3.46
CA VAL A 45 0.59 -1.09 4.88
C VAL A 45 1.60 -1.91 5.69
N ILE A 46 2.59 -1.22 6.26
CA ILE A 46 3.62 -1.88 7.06
C ILE A 46 4.32 -0.88 7.98
N ASP A 47 3.53 -0.01 8.60
CA ASP A 47 4.08 1.00 9.50
C ASP A 47 3.66 0.72 10.95
N VAL A 48 2.56 -0.01 11.12
CA VAL A 48 2.06 -0.35 12.45
C VAL A 48 1.43 0.86 13.12
N GLY A 49 0.64 0.62 14.17
CA GLY A 49 -0.02 1.70 14.87
C GLY A 49 0.93 2.83 15.24
N SER A 50 2.05 2.48 15.86
CA SER A 50 3.04 3.47 16.27
C SER A 50 4.30 2.79 16.79
N GLU A 51 5.28 3.59 17.22
CA GLU A 51 6.53 3.07 17.74
C GLU A 51 7.39 4.19 18.32
N TRP A 52 6.75 5.12 19.02
CA TRP A 52 7.46 6.25 19.62
C TRP A 52 7.98 7.23 18.57
N ARG A 53 8.84 6.72 17.68
CA ARG A 53 9.42 7.54 16.61
C ARG A 53 10.57 8.39 17.15
N THR A 54 11.51 7.73 17.82
CA THR A 54 12.68 8.42 18.39
C THR A 54 13.87 7.47 18.48
N PHE A 55 15.01 8.00 18.89
CA PHE A 55 16.23 7.20 19.02
C PHE A 55 16.62 7.03 20.49
N SER A 56 15.78 6.33 21.23
CA SER A 56 16.04 6.08 22.65
C SER A 56 16.07 7.40 23.43
N ASN A 57 15.93 7.31 24.75
CA ASN A 57 15.97 8.49 25.60
C ASN A 57 17.36 9.10 25.64
N ASP A 58 17.46 10.31 26.19
CA ASP A 58 18.74 11.01 26.29
C ASP A 58 19.72 10.22 27.15
N LYS A 59 19.22 9.67 28.26
CA LYS A 59 20.06 8.90 29.18
C LYS A 59 20.26 7.48 28.64
N ALA A 2 4.65 -14.69 9.33
CA ALA A 2 3.77 -13.76 10.10
C ALA A 2 2.31 -13.94 9.69
N SER A 3 1.54 -14.60 10.54
CA SER A 3 0.13 -14.83 10.28
C SER A 3 -0.75 -13.84 11.03
N THR A 4 -0.22 -12.63 11.23
CA THR A 4 -0.95 -11.58 11.94
C THR A 4 -0.68 -10.22 11.31
N SER A 5 -1.44 -9.90 10.26
CA SER A 5 -1.28 -8.63 9.57
C SER A 5 -2.61 -8.12 9.04
N ARG A 6 -2.60 -6.94 8.43
CA ARG A 6 -3.82 -6.35 7.88
C ARG A 6 -3.86 -6.53 6.36
N LEU A 7 -3.04 -5.76 5.66
CA LEU A 7 -2.99 -5.83 4.20
C LEU A 7 -1.75 -5.13 3.66
N ASP A 8 -0.59 -5.74 3.90
CA ASP A 8 0.67 -5.18 3.44
C ASP A 8 1.47 -6.23 2.66
N ALA A 9 2.11 -5.79 1.58
CA ALA A 9 2.91 -6.70 0.77
C ALA A 9 4.18 -6.01 0.25
N LEU A 10 5.27 -6.77 0.19
CA LEU A 10 6.55 -6.24 -0.28
C LEU A 10 6.42 -5.70 -1.70
N PRO A 11 7.42 -4.93 -2.16
CA PRO A 11 7.41 -4.35 -3.51
C PRO A 11 7.79 -5.35 -4.60
N ARG A 12 7.89 -6.64 -4.22
CA ARG A 12 8.24 -7.68 -5.18
C ARG A 12 7.01 -8.22 -5.91
N VAL A 13 5.86 -7.55 -5.71
CA VAL A 13 4.62 -7.98 -6.36
C VAL A 13 4.52 -7.38 -7.76
N THR A 14 4.55 -6.05 -7.84
CA THR A 14 4.46 -5.36 -9.12
C THR A 14 3.09 -5.59 -9.75
N CYS A 15 2.83 -4.85 -10.83
CA CYS A 15 1.58 -4.96 -11.56
C CYS A 15 1.45 -6.32 -12.24
N PRO A 16 0.28 -6.97 -12.15
CA PRO A 16 0.05 -8.27 -12.78
C PRO A 16 0.16 -8.19 -14.30
N ASN A 17 -0.05 -7.00 -14.84
CA ASN A 17 0.04 -6.79 -16.29
C ASN A 17 1.30 -6.03 -16.65
N HIS A 18 1.76 -5.18 -15.74
CA HIS A 18 2.96 -4.40 -15.97
C HIS A 18 4.12 -4.90 -15.12
N PRO A 19 4.87 -5.90 -15.63
CA PRO A 19 6.04 -6.46 -14.92
C PRO A 19 7.22 -5.52 -15.00
N ASP A 20 6.93 -4.25 -14.86
CA ASP A 20 7.92 -3.21 -14.90
C ASP A 20 7.41 -2.03 -14.08
N ALA A 21 6.17 -1.67 -14.34
CA ALA A 21 5.52 -0.59 -13.62
C ALA A 21 5.26 -1.00 -12.18
N ILE A 22 6.21 -0.67 -11.31
CA ILE A 22 6.14 -1.03 -9.90
C ILE A 22 5.17 -0.17 -9.10
N LEU A 23 3.86 -0.39 -9.34
CA LEU A 23 2.79 0.34 -8.64
C LEU A 23 3.36 1.17 -7.50
N VAL A 24 3.31 2.47 -7.67
CA VAL A 24 3.86 3.36 -6.67
C VAL A 24 2.91 3.59 -5.50
N GLU A 25 3.51 3.88 -4.37
CA GLU A 25 2.80 4.12 -3.13
C GLU A 25 2.38 5.55 -3.05
N ASP A 26 1.09 5.74 -2.90
CA ASP A 26 0.49 7.04 -2.79
C ASP A 26 0.99 8.02 -3.87
N TYR A 27 0.07 8.43 -4.73
CA TYR A 27 0.35 9.39 -5.79
C TYR A 27 -0.77 9.44 -6.82
N ARG A 28 -0.90 10.61 -7.43
CA ARG A 28 -1.95 10.86 -8.40
C ARG A 28 -3.28 10.74 -7.68
N ALA A 29 -3.30 11.20 -6.43
CA ALA A 29 -4.48 11.10 -5.61
C ALA A 29 -4.88 9.65 -5.48
N GLY A 30 -3.87 8.77 -5.44
CA GLY A 30 -4.16 7.36 -5.36
C GLY A 30 -3.27 6.56 -4.41
N ASP A 31 -3.82 5.44 -3.96
CA ASP A 31 -3.13 4.50 -3.08
C ASP A 31 -1.91 3.98 -3.79
N MET A 32 -2.01 2.79 -4.33
CA MET A 32 -0.92 2.19 -5.05
C MET A 32 -1.27 2.23 -6.52
N ILE A 33 -0.64 3.15 -7.23
CA ILE A 33 -0.92 3.35 -8.64
C ILE A 33 0.20 2.87 -9.51
N CYS A 34 -0.22 2.24 -10.58
CA CYS A 34 0.70 1.73 -11.56
C CYS A 34 0.92 2.79 -12.63
N PRO A 35 2.03 3.55 -12.57
CA PRO A 35 2.34 4.61 -13.54
C PRO A 35 2.04 4.22 -14.98
N GLU A 36 1.86 2.94 -15.23
CA GLU A 36 1.58 2.45 -16.56
C GLU A 36 0.08 2.50 -16.84
N CYS A 37 -0.68 1.70 -16.12
CA CYS A 37 -2.14 1.72 -16.28
C CYS A 37 -2.69 2.73 -15.31
N GLY A 38 -1.89 3.01 -14.30
CA GLY A 38 -2.25 3.94 -13.26
C GLY A 38 -3.36 3.39 -12.42
N LEU A 39 -3.25 2.11 -12.15
CA LEU A 39 -4.21 1.40 -11.34
C LEU A 39 -3.96 1.73 -9.89
N VAL A 40 -5.02 1.98 -9.14
CA VAL A 40 -4.90 2.36 -7.75
C VAL A 40 -5.30 1.21 -6.84
N VAL A 41 -4.40 0.87 -5.93
CA VAL A 41 -4.67 -0.19 -4.98
C VAL A 41 -4.47 0.32 -3.55
N GLY A 42 -5.48 0.12 -2.70
CA GLY A 42 -5.38 0.56 -1.33
C GLY A 42 -6.55 1.40 -0.90
N ASP A 43 -6.76 1.47 0.40
CA ASP A 43 -7.85 2.26 0.96
C ASP A 43 -7.72 2.33 2.48
N ARG A 44 -6.71 3.05 2.95
CA ARG A 44 -6.48 3.21 4.39
C ARG A 44 -6.16 1.86 5.03
N VAL A 45 -5.74 0.90 4.22
CA VAL A 45 -5.41 -0.44 4.73
C VAL A 45 -4.00 -0.86 4.30
N ILE A 46 -3.24 0.08 3.73
CA ILE A 46 -1.89 -0.20 3.29
C ILE A 46 -0.92 0.88 3.76
N ASP A 47 -1.34 1.69 4.73
CA ASP A 47 -0.50 2.75 5.27
C ASP A 47 0.65 2.17 6.08
N VAL A 48 1.73 2.94 6.20
CA VAL A 48 2.89 2.49 6.96
C VAL A 48 3.19 3.44 8.13
N GLY A 49 3.90 4.53 7.84
CA GLY A 49 4.23 5.50 8.88
C GLY A 49 4.82 4.84 10.11
N SER A 50 4.36 5.28 11.29
CA SER A 50 4.84 4.72 12.54
C SER A 50 6.36 4.87 12.66
N GLU A 51 6.97 4.07 13.54
CA GLU A 51 8.41 4.11 13.76
C GLU A 51 8.82 5.36 14.53
N TRP A 52 7.84 6.11 15.03
CA TRP A 52 8.10 7.32 15.79
C TRP A 52 8.82 8.38 14.95
N ARG A 53 10.12 8.18 14.74
CA ARG A 53 10.92 9.10 13.95
C ARG A 53 10.98 10.48 14.61
N THR A 54 12.18 10.87 15.02
CA THR A 54 12.38 12.16 15.67
C THR A 54 12.86 13.21 14.67
N PHE A 55 13.31 14.36 15.18
CA PHE A 55 13.78 15.44 14.33
C PHE A 55 15.21 15.85 14.71
N SER A 56 15.87 15.04 15.54
CA SER A 56 17.23 15.32 15.96
C SER A 56 17.32 16.68 16.64
N ASN A 57 18.44 16.94 17.32
CA ASN A 57 18.64 18.19 18.01
C ASN A 57 20.08 18.31 18.52
N ASP A 58 20.41 19.47 19.07
CA ASP A 58 21.76 19.70 19.60
C ASP A 58 22.06 18.76 20.76
N LYS A 59 21.36 18.95 21.87
CA LYS A 59 21.57 18.11 23.06
C LYS A 59 20.82 16.79 22.91
N ALA A 2 4.55 -31.48 6.70
CA ALA A 2 4.30 -30.05 7.03
C ALA A 2 3.21 -29.47 6.13
N SER A 3 2.52 -28.46 6.65
CA SER A 3 1.44 -27.82 5.90
C SER A 3 1.54 -26.29 6.00
N THR A 4 2.78 -25.79 5.98
CA THR A 4 3.02 -24.35 6.07
C THR A 4 2.92 -23.71 4.70
N SER A 5 1.75 -23.14 4.41
CA SER A 5 1.53 -22.48 3.12
C SER A 5 0.85 -21.13 3.32
N ARG A 6 -0.39 -21.16 3.80
CA ARG A 6 -1.15 -19.94 4.04
C ARG A 6 -1.37 -19.18 2.73
N LEU A 7 -0.38 -18.39 2.32
CA LEU A 7 -0.47 -17.60 1.09
C LEU A 7 0.74 -16.69 0.94
N ASP A 8 0.87 -16.07 -0.23
CA ASP A 8 1.98 -15.17 -0.49
C ASP A 8 1.84 -14.52 -1.87
N ALA A 9 0.61 -14.22 -2.25
CA ALA A 9 0.34 -13.59 -3.54
C ALA A 9 -0.93 -12.75 -3.50
N LEU A 10 -1.33 -12.33 -2.30
CA LEU A 10 -2.53 -11.52 -2.13
C LEU A 10 -2.24 -10.04 -2.31
N PRO A 11 -1.19 -9.52 -1.64
CA PRO A 11 -0.82 -8.11 -1.73
C PRO A 11 0.02 -7.80 -2.97
N ARG A 12 0.83 -8.77 -3.39
CA ARG A 12 1.68 -8.60 -4.55
C ARG A 12 2.63 -7.42 -4.37
N VAL A 13 3.56 -7.26 -5.30
CA VAL A 13 4.53 -6.17 -5.23
C VAL A 13 4.63 -5.42 -6.56
N THR A 14 3.76 -5.75 -7.51
CA THR A 14 3.76 -5.09 -8.80
C THR A 14 2.47 -5.37 -9.57
N CYS A 15 2.28 -4.65 -10.66
CA CYS A 15 1.07 -4.80 -11.49
C CYS A 15 1.07 -6.15 -12.20
N PRO A 16 -0.06 -6.87 -12.19
CA PRO A 16 -0.18 -8.16 -12.87
C PRO A 16 -0.05 -8.01 -14.37
N ASN A 17 -0.44 -6.84 -14.86
CA ASN A 17 -0.37 -6.55 -16.28
C ASN A 17 0.98 -5.91 -16.63
N HIS A 18 1.62 -5.35 -15.60
CA HIS A 18 2.92 -4.70 -15.79
C HIS A 18 3.93 -5.18 -14.77
N PRO A 19 4.62 -6.30 -15.05
CA PRO A 19 5.63 -6.84 -14.15
C PRO A 19 6.76 -5.83 -13.94
N ASP A 20 7.16 -5.16 -15.02
CA ASP A 20 8.23 -4.18 -14.97
C ASP A 20 7.75 -2.85 -14.40
N ALA A 21 6.44 -2.66 -14.29
CA ALA A 21 5.92 -1.41 -13.70
C ALA A 21 5.57 -1.59 -12.25
N ILE A 22 6.00 -0.65 -11.46
CA ILE A 22 5.77 -0.69 -10.04
C ILE A 22 4.74 0.36 -9.65
N LEU A 23 3.66 -0.08 -9.00
CA LEU A 23 2.61 0.83 -8.55
C LEU A 23 3.17 1.71 -7.46
N VAL A 24 3.65 2.86 -7.84
CA VAL A 24 4.22 3.79 -6.90
C VAL A 24 3.30 4.02 -5.71
N GLU A 25 3.86 4.53 -4.63
CA GLU A 25 3.11 4.74 -3.42
C GLU A 25 2.45 6.09 -3.37
N ASP A 26 1.15 6.03 -3.24
CA ASP A 26 0.30 7.18 -3.15
C ASP A 26 0.44 8.12 -4.35
N TYR A 27 -0.57 8.09 -5.22
CA TYR A 27 -0.58 8.94 -6.41
C TYR A 27 -1.99 9.47 -6.65
N ARG A 28 -2.08 10.68 -7.22
CA ARG A 28 -3.36 11.33 -7.48
C ARG A 28 -4.31 11.13 -6.31
N ALA A 29 -3.81 11.36 -5.10
CA ALA A 29 -4.60 11.18 -3.89
C ALA A 29 -5.10 9.75 -3.81
N GLY A 30 -4.24 8.81 -4.17
CA GLY A 30 -4.62 7.42 -4.15
C GLY A 30 -3.63 6.51 -3.44
N ASP A 31 -3.77 5.21 -3.65
CA ASP A 31 -2.90 4.21 -3.05
C ASP A 31 -1.67 3.94 -3.92
N MET A 32 -1.63 2.81 -4.60
CA MET A 32 -0.49 2.46 -5.42
C MET A 32 -0.80 2.60 -6.90
N ILE A 33 -0.12 3.53 -7.54
CA ILE A 33 -0.36 3.85 -8.93
C ILE A 33 0.65 3.17 -9.88
N CYS A 34 0.14 2.37 -10.82
CA CYS A 34 1.04 1.74 -11.80
C CYS A 34 1.28 2.72 -12.94
N PRO A 35 2.45 3.41 -12.94
CA PRO A 35 2.80 4.40 -13.98
C PRO A 35 2.33 4.03 -15.38
N GLU A 36 2.18 2.74 -15.62
CA GLU A 36 1.80 2.24 -16.93
C GLU A 36 0.29 2.30 -17.13
N CYS A 37 -0.44 1.50 -16.37
CA CYS A 37 -1.89 1.51 -16.45
C CYS A 37 -2.41 2.56 -15.50
N GLY A 38 -1.52 2.98 -14.62
CA GLY A 38 -1.82 3.97 -13.63
C GLY A 38 -2.90 3.51 -12.68
N LEU A 39 -3.01 2.21 -12.55
CA LEU A 39 -4.00 1.58 -11.70
C LEU A 39 -3.71 1.92 -10.24
N VAL A 40 -4.76 1.97 -9.43
CA VAL A 40 -4.60 2.31 -8.03
C VAL A 40 -5.04 1.17 -7.12
N VAL A 41 -4.10 0.69 -6.31
CA VAL A 41 -4.40 -0.37 -5.35
C VAL A 41 -3.90 0.01 -3.96
N GLY A 42 -4.75 -0.17 -2.96
CA GLY A 42 -4.37 0.15 -1.60
C GLY A 42 -5.38 1.06 -0.95
N ASP A 43 -5.04 1.57 0.22
CA ASP A 43 -5.92 2.47 0.95
C ASP A 43 -7.35 1.93 0.99
N ARG A 44 -8.31 2.80 1.26
CA ARG A 44 -9.72 2.43 1.33
C ARG A 44 -10.03 1.65 2.60
N VAL A 45 -9.66 0.37 2.63
CA VAL A 45 -9.90 -0.47 3.81
C VAL A 45 -9.19 -1.82 3.67
N ILE A 46 -8.25 -2.08 4.57
CA ILE A 46 -7.51 -3.33 4.56
C ILE A 46 -6.86 -3.59 5.93
N ASP A 47 -5.58 -3.20 6.08
CA ASP A 47 -4.85 -3.39 7.35
C ASP A 47 -5.36 -4.59 8.14
N VAL A 48 -5.43 -5.75 7.48
CA VAL A 48 -5.89 -6.97 8.13
C VAL A 48 -4.73 -7.86 8.53
N GLY A 49 -4.96 -8.71 9.53
CA GLY A 49 -3.92 -9.61 9.99
C GLY A 49 -3.49 -9.32 11.42
N SER A 50 -3.54 -10.35 12.26
CA SER A 50 -3.14 -10.20 13.66
C SER A 50 -2.01 -11.17 14.02
N GLU A 51 -0.78 -10.66 14.00
CA GLU A 51 0.39 -11.47 14.32
C GLU A 51 1.54 -10.60 14.81
N TRP A 52 1.22 -9.64 15.67
CA TRP A 52 2.22 -8.74 16.22
C TRP A 52 2.87 -7.90 15.11
N ARG A 53 3.84 -8.49 14.42
CA ARG A 53 4.52 -7.79 13.33
C ARG A 53 5.01 -6.41 13.77
N THR A 54 5.68 -6.37 14.92
CA THR A 54 6.19 -5.11 15.45
C THR A 54 7.72 -5.10 15.44
N PHE A 55 8.31 -4.09 16.07
CA PHE A 55 9.76 -3.97 16.13
C PHE A 55 10.32 -4.74 17.32
N SER A 56 10.02 -6.03 17.38
CA SER A 56 10.49 -6.87 18.47
C SER A 56 9.89 -6.44 19.80
N ASN A 57 9.86 -7.36 20.76
CA ASN A 57 9.31 -7.06 22.08
C ASN A 57 10.23 -6.13 22.87
N ASP A 58 9.65 -5.28 23.70
CA ASP A 58 10.41 -4.35 24.50
C ASP A 58 9.95 -4.36 25.96
N LYS A 59 8.71 -3.96 26.18
CA LYS A 59 8.14 -3.93 27.52
C LYS A 59 7.47 -5.26 27.86
N ALA A 2 14.35 -25.31 -2.47
CA ALA A 2 14.29 -25.63 -1.02
C ALA A 2 13.70 -27.02 -0.78
N SER A 3 13.83 -27.51 0.44
CA SER A 3 13.32 -28.83 0.80
C SER A 3 11.92 -28.73 1.38
N THR A 4 11.65 -27.62 2.08
CA THR A 4 10.35 -27.40 2.69
C THR A 4 9.96 -25.93 2.62
N SER A 5 8.69 -25.68 2.31
CA SER A 5 8.20 -24.30 2.21
C SER A 5 6.69 -24.29 1.95
N ARG A 6 5.98 -23.42 2.66
CA ARG A 6 4.54 -23.30 2.50
C ARG A 6 4.18 -22.77 1.12
N LEU A 7 2.92 -22.39 0.94
CA LEU A 7 2.45 -21.87 -0.33
C LEU A 7 3.39 -20.79 -0.87
N ASP A 8 3.19 -20.42 -2.13
CA ASP A 8 4.02 -19.40 -2.76
C ASP A 8 3.56 -18.00 -2.39
N ALA A 9 4.21 -16.99 -2.97
CA ALA A 9 3.87 -15.60 -2.69
C ALA A 9 2.40 -15.31 -3.02
N LEU A 10 1.62 -15.03 -1.99
CA LEU A 10 0.19 -14.74 -2.17
C LEU A 10 -0.01 -13.33 -2.72
N PRO A 11 0.61 -12.31 -2.10
CA PRO A 11 0.47 -10.92 -2.54
C PRO A 11 1.29 -10.63 -3.79
N ARG A 12 1.07 -9.45 -4.38
CA ARG A 12 1.79 -9.05 -5.58
C ARG A 12 2.74 -7.90 -5.28
N VAL A 13 3.98 -8.03 -5.74
CA VAL A 13 5.00 -7.00 -5.53
C VAL A 13 5.10 -6.06 -6.73
N THR A 14 4.06 -6.04 -7.55
CA THR A 14 4.03 -5.19 -8.74
C THR A 14 2.71 -5.34 -9.48
N CYS A 15 2.58 -4.64 -10.59
CA CYS A 15 1.36 -4.70 -11.39
C CYS A 15 1.23 -6.05 -12.09
N PRO A 16 0.03 -6.66 -12.03
CA PRO A 16 -0.23 -7.96 -12.66
C PRO A 16 -0.13 -7.89 -14.18
N ASN A 17 -0.45 -6.72 -14.72
CA ASN A 17 -0.40 -6.51 -16.16
C ASN A 17 0.91 -5.83 -16.57
N HIS A 18 1.60 -5.26 -15.60
CA HIS A 18 2.86 -4.59 -15.85
C HIS A 18 3.93 -5.02 -14.87
N PRO A 19 4.62 -6.14 -15.15
CA PRO A 19 5.68 -6.64 -14.28
C PRO A 19 6.79 -5.61 -14.11
N ASP A 20 7.18 -4.99 -15.22
CA ASP A 20 8.25 -4.00 -15.23
C ASP A 20 7.79 -2.67 -14.62
N ALA A 21 6.49 -2.49 -14.42
CA ALA A 21 5.99 -1.24 -13.84
C ALA A 21 5.63 -1.40 -12.36
N ILE A 22 6.53 -0.92 -11.51
CA ILE A 22 6.30 -0.96 -10.08
C ILE A 22 5.30 0.14 -9.71
N LEU A 23 4.26 -0.21 -8.95
CA LEU A 23 3.26 0.78 -8.58
C LEU A 23 3.81 1.77 -7.56
N VAL A 24 3.53 3.04 -7.77
CA VAL A 24 4.00 4.05 -6.87
C VAL A 24 3.01 4.25 -5.74
N GLU A 25 3.50 4.78 -4.63
CA GLU A 25 2.69 4.98 -3.47
C GLU A 25 1.90 6.26 -3.57
N ASP A 26 0.60 6.10 -3.43
CA ASP A 26 -0.33 7.19 -3.44
C ASP A 26 -0.60 7.78 -4.82
N TYR A 27 -1.47 7.12 -5.60
CA TYR A 27 -1.84 7.61 -6.93
C TYR A 27 -2.28 9.06 -6.81
N ARG A 28 -1.33 9.99 -7.01
CA ARG A 28 -1.63 11.42 -6.89
C ARG A 28 -1.96 11.71 -5.44
N ALA A 29 -3.15 11.28 -5.05
CA ALA A 29 -3.62 11.42 -3.68
C ALA A 29 -4.44 10.18 -3.35
N GLY A 30 -4.05 9.04 -3.94
CA GLY A 30 -4.77 7.80 -3.73
C GLY A 30 -3.92 6.66 -3.18
N ASP A 31 -4.12 5.48 -3.77
CA ASP A 31 -3.41 4.26 -3.36
C ASP A 31 -2.11 4.05 -4.15
N MET A 32 -1.90 2.86 -4.68
CA MET A 32 -0.70 2.55 -5.44
C MET A 32 -0.95 2.69 -6.94
N ILE A 33 -0.26 3.60 -7.57
CA ILE A 33 -0.45 3.90 -8.99
C ILE A 33 0.58 3.24 -9.89
N CYS A 34 0.12 2.44 -10.84
CA CYS A 34 1.02 1.81 -11.78
C CYS A 34 1.20 2.75 -12.96
N PRO A 35 2.32 3.51 -13.01
CA PRO A 35 2.60 4.47 -14.07
C PRO A 35 2.21 4.00 -15.47
N GLU A 36 2.08 2.70 -15.63
CA GLU A 36 1.75 2.13 -16.92
C GLU A 36 0.25 2.08 -17.15
N CYS A 37 -0.45 1.30 -16.35
CA CYS A 37 -1.90 1.22 -16.45
C CYS A 37 -2.49 2.28 -15.55
N GLY A 38 -1.66 2.70 -14.61
CA GLY A 38 -2.02 3.70 -13.65
C GLY A 38 -3.09 3.22 -12.70
N LEU A 39 -3.08 1.91 -12.46
CA LEU A 39 -4.02 1.29 -11.55
C LEU A 39 -3.75 1.71 -10.12
N VAL A 40 -4.82 1.83 -9.34
CA VAL A 40 -4.72 2.23 -7.96
C VAL A 40 -5.05 1.06 -7.04
N VAL A 41 -4.09 0.69 -6.20
CA VAL A 41 -4.29 -0.39 -5.26
C VAL A 41 -4.05 0.09 -3.83
N GLY A 42 -5.02 -0.11 -2.95
CA GLY A 42 -4.88 0.31 -1.57
C GLY A 42 -6.02 1.22 -1.17
N ASP A 43 -5.78 2.05 -0.16
CA ASP A 43 -6.79 2.99 0.35
C ASP A 43 -7.26 2.61 1.75
N ARG A 44 -6.42 1.89 2.49
CA ARG A 44 -6.75 1.48 3.85
C ARG A 44 -5.61 0.69 4.49
N VAL A 45 -5.73 0.44 5.78
CA VAL A 45 -4.71 -0.30 6.51
C VAL A 45 -5.19 -1.72 6.82
N ILE A 46 -4.32 -2.69 6.57
CA ILE A 46 -4.65 -4.10 6.81
C ILE A 46 -5.11 -4.30 8.25
N ASP A 47 -6.35 -4.77 8.41
CA ASP A 47 -6.92 -5.02 9.72
C ASP A 47 -6.05 -5.97 10.52
N VAL A 48 -5.21 -5.41 11.39
CA VAL A 48 -4.32 -6.21 12.22
C VAL A 48 -3.99 -5.49 13.53
N GLY A 49 -4.93 -4.67 14.00
CA GLY A 49 -4.73 -3.94 15.23
C GLY A 49 -5.01 -4.79 16.46
N SER A 50 -4.27 -5.89 16.59
CA SER A 50 -4.44 -6.78 17.73
C SER A 50 -3.10 -7.37 18.17
N GLU A 51 -2.03 -6.61 17.96
CA GLU A 51 -0.69 -7.05 18.33
C GLU A 51 0.23 -5.85 18.58
N TRP A 52 0.12 -5.27 19.77
CA TRP A 52 0.94 -4.12 20.13
C TRP A 52 0.66 -2.94 19.21
N ARG A 53 1.44 -2.81 18.14
CA ARG A 53 1.27 -1.73 17.17
C ARG A 53 1.04 -0.39 17.88
N THR A 54 1.82 -0.14 18.92
CA THR A 54 1.70 1.11 19.68
C THR A 54 2.89 2.02 19.41
N PHE A 55 2.92 3.16 20.10
CA PHE A 55 3.99 4.13 19.93
C PHE A 55 5.00 4.01 21.06
N SER A 56 5.26 2.78 21.49
CA SER A 56 6.21 2.53 22.57
C SER A 56 5.77 3.21 23.86
N ASN A 57 6.59 3.09 24.90
CA ASN A 57 6.28 3.69 26.19
C ASN A 57 7.35 4.69 26.60
N ASP A 58 7.23 5.22 27.82
CA ASP A 58 8.20 6.19 28.33
C ASP A 58 8.92 5.64 29.56
N LYS A 59 8.17 4.99 30.44
CA LYS A 59 8.75 4.42 31.66
C LYS A 59 9.14 2.96 31.44
N ALA A 2 11.20 -25.53 10.05
CA ALA A 2 10.05 -24.65 10.42
C ALA A 2 9.40 -24.05 9.18
N SER A 3 8.15 -23.61 9.33
CA SER A 3 7.41 -23.03 8.22
C SER A 3 7.03 -21.58 8.52
N THR A 4 7.86 -20.65 8.06
CA THR A 4 7.62 -19.23 8.28
C THR A 4 8.38 -18.38 7.28
N SER A 5 7.90 -18.37 6.04
CA SER A 5 8.53 -17.59 4.97
C SER A 5 7.65 -17.54 3.73
N ARG A 6 7.69 -18.62 2.95
CA ARG A 6 6.89 -18.70 1.72
C ARG A 6 7.13 -17.50 0.82
N LEU A 7 6.36 -17.39 -0.25
CA LEU A 7 6.49 -16.30 -1.19
C LEU A 7 5.39 -15.25 -0.97
N ASP A 8 5.40 -14.20 -1.78
CA ASP A 8 4.41 -13.14 -1.68
C ASP A 8 3.31 -13.31 -2.71
N ALA A 9 2.20 -13.94 -2.30
CA ALA A 9 1.08 -14.17 -3.20
C ALA A 9 -0.25 -14.00 -2.47
N LEU A 10 -0.21 -13.39 -1.29
CA LEU A 10 -1.43 -13.16 -0.51
C LEU A 10 -1.96 -11.74 -0.69
N PRO A 11 -1.09 -10.72 -0.51
CA PRO A 11 -1.50 -9.32 -0.66
C PRO A 11 -1.42 -8.83 -2.10
N ARG A 12 -0.24 -8.36 -2.52
CA ARG A 12 -0.05 -7.87 -3.88
C ARG A 12 1.39 -7.40 -4.10
N VAL A 13 1.99 -7.84 -5.20
CA VAL A 13 3.36 -7.47 -5.53
C VAL A 13 3.46 -6.93 -6.94
N THR A 14 3.64 -5.63 -7.07
CA THR A 14 3.75 -4.98 -8.37
C THR A 14 2.47 -5.17 -9.18
N CYS A 15 2.44 -4.59 -10.37
CA CYS A 15 1.28 -4.68 -11.24
C CYS A 15 1.17 -6.07 -11.88
N PRO A 16 -0.03 -6.68 -11.85
CA PRO A 16 -0.25 -8.00 -12.43
C PRO A 16 -0.15 -7.96 -13.95
N ASN A 17 -0.42 -6.80 -14.53
CA ASN A 17 -0.36 -6.62 -15.97
C ASN A 17 0.96 -5.95 -16.37
N HIS A 18 1.63 -5.34 -15.39
CA HIS A 18 2.89 -4.68 -15.64
C HIS A 18 3.95 -5.08 -14.63
N PRO A 19 4.64 -6.21 -14.87
CA PRO A 19 5.68 -6.68 -13.96
C PRO A 19 6.81 -5.66 -13.83
N ASP A 20 7.23 -5.10 -14.96
CA ASP A 20 8.31 -4.12 -14.99
C ASP A 20 7.87 -2.75 -14.45
N ALA A 21 6.56 -2.53 -14.30
CA ALA A 21 6.09 -1.25 -13.80
C ALA A 21 5.69 -1.32 -12.33
N ILE A 22 6.58 -0.82 -11.47
CA ILE A 22 6.32 -0.79 -10.05
C ILE A 22 5.31 0.32 -9.76
N LEU A 23 4.21 0.00 -9.10
CA LEU A 23 3.20 1.02 -8.81
C LEU A 23 3.74 2.01 -7.81
N VAL A 24 3.31 3.26 -7.90
CA VAL A 24 3.78 4.25 -7.00
C VAL A 24 2.83 4.43 -5.83
N GLU A 25 3.41 4.74 -4.69
CA GLU A 25 2.66 4.91 -3.48
C GLU A 25 1.86 6.18 -3.54
N ASP A 26 0.58 6.03 -3.34
CA ASP A 26 -0.36 7.12 -3.32
C ASP A 26 -0.66 7.73 -4.69
N TYR A 27 -1.56 7.09 -5.43
CA TYR A 27 -1.97 7.58 -6.74
C TYR A 27 -2.49 9.00 -6.63
N ARG A 28 -1.65 9.96 -6.98
CA ARG A 28 -2.05 11.37 -6.92
C ARG A 28 -2.74 11.66 -5.58
N ALA A 29 -2.21 11.05 -4.51
CA ALA A 29 -2.76 11.20 -3.17
C ALA A 29 -3.78 10.10 -2.88
N GLY A 30 -3.54 8.91 -3.43
CA GLY A 30 -4.44 7.79 -3.23
C GLY A 30 -3.71 6.51 -2.84
N ASP A 31 -3.93 5.46 -3.63
CA ASP A 31 -3.29 4.16 -3.37
C ASP A 31 -2.04 3.98 -4.24
N MET A 32 -1.87 2.81 -4.85
CA MET A 32 -0.70 2.54 -5.68
C MET A 32 -1.03 2.70 -7.17
N ILE A 33 -0.39 3.66 -7.80
CA ILE A 33 -0.62 3.98 -9.20
C ILE A 33 0.43 3.34 -10.11
N CYS A 34 -0.01 2.53 -11.07
CA CYS A 34 0.92 1.92 -12.01
C CYS A 34 1.13 2.85 -13.19
N PRO A 35 2.25 3.58 -13.23
CA PRO A 35 2.56 4.53 -14.32
C PRO A 35 2.19 4.03 -15.71
N GLU A 36 2.04 2.72 -15.85
CA GLU A 36 1.73 2.11 -17.12
C GLU A 36 0.24 2.07 -17.38
N CYS A 37 -0.49 1.31 -16.58
CA CYS A 37 -1.94 1.25 -16.71
C CYS A 37 -2.54 2.33 -15.83
N GLY A 38 -1.72 2.74 -14.87
CA GLY A 38 -2.08 3.76 -13.94
C GLY A 38 -3.15 3.30 -12.98
N LEU A 39 -3.15 2.00 -12.70
CA LEU A 39 -4.10 1.40 -11.79
C LEU A 39 -3.82 1.83 -10.37
N VAL A 40 -4.87 1.97 -9.58
CA VAL A 40 -4.76 2.35 -8.19
C VAL A 40 -5.03 1.15 -7.31
N VAL A 41 -4.05 0.76 -6.51
CA VAL A 41 -4.21 -0.38 -5.63
C VAL A 41 -3.89 0.00 -4.19
N GLY A 42 -4.75 -0.41 -3.26
CA GLY A 42 -4.51 -0.12 -1.87
C GLY A 42 -5.69 0.52 -1.19
N ASP A 43 -5.69 0.45 0.13
CA ASP A 43 -6.76 1.02 0.94
C ASP A 43 -6.49 0.76 2.41
N ARG A 44 -5.45 1.43 2.95
CA ARG A 44 -5.04 1.29 4.35
C ARG A 44 -6.11 0.68 5.25
N VAL A 45 -7.30 1.27 5.24
CA VAL A 45 -8.41 0.80 6.06
C VAL A 45 -8.48 -0.73 6.11
N ILE A 46 -7.98 -1.30 7.20
CA ILE A 46 -7.98 -2.75 7.38
C ILE A 46 -9.17 -3.20 8.22
N ASP A 47 -9.48 -2.44 9.26
CA ASP A 47 -10.59 -2.76 10.15
C ASP A 47 -11.91 -2.23 9.59
N VAL A 48 -13.00 -2.53 10.28
CA VAL A 48 -14.32 -2.10 9.86
C VAL A 48 -14.82 -0.94 10.72
N GLY A 49 -14.42 -0.95 11.99
CA GLY A 49 -14.85 0.10 12.90
C GLY A 49 -16.13 -0.25 13.64
N SER A 50 -16.96 0.76 13.88
CA SER A 50 -18.22 0.56 14.57
C SER A 50 -17.99 -0.02 15.97
N GLU A 51 -17.02 0.54 16.67
CA GLU A 51 -16.69 0.09 18.03
C GLU A 51 -17.07 1.15 19.06
N TRP A 52 -16.36 2.27 19.03
CA TRP A 52 -16.61 3.36 19.97
C TRP A 52 -16.01 4.67 19.47
N ARG A 53 -14.80 4.60 18.90
CA ARG A 53 -14.12 5.78 18.38
C ARG A 53 -13.40 6.55 19.49
N THR A 54 -14.13 6.85 20.57
CA THR A 54 -13.55 7.58 21.69
C THR A 54 -12.20 7.02 22.10
N PHE A 55 -11.28 7.90 22.49
CA PHE A 55 -9.94 7.50 22.90
C PHE A 55 -9.33 8.52 23.84
N SER A 56 -8.78 8.04 24.96
CA SER A 56 -8.16 8.91 25.94
C SER A 56 -9.16 9.93 26.48
N ASN A 57 -9.90 9.54 27.51
CA ASN A 57 -10.90 10.42 28.11
C ASN A 57 -10.24 11.69 28.66
N ASP A 58 -11.06 12.59 29.18
CA ASP A 58 -10.56 13.85 29.73
C ASP A 58 -9.66 13.60 30.93
N LYS A 59 -9.96 12.56 31.70
CA LYS A 59 -9.17 12.20 32.86
C LYS A 59 -7.91 11.43 32.46
N ALA A 2 6.40 -26.17 3.47
CA ALA A 2 6.59 -26.36 4.94
C ALA A 2 5.37 -27.02 5.56
N SER A 3 5.49 -27.39 6.83
CA SER A 3 4.40 -28.04 7.55
C SER A 3 3.65 -27.03 8.43
N THR A 4 3.61 -25.78 7.98
CA THR A 4 2.93 -24.73 8.72
C THR A 4 2.11 -23.85 7.79
N SER A 5 2.72 -23.44 6.69
CA SER A 5 2.04 -22.59 5.71
C SER A 5 1.15 -23.42 4.79
N ARG A 6 0.67 -22.80 3.72
CA ARG A 6 -0.20 -23.49 2.77
C ARG A 6 0.07 -23.01 1.34
N LEU A 7 -0.03 -21.71 1.13
CA LEU A 7 0.20 -21.14 -0.19
C LEU A 7 1.51 -20.34 -0.22
N ASP A 8 1.70 -19.47 0.77
CA ASP A 8 2.90 -18.65 0.87
C ASP A 8 3.02 -17.72 -0.33
N ALA A 9 3.49 -18.25 -1.45
CA ALA A 9 3.65 -17.45 -2.67
C ALA A 9 2.30 -16.96 -3.18
N LEU A 10 2.15 -15.64 -3.28
CA LEU A 10 0.91 -15.04 -3.75
C LEU A 10 1.04 -13.52 -3.82
N PRO A 11 1.27 -12.85 -2.68
CA PRO A 11 1.41 -11.40 -2.62
C PRO A 11 2.52 -10.87 -3.53
N ARG A 12 2.19 -9.89 -4.37
CA ARG A 12 3.15 -9.30 -5.28
C ARG A 12 3.10 -7.78 -5.21
N VAL A 13 4.26 -7.15 -5.27
CA VAL A 13 4.35 -5.70 -5.21
C VAL A 13 4.50 -5.09 -6.60
N THR A 14 3.86 -5.72 -7.58
CA THR A 14 3.94 -5.23 -8.96
C THR A 14 2.61 -5.47 -9.69
N CYS A 15 2.39 -4.68 -10.73
CA CYS A 15 1.18 -4.78 -11.53
C CYS A 15 1.12 -6.12 -12.27
N PRO A 16 -0.05 -6.79 -12.27
CA PRO A 16 -0.21 -8.07 -12.95
C PRO A 16 -0.09 -7.94 -14.46
N ASN A 17 -0.44 -6.76 -14.97
CA ASN A 17 -0.36 -6.47 -16.39
C ASN A 17 0.95 -5.78 -16.72
N HIS A 18 1.59 -5.21 -15.71
CA HIS A 18 2.85 -4.53 -15.90
C HIS A 18 3.89 -4.98 -14.88
N PRO A 19 4.62 -6.07 -15.19
CA PRO A 19 5.65 -6.57 -14.28
C PRO A 19 6.76 -5.54 -14.07
N ASP A 20 7.20 -4.92 -15.16
CA ASP A 20 8.26 -3.92 -15.10
C ASP A 20 7.78 -2.61 -14.48
N ALA A 21 6.47 -2.41 -14.35
CA ALA A 21 5.96 -1.18 -13.75
C ALA A 21 5.55 -1.40 -12.30
N ILE A 22 6.37 -0.88 -11.39
CA ILE A 22 6.10 -0.97 -9.98
C ILE A 22 5.12 0.11 -9.56
N LEU A 23 4.04 -0.26 -8.89
CA LEU A 23 3.04 0.71 -8.46
C LEU A 23 3.64 1.64 -7.40
N VAL A 24 3.34 2.92 -7.51
CA VAL A 24 3.86 3.88 -6.57
C VAL A 24 2.94 4.03 -5.37
N GLU A 25 3.55 4.20 -4.21
CA GLU A 25 2.84 4.33 -2.96
C GLU A 25 2.29 5.74 -2.83
N ASP A 26 0.99 5.79 -2.71
CA ASP A 26 0.29 7.05 -2.60
C ASP A 26 0.60 7.96 -3.77
N TYR A 27 -0.33 8.05 -4.72
CA TYR A 27 -0.16 8.89 -5.89
C TYR A 27 -1.50 9.13 -6.58
N ARG A 28 -1.54 10.16 -7.42
CA ARG A 28 -2.75 10.52 -8.13
C ARG A 28 -3.89 10.67 -7.12
N ALA A 29 -3.56 11.25 -5.98
CA ALA A 29 -4.53 11.43 -4.92
C ALA A 29 -5.11 10.07 -4.54
N GLY A 30 -4.28 9.03 -4.68
CA GLY A 30 -4.73 7.69 -4.38
C GLY A 30 -3.72 6.85 -3.62
N ASP A 31 -3.92 5.54 -3.70
CA ASP A 31 -3.07 4.56 -3.01
C ASP A 31 -1.85 4.17 -3.84
N MET A 32 -1.91 3.05 -4.52
CA MET A 32 -0.79 2.60 -5.32
C MET A 32 -1.07 2.72 -6.80
N ILE A 33 -0.35 3.60 -7.45
CA ILE A 33 -0.56 3.88 -8.86
C ILE A 33 0.47 3.21 -9.76
N CYS A 34 0.02 2.43 -10.75
CA CYS A 34 0.94 1.81 -11.69
C CYS A 34 1.14 2.76 -12.85
N PRO A 35 2.25 3.52 -12.89
CA PRO A 35 2.54 4.49 -13.94
C PRO A 35 2.17 4.01 -15.35
N GLU A 36 2.06 2.72 -15.52
CA GLU A 36 1.76 2.14 -16.81
C GLU A 36 0.26 2.13 -17.07
N CYS A 37 -0.47 1.36 -16.29
CA CYS A 37 -1.92 1.32 -16.42
C CYS A 37 -2.51 2.39 -15.52
N GLY A 38 -1.67 2.80 -14.59
CA GLY A 38 -2.02 3.81 -13.63
C GLY A 38 -3.08 3.34 -12.68
N LEU A 39 -3.08 2.04 -12.45
CA LEU A 39 -4.04 1.40 -11.57
C LEU A 39 -3.79 1.82 -10.13
N VAL A 40 -4.86 2.02 -9.40
CA VAL A 40 -4.76 2.41 -8.01
C VAL A 40 -5.21 1.29 -7.10
N VAL A 41 -4.31 0.80 -6.26
CA VAL A 41 -4.67 -0.25 -5.31
C VAL A 41 -4.70 0.41 -3.94
N GLY A 42 -4.71 -0.37 -2.87
CA GLY A 42 -4.74 0.20 -1.56
C GLY A 42 -3.35 0.52 -1.08
N ASP A 43 -3.20 0.67 0.22
CA ASP A 43 -1.90 0.98 0.76
C ASP A 43 -1.89 0.82 2.28
N ARG A 44 -2.98 1.24 2.92
CA ARG A 44 -3.11 1.16 4.37
C ARG A 44 -2.22 2.21 5.04
N VAL A 45 -0.94 1.89 5.20
CA VAL A 45 0.03 2.81 5.82
C VAL A 45 -0.59 3.58 7.00
N ILE A 46 0.03 4.70 7.38
CA ILE A 46 -0.47 5.50 8.48
C ILE A 46 -0.14 6.98 8.25
N ASP A 47 -0.90 7.87 8.89
CA ASP A 47 -0.69 9.30 8.75
C ASP A 47 0.78 9.67 8.93
N VAL A 48 1.50 9.78 7.81
CA VAL A 48 2.92 10.11 7.84
C VAL A 48 3.13 11.63 7.91
N GLY A 49 4.32 12.02 8.33
CA GLY A 49 4.63 13.44 8.44
C GLY A 49 3.95 14.08 9.63
N SER A 50 4.23 13.58 10.82
CA SER A 50 3.65 14.12 12.04
C SER A 50 4.64 14.07 13.19
N GLU A 51 5.32 15.20 13.42
CA GLU A 51 6.31 15.29 14.48
C GLU A 51 6.25 16.66 15.17
N TRP A 52 5.03 17.15 15.38
CA TRP A 52 4.82 18.44 16.02
C TRP A 52 5.27 19.59 15.13
N ARG A 53 6.56 19.60 14.76
CA ARG A 53 7.12 20.64 13.92
C ARG A 53 7.34 21.93 14.70
N THR A 54 8.58 22.14 15.13
CA THR A 54 8.94 23.33 15.90
C THR A 54 10.44 23.60 15.80
N PHE A 55 10.87 24.69 16.44
CA PHE A 55 12.29 25.05 16.41
C PHE A 55 12.78 25.39 17.82
N SER A 56 13.51 24.47 18.42
CA SER A 56 14.04 24.67 19.77
C SER A 56 12.91 24.90 20.77
N ASN A 57 13.27 24.98 22.05
CA ASN A 57 12.28 25.21 23.11
C ASN A 57 12.73 26.34 24.02
N ASP A 58 11.83 26.77 24.89
CA ASP A 58 12.11 27.85 25.83
C ASP A 58 12.47 27.31 27.20
N LYS A 59 11.77 26.25 27.61
CA LYS A 59 12.00 25.64 28.91
C LYS A 59 13.09 24.57 28.82
N ALA A 2 -8.98 -16.72 11.28
CA ALA A 2 -9.43 -15.41 11.83
C ALA A 2 -10.85 -15.09 11.38
N SER A 3 -11.82 -15.42 12.22
CA SER A 3 -13.22 -15.17 11.91
C SER A 3 -13.50 -13.67 11.81
N THR A 4 -12.77 -12.89 12.60
CA THR A 4 -12.93 -11.44 12.61
C THR A 4 -12.64 -10.85 11.23
N SER A 5 -11.39 -10.97 10.78
CA SER A 5 -10.99 -10.45 9.49
C SER A 5 -11.78 -11.12 8.37
N ARG A 6 -11.55 -10.67 7.14
CA ARG A 6 -12.24 -11.22 5.98
C ARG A 6 -11.29 -11.40 4.80
N LEU A 7 -10.94 -10.30 4.15
CA LEU A 7 -10.03 -10.33 3.01
C LEU A 7 -8.68 -9.74 3.36
N ASP A 8 -7.80 -10.56 3.92
CA ASP A 8 -6.47 -10.11 4.31
C ASP A 8 -5.41 -11.09 3.83
N ALA A 9 -5.19 -11.13 2.52
CA ALA A 9 -4.19 -12.03 1.94
C ALA A 9 -3.91 -11.67 0.48
N LEU A 10 -3.88 -10.37 0.20
CA LEU A 10 -3.62 -9.89 -1.15
C LEU A 10 -2.49 -8.85 -1.17
N PRO A 11 -1.34 -9.18 -0.57
CA PRO A 11 -0.19 -8.27 -0.51
C PRO A 11 0.59 -8.22 -1.81
N ARG A 12 0.05 -7.50 -2.79
CA ARG A 12 0.72 -7.37 -4.09
C ARG A 12 1.74 -6.23 -4.06
N VAL A 13 2.86 -6.45 -4.73
CA VAL A 13 3.92 -5.44 -4.78
C VAL A 13 4.29 -5.09 -6.22
N THR A 14 3.41 -5.40 -7.15
CA THR A 14 3.65 -5.11 -8.56
C THR A 14 2.36 -5.24 -9.37
N CYS A 15 2.41 -4.79 -10.62
CA CYS A 15 1.25 -4.86 -11.50
C CYS A 15 1.08 -6.26 -12.09
N PRO A 16 -0.15 -6.79 -12.09
CA PRO A 16 -0.42 -8.12 -12.65
C PRO A 16 -0.26 -8.13 -14.16
N ASN A 17 -0.30 -6.95 -14.77
CA ASN A 17 -0.16 -6.80 -16.21
C ASN A 17 1.12 -6.04 -16.58
N HIS A 18 1.76 -5.43 -15.57
CA HIS A 18 2.98 -4.69 -15.80
C HIS A 18 4.06 -5.10 -14.79
N PRO A 19 4.84 -6.15 -15.11
CA PRO A 19 5.91 -6.63 -14.23
C PRO A 19 6.96 -5.57 -13.96
N ASP A 20 7.25 -4.76 -14.98
CA ASP A 20 8.23 -3.69 -14.85
C ASP A 20 7.65 -2.48 -14.13
N ALA A 21 6.35 -2.25 -14.32
CA ALA A 21 5.67 -1.12 -13.69
C ALA A 21 5.43 -1.38 -12.21
N ILE A 22 6.42 -1.00 -11.41
CA ILE A 22 6.35 -1.20 -9.96
C ILE A 22 5.43 -0.20 -9.26
N LEU A 23 4.12 -0.38 -9.49
CA LEU A 23 3.09 0.48 -8.89
C LEU A 23 3.66 1.35 -7.79
N VAL A 24 3.72 2.63 -8.03
CA VAL A 24 4.27 3.55 -7.06
C VAL A 24 3.25 3.86 -5.97
N GLU A 25 3.73 4.47 -4.91
CA GLU A 25 2.89 4.80 -3.78
C GLU A 25 2.14 6.07 -4.05
N ASP A 26 0.84 5.98 -3.84
CA ASP A 26 -0.06 7.09 -4.02
C ASP A 26 -0.56 7.22 -5.46
N TYR A 27 -1.05 8.42 -5.78
CA TYR A 27 -1.59 8.76 -7.12
C TYR A 27 -2.57 9.90 -6.98
N ARG A 28 -2.04 11.11 -6.83
CA ARG A 28 -2.91 12.26 -6.65
C ARG A 28 -3.72 12.10 -5.38
N ALA A 29 -3.05 11.61 -4.34
CA ALA A 29 -3.68 11.36 -3.05
C ALA A 29 -4.44 10.03 -3.10
N GLY A 30 -3.81 9.03 -3.71
CA GLY A 30 -4.45 7.73 -3.84
C GLY A 30 -3.62 6.58 -3.28
N ASP A 31 -3.88 5.38 -3.79
CA ASP A 31 -3.20 4.16 -3.36
C ASP A 31 -1.94 3.92 -4.20
N MET A 32 -1.74 2.67 -4.62
CA MET A 32 -0.58 2.30 -5.42
C MET A 32 -0.85 2.50 -6.90
N ILE A 33 -0.11 3.38 -7.52
CA ILE A 33 -0.30 3.74 -8.91
C ILE A 33 0.67 3.06 -9.84
N CYS A 34 0.13 2.34 -10.83
CA CYS A 34 0.97 1.70 -11.81
C CYS A 34 1.20 2.69 -12.95
N PRO A 35 2.32 3.42 -12.94
CA PRO A 35 2.65 4.41 -13.97
C PRO A 35 2.32 3.95 -15.39
N GLU A 36 2.10 2.66 -15.56
CA GLU A 36 1.81 2.10 -16.87
C GLU A 36 0.32 2.19 -17.17
N CYS A 37 -0.48 1.45 -16.44
CA CYS A 37 -1.93 1.50 -16.62
C CYS A 37 -2.48 2.55 -15.68
N GLY A 38 -1.66 2.86 -14.69
CA GLY A 38 -1.99 3.84 -13.70
C GLY A 38 -3.10 3.38 -12.79
N LEU A 39 -3.05 2.11 -12.47
CA LEU A 39 -4.03 1.46 -11.61
C LEU A 39 -3.75 1.80 -10.15
N VAL A 40 -4.81 1.90 -9.36
CA VAL A 40 -4.68 2.25 -7.95
C VAL A 40 -5.06 1.08 -7.04
N VAL A 41 -4.10 0.63 -6.24
CA VAL A 41 -4.35 -0.46 -5.30
C VAL A 41 -3.99 -0.03 -3.89
N GLY A 42 -4.89 -0.25 -2.93
CA GLY A 42 -4.62 0.12 -1.56
C GLY A 42 -5.74 0.93 -0.97
N ASP A 43 -5.53 1.43 0.24
CA ASP A 43 -6.53 2.23 0.91
C ASP A 43 -6.08 3.69 1.04
N ARG A 44 -7.00 4.61 0.79
CA ARG A 44 -6.71 6.03 0.88
C ARG A 44 -7.10 6.58 2.25
N VAL A 45 -6.26 6.32 3.25
CA VAL A 45 -6.52 6.79 4.60
C VAL A 45 -5.22 7.05 5.36
N ILE A 46 -5.34 7.56 6.59
CA ILE A 46 -4.18 7.85 7.42
C ILE A 46 -3.60 9.22 7.10
N ASP A 47 -2.92 9.82 8.07
CA ASP A 47 -2.32 11.14 7.89
C ASP A 47 -3.40 12.20 7.65
N VAL A 48 -3.19 13.37 8.23
CA VAL A 48 -4.15 14.46 8.08
C VAL A 48 -3.43 15.80 7.85
N GLY A 49 -2.95 16.40 8.93
CA GLY A 49 -2.24 17.67 8.83
C GLY A 49 -1.96 18.29 10.17
N SER A 50 -1.08 19.29 10.20
CA SER A 50 -0.73 19.97 11.44
C SER A 50 -0.15 18.99 12.44
N GLU A 51 1.14 18.71 12.32
CA GLU A 51 1.83 17.79 13.23
C GLU A 51 2.99 18.47 13.94
N TRP A 52 2.95 19.80 14.00
CA TRP A 52 4.02 20.56 14.66
C TRP A 52 5.37 20.24 14.03
N ARG A 53 6.45 20.46 14.80
CA ARG A 53 7.81 20.21 14.33
C ARG A 53 8.33 21.38 13.50
N THR A 54 9.39 22.01 13.99
CA THR A 54 9.99 23.14 13.30
C THR A 54 11.51 23.03 13.30
N PHE A 55 12.18 24.13 12.94
CA PHE A 55 13.65 24.14 12.91
C PHE A 55 14.21 24.49 14.28
N SER A 56 13.92 23.64 15.27
CA SER A 56 14.40 23.85 16.63
C SER A 56 13.82 25.14 17.22
N ASN A 57 13.94 25.29 18.53
CA ASN A 57 13.43 26.46 19.22
C ASN A 57 14.55 27.46 19.51
N ASP A 58 14.41 28.68 19.00
CA ASP A 58 15.42 29.71 19.20
C ASP A 58 15.42 30.18 20.66
N LYS A 59 14.25 30.14 21.28
CA LYS A 59 14.11 30.57 22.68
C LYS A 59 13.74 29.39 23.56
N ALA A 2 6.03 -29.80 -4.75
CA ALA A 2 5.71 -29.54 -3.31
C ALA A 2 4.28 -29.96 -2.98
N SER A 3 4.15 -30.90 -2.05
CA SER A 3 2.84 -31.38 -1.65
C SER A 3 2.39 -30.72 -0.35
N THR A 4 2.85 -29.49 -0.13
CA THR A 4 2.49 -28.75 1.08
C THR A 4 3.11 -27.36 1.06
N SER A 5 2.37 -26.39 0.55
CA SER A 5 2.85 -25.01 0.47
C SER A 5 1.70 -24.03 0.62
N ARG A 6 1.98 -22.87 1.22
CA ARG A 6 0.97 -21.84 1.42
C ARG A 6 0.80 -21.01 0.16
N LEU A 7 -0.44 -20.59 -0.09
CA LEU A 7 -0.74 -19.77 -1.27
C LEU A 7 -0.31 -18.32 -1.06
N ASP A 8 0.49 -17.81 -1.99
CA ASP A 8 0.97 -16.44 -1.91
C ASP A 8 -0.17 -15.45 -2.24
N ALA A 9 0.07 -14.52 -3.17
CA ALA A 9 -0.94 -13.54 -3.56
C ALA A 9 -1.09 -12.44 -2.52
N LEU A 10 -1.39 -12.84 -1.27
CA LEU A 10 -1.57 -11.92 -0.15
C LEU A 10 -1.34 -10.45 -0.53
N PRO A 11 -0.07 -10.06 -0.78
CA PRO A 11 0.25 -8.68 -1.15
C PRO A 11 -0.16 -8.33 -2.59
N ARG A 12 0.75 -8.50 -3.54
CA ARG A 12 0.48 -8.20 -4.95
C ARG A 12 1.77 -8.26 -5.76
N VAL A 13 2.78 -7.55 -5.29
CA VAL A 13 4.08 -7.51 -5.96
C VAL A 13 3.97 -6.92 -7.37
N THR A 14 4.21 -5.62 -7.47
CA THR A 14 4.15 -4.93 -8.75
C THR A 14 2.81 -5.15 -9.45
N CYS A 15 2.70 -4.63 -10.67
CA CYS A 15 1.48 -4.76 -11.46
C CYS A 15 1.33 -6.17 -12.01
N PRO A 16 0.12 -6.76 -11.91
CA PRO A 16 -0.13 -8.11 -12.43
C PRO A 16 0.03 -8.18 -13.94
N ASN A 17 -0.05 -7.03 -14.60
CA ASN A 17 0.10 -6.97 -16.06
C ASN A 17 1.32 -6.14 -16.46
N HIS A 18 1.91 -5.44 -15.49
CA HIS A 18 3.10 -4.64 -15.78
C HIS A 18 4.20 -4.93 -14.77
N PRO A 19 5.05 -5.92 -15.04
CA PRO A 19 6.15 -6.29 -14.15
C PRO A 19 7.11 -5.13 -13.93
N ASP A 20 7.30 -4.32 -14.97
CA ASP A 20 8.19 -3.17 -14.90
C ASP A 20 7.51 -1.98 -14.22
N ALA A 21 6.18 -1.94 -14.29
CA ALA A 21 5.42 -0.84 -13.69
C ALA A 21 5.17 -1.09 -12.20
N ILE A 22 6.16 -0.73 -11.40
CA ILE A 22 6.11 -0.92 -9.96
C ILE A 22 5.13 0.04 -9.28
N LEU A 23 3.82 -0.22 -9.44
CA LEU A 23 2.77 0.61 -8.84
C LEU A 23 3.35 1.51 -7.75
N VAL A 24 3.33 2.79 -7.99
CA VAL A 24 3.89 3.73 -7.03
C VAL A 24 2.94 4.02 -5.90
N GLU A 25 3.49 4.52 -4.82
CA GLU A 25 2.74 4.82 -3.63
C GLU A 25 2.01 6.12 -3.80
N ASP A 26 0.78 6.09 -3.35
CA ASP A 26 -0.10 7.22 -3.39
C ASP A 26 -0.40 7.73 -4.80
N TYR A 27 -1.43 7.15 -5.42
CA TYR A 27 -1.85 7.57 -6.76
C TYR A 27 -2.23 9.04 -6.74
N ARG A 28 -1.25 9.91 -6.92
CA ARG A 28 -1.52 11.34 -6.92
C ARG A 28 -2.32 11.71 -5.67
N ALA A 29 -1.84 11.25 -4.52
CA ALA A 29 -2.49 11.50 -3.23
C ALA A 29 -3.51 10.40 -2.93
N GLY A 30 -3.23 9.20 -3.42
CA GLY A 30 -4.13 8.08 -3.21
C GLY A 30 -3.40 6.83 -2.75
N ASP A 31 -3.66 5.71 -3.41
CA ASP A 31 -3.03 4.44 -3.05
C ASP A 31 -1.91 4.08 -4.03
N MET A 32 -1.93 2.88 -4.59
CA MET A 32 -0.88 2.44 -5.49
C MET A 32 -1.25 2.59 -6.97
N ILE A 33 -0.50 3.43 -7.66
CA ILE A 33 -0.74 3.73 -9.06
C ILE A 33 0.31 3.07 -9.97
N CYS A 34 -0.15 2.27 -10.93
CA CYS A 34 0.75 1.63 -11.87
C CYS A 34 1.00 2.58 -13.03
N PRO A 35 2.11 3.34 -13.01
CA PRO A 35 2.45 4.30 -14.06
C PRO A 35 2.18 3.80 -15.48
N GLU A 36 2.00 2.51 -15.64
CA GLU A 36 1.76 1.93 -16.96
C GLU A 36 0.29 1.92 -17.30
N CYS A 37 -0.49 1.16 -16.55
CA CYS A 37 -1.94 1.14 -16.76
C CYS A 37 -2.56 2.20 -15.89
N GLY A 38 -1.79 2.58 -14.88
CA GLY A 38 -2.19 3.57 -13.93
C GLY A 38 -3.31 3.09 -13.07
N LEU A 39 -3.26 1.81 -12.76
CA LEU A 39 -4.25 1.16 -11.94
C LEU A 39 -4.06 1.59 -10.49
N VAL A 40 -5.17 1.73 -9.76
CA VAL A 40 -5.11 2.21 -8.41
C VAL A 40 -5.53 1.15 -7.41
N VAL A 41 -4.63 0.81 -6.50
CA VAL A 41 -4.92 -0.19 -5.49
C VAL A 41 -4.50 0.27 -4.10
N GLY A 42 -5.36 -0.03 -3.11
CA GLY A 42 -5.06 0.33 -1.74
C GLY A 42 -6.20 1.07 -1.07
N ASP A 43 -6.21 0.98 0.25
CA ASP A 43 -7.23 1.64 1.05
C ASP A 43 -7.01 1.31 2.52
N ARG A 44 -7.22 0.05 2.88
CA ARG A 44 -7.05 -0.40 4.25
C ARG A 44 -7.84 0.48 5.22
N VAL A 45 -9.11 0.12 5.42
CA VAL A 45 -9.98 0.88 6.31
C VAL A 45 -9.89 0.34 7.75
N ILE A 46 -10.62 0.98 8.66
CA ILE A 46 -10.62 0.57 10.06
C ILE A 46 -9.32 1.00 10.75
N ASP A 47 -8.85 2.19 10.40
CA ASP A 47 -7.62 2.72 10.99
C ASP A 47 -6.42 1.85 10.64
N VAL A 48 -5.31 2.49 10.28
CA VAL A 48 -4.10 1.77 9.92
C VAL A 48 -2.86 2.55 10.34
N GLY A 49 -1.79 1.82 10.67
CA GLY A 49 -0.56 2.47 11.08
C GLY A 49 0.15 1.70 12.19
N SER A 50 0.52 2.41 13.25
CA SER A 50 1.21 1.79 14.38
C SER A 50 2.53 1.17 13.94
N GLU A 51 3.19 1.80 12.99
CA GLU A 51 4.47 1.31 12.47
C GLU A 51 5.57 2.36 12.65
N TRP A 52 5.50 3.09 13.76
CA TRP A 52 6.49 4.12 14.06
C TRP A 52 6.46 5.23 13.00
N ARG A 53 7.12 4.98 11.87
CA ARG A 53 7.18 5.96 10.79
C ARG A 53 7.67 7.31 11.29
N THR A 54 8.98 7.45 11.42
CA THR A 54 9.57 8.70 11.89
C THR A 54 10.96 8.90 11.28
N PHE A 55 11.56 10.05 11.57
CA PHE A 55 12.88 10.38 11.05
C PHE A 55 13.94 10.24 12.14
N SER A 56 13.79 9.21 12.98
CA SER A 56 14.73 8.95 14.06
C SER A 56 14.71 10.09 15.08
N ASN A 57 15.17 9.81 16.29
CA ASN A 57 15.20 10.81 17.36
C ASN A 57 16.61 10.96 17.93
N ASP A 58 16.83 12.04 18.67
CA ASP A 58 18.13 12.28 19.28
C ASP A 58 18.13 11.91 20.75
N LYS A 59 16.97 12.04 21.39
CA LYS A 59 16.84 11.72 22.81
C LYS A 59 16.79 10.20 23.01
N ALA A 2 24.85 -24.96 3.82
CA ALA A 2 24.15 -23.77 4.35
C ALA A 2 22.81 -23.57 3.66
N SER A 3 21.78 -23.29 4.44
CA SER A 3 20.44 -23.06 3.91
C SER A 3 20.07 -21.59 3.96
N THR A 4 19.77 -21.02 2.79
CA THR A 4 19.39 -19.62 2.70
C THR A 4 18.56 -19.35 1.45
N SER A 5 17.31 -19.81 1.46
CA SER A 5 16.41 -19.63 0.33
C SER A 5 15.03 -20.17 0.63
N ARG A 6 14.08 -19.28 0.87
CA ARG A 6 12.71 -19.67 1.18
C ARG A 6 11.84 -19.66 -0.08
N LEU A 7 12.12 -18.71 -0.97
CA LEU A 7 11.36 -18.58 -2.21
C LEU A 7 9.87 -18.35 -1.92
N ASP A 8 9.56 -17.18 -1.38
CA ASP A 8 8.19 -16.82 -1.06
C ASP A 8 8.08 -15.34 -0.72
N ALA A 9 7.13 -14.98 0.15
CA ALA A 9 6.93 -13.58 0.55
C ALA A 9 6.18 -12.82 -0.54
N LEU A 10 5.58 -11.69 -0.15
CA LEU A 10 4.84 -10.86 -1.09
C LEU A 10 5.03 -9.37 -0.77
N PRO A 11 6.30 -8.91 -0.75
CA PRO A 11 6.62 -7.52 -0.46
C PRO A 11 5.97 -6.56 -1.45
N ARG A 12 6.45 -6.57 -2.69
CA ARG A 12 5.91 -5.70 -3.73
C ARG A 12 4.94 -6.46 -4.63
N VAL A 13 3.65 -6.14 -4.50
CA VAL A 13 2.63 -6.79 -5.31
C VAL A 13 2.80 -6.45 -6.78
N THR A 14 3.27 -5.24 -7.05
CA THR A 14 3.48 -4.78 -8.42
C THR A 14 2.19 -4.90 -9.23
N CYS A 15 2.28 -4.63 -10.53
CA CYS A 15 1.12 -4.70 -11.40
C CYS A 15 0.97 -6.11 -11.97
N PRO A 16 -0.26 -6.65 -11.99
CA PRO A 16 -0.53 -7.99 -12.53
C PRO A 16 -0.36 -8.02 -14.04
N ASN A 17 -0.40 -6.86 -14.67
CA ASN A 17 -0.25 -6.76 -16.12
C ASN A 17 1.00 -5.98 -16.50
N HIS A 18 1.65 -5.37 -15.52
CA HIS A 18 2.87 -4.61 -15.77
C HIS A 18 3.97 -5.00 -14.78
N PRO A 19 4.76 -6.03 -15.12
CA PRO A 19 5.86 -6.49 -14.26
C PRO A 19 6.91 -5.40 -14.04
N ASP A 20 7.11 -4.57 -15.05
CA ASP A 20 8.09 -3.49 -14.97
C ASP A 20 7.50 -2.23 -14.34
N ALA A 21 6.17 -2.11 -14.39
CA ALA A 21 5.48 -0.95 -13.82
C ALA A 21 5.23 -1.17 -12.33
N ILE A 22 6.27 -0.88 -11.55
CA ILE A 22 6.23 -1.07 -10.11
C ILE A 22 5.30 -0.08 -9.39
N LEU A 23 3.99 -0.33 -9.49
CA LEU A 23 2.97 0.51 -8.84
C LEU A 23 3.59 1.34 -7.72
N VAL A 24 3.68 2.64 -7.95
CA VAL A 24 4.29 3.51 -6.97
C VAL A 24 3.36 3.82 -5.82
N GLU A 25 3.94 4.32 -4.73
CA GLU A 25 3.20 4.63 -3.53
C GLU A 25 2.55 5.99 -3.67
N ASP A 26 1.29 6.03 -3.28
CA ASP A 26 0.49 7.23 -3.32
C ASP A 26 0.68 8.05 -4.60
N TYR A 27 -0.40 8.14 -5.37
CA TYR A 27 -0.40 8.89 -6.61
C TYR A 27 -1.82 8.99 -7.17
N ARG A 28 -2.24 10.20 -7.50
CA ARG A 28 -3.58 10.45 -8.03
C ARG A 28 -4.61 10.47 -6.90
N ALA A 29 -4.73 9.36 -6.18
CA ALA A 29 -5.68 9.27 -5.07
C ALA A 29 -4.96 9.14 -3.73
N GLY A 30 -3.87 8.37 -3.71
CA GLY A 30 -3.12 8.18 -2.49
C GLY A 30 -2.68 6.74 -2.29
N ASP A 31 -3.16 5.85 -3.14
CA ASP A 31 -2.80 4.43 -3.06
C ASP A 31 -1.64 4.10 -4.00
N MET A 32 -1.58 2.86 -4.47
CA MET A 32 -0.50 2.43 -5.37
C MET A 32 -0.85 2.67 -6.83
N ILE A 33 -0.10 3.52 -7.49
CA ILE A 33 -0.35 3.84 -8.89
C ILE A 33 0.64 3.16 -9.81
N CYS A 34 0.12 2.42 -10.79
CA CYS A 34 0.97 1.75 -11.76
C CYS A 34 1.28 2.72 -12.87
N PRO A 35 2.46 3.40 -12.83
CA PRO A 35 2.86 4.38 -13.85
C PRO A 35 2.53 3.96 -15.27
N GLU A 36 2.26 2.67 -15.46
CA GLU A 36 1.95 2.15 -16.78
C GLU A 36 0.46 2.27 -17.07
N CYS A 37 -0.35 1.54 -16.33
CA CYS A 37 -1.80 1.62 -16.50
C CYS A 37 -2.31 2.69 -15.57
N GLY A 38 -1.48 3.01 -14.59
CA GLY A 38 -1.79 4.00 -13.60
C GLY A 38 -2.94 3.57 -12.72
N LEU A 39 -3.02 2.26 -12.50
CA LEU A 39 -4.05 1.68 -11.66
C LEU A 39 -3.78 2.02 -10.21
N VAL A 40 -4.83 2.25 -9.44
CA VAL A 40 -4.69 2.61 -8.04
C VAL A 40 -5.18 1.49 -7.13
N VAL A 41 -4.24 0.88 -6.40
CA VAL A 41 -4.58 -0.18 -5.47
C VAL A 41 -4.31 0.26 -4.05
N GLY A 42 -5.21 -0.07 -3.14
CA GLY A 42 -5.03 0.29 -1.75
C GLY A 42 -6.16 1.12 -1.21
N ASP A 43 -6.29 1.14 0.10
CA ASP A 43 -7.33 1.89 0.76
C ASP A 43 -7.17 1.83 2.27
N ARG A 44 -5.92 1.99 2.74
CA ARG A 44 -5.64 1.95 4.18
C ARG A 44 -5.74 3.33 4.80
N VAL A 45 -6.29 4.29 4.06
CA VAL A 45 -6.46 5.65 4.55
C VAL A 45 -5.13 6.42 4.57
N ILE A 46 -4.12 5.86 5.22
CA ILE A 46 -2.81 6.50 5.31
C ILE A 46 -2.88 7.76 6.16
N ASP A 47 -2.42 7.66 7.41
CA ASP A 47 -2.44 8.79 8.32
C ASP A 47 -1.06 9.00 8.94
N VAL A 48 -0.75 10.25 9.26
CA VAL A 48 0.54 10.60 9.85
C VAL A 48 0.42 10.73 11.37
N GLY A 49 1.53 11.07 12.02
CA GLY A 49 1.53 11.22 13.46
C GLY A 49 2.46 12.31 13.93
N SER A 50 3.67 12.35 13.38
CA SER A 50 4.66 13.36 13.74
C SER A 50 4.29 14.72 13.16
N GLU A 51 4.59 14.90 11.87
CA GLU A 51 4.29 16.16 11.18
C GLU A 51 5.18 17.28 11.70
N TRP A 52 4.93 17.70 12.95
CA TRP A 52 5.70 18.77 13.56
C TRP A 52 5.64 20.04 12.72
N ARG A 53 6.60 20.20 11.81
CA ARG A 53 6.65 21.37 10.95
C ARG A 53 6.42 22.65 11.73
N THR A 54 7.48 23.19 12.33
CA THR A 54 7.38 24.40 13.12
C THR A 54 8.51 25.38 12.77
N PHE A 55 8.57 26.49 13.49
CA PHE A 55 9.59 27.50 13.26
C PHE A 55 9.95 28.21 14.56
N SER A 56 10.46 27.45 15.53
CA SER A 56 10.85 28.02 16.82
C SER A 56 9.64 28.61 17.53
N ASN A 57 9.85 29.06 18.77
CA ASN A 57 8.77 29.65 19.56
C ASN A 57 9.12 31.07 19.97
N ASP A 58 8.12 31.79 20.47
CA ASP A 58 8.33 33.18 20.90
C ASP A 58 9.13 33.22 22.19
N LYS A 59 8.76 32.38 23.16
CA LYS A 59 9.46 32.32 24.43
C LYS A 59 10.14 30.97 24.64
N ALA A 2 7.75 -17.81 9.66
CA ALA A 2 7.78 -17.21 11.02
C ALA A 2 6.37 -16.78 11.45
N SER A 3 6.16 -16.67 12.75
CA SER A 3 4.87 -16.26 13.29
C SER A 3 5.03 -15.08 14.25
N THR A 4 5.30 -13.90 13.69
CA THR A 4 5.47 -12.70 14.50
C THR A 4 4.87 -11.49 13.81
N SER A 5 5.50 -11.05 12.73
CA SER A 5 5.01 -9.90 11.98
C SER A 5 4.07 -10.34 10.86
N ARG A 6 2.87 -9.76 10.86
CA ARG A 6 1.87 -10.11 9.85
C ARG A 6 2.04 -9.25 8.60
N LEU A 7 1.77 -7.95 8.73
CA LEU A 7 1.89 -7.03 7.61
C LEU A 7 3.36 -6.83 7.22
N ASP A 8 4.04 -5.93 7.92
CA ASP A 8 5.45 -5.64 7.66
C ASP A 8 5.74 -5.57 6.17
N ALA A 9 5.40 -4.45 5.54
CA ALA A 9 5.62 -4.27 4.12
C ALA A 9 5.29 -2.84 3.69
N LEU A 10 6.22 -2.21 2.99
CA LEU A 10 6.03 -0.83 2.53
C LEU A 10 5.34 -0.81 1.16
N PRO A 11 5.99 -1.36 0.12
CA PRO A 11 5.42 -1.40 -1.23
C PRO A 11 4.35 -2.48 -1.39
N ARG A 12 4.70 -3.61 -2.01
CA ARG A 12 3.76 -4.71 -2.21
C ARG A 12 4.32 -5.75 -3.17
N VAL A 13 4.23 -5.46 -4.47
CA VAL A 13 4.74 -6.38 -5.50
C VAL A 13 4.81 -5.69 -6.86
N THR A 14 3.78 -5.85 -7.68
CA THR A 14 3.76 -5.23 -9.01
C THR A 14 2.43 -5.46 -9.71
N CYS A 15 2.25 -4.76 -10.83
CA CYS A 15 1.03 -4.86 -11.62
C CYS A 15 1.04 -6.12 -12.51
N PRO A 16 -0.15 -6.71 -12.75
CA PRO A 16 -0.28 -7.92 -13.58
C PRO A 16 0.16 -7.69 -15.03
N ASN A 17 -0.25 -6.57 -15.61
CA ASN A 17 0.14 -6.21 -16.98
C ASN A 17 1.15 -5.07 -16.92
N HIS A 18 2.00 -5.16 -15.93
CA HIS A 18 3.08 -4.21 -15.77
C HIS A 18 4.11 -4.80 -14.85
N PRO A 19 4.71 -5.88 -15.37
CA PRO A 19 5.72 -6.66 -14.70
C PRO A 19 7.06 -5.93 -14.58
N ASP A 20 7.06 -4.62 -14.83
CA ASP A 20 8.27 -3.83 -14.72
C ASP A 20 7.97 -2.51 -14.00
N ALA A 21 6.68 -2.14 -13.93
CA ALA A 21 6.26 -0.95 -13.23
C ALA A 21 5.77 -1.34 -11.86
N ILE A 22 6.24 -0.65 -10.84
CA ILE A 22 5.87 -0.99 -9.47
C ILE A 22 4.91 0.01 -8.85
N LEU A 23 3.59 -0.21 -9.07
CA LEU A 23 2.57 0.66 -8.49
C LEU A 23 3.17 1.50 -7.38
N VAL A 24 3.39 2.76 -7.66
CA VAL A 24 4.00 3.63 -6.67
C VAL A 24 3.10 3.76 -5.47
N GLU A 25 3.61 4.36 -4.43
CA GLU A 25 2.85 4.51 -3.22
C GLU A 25 2.36 5.92 -3.08
N ASP A 26 1.13 6.16 -3.49
CA ASP A 26 0.51 7.46 -3.41
C ASP A 26 0.89 8.37 -4.57
N TYR A 27 0.09 8.28 -5.63
CA TYR A 27 0.30 9.10 -6.82
C TYR A 27 -0.92 9.03 -7.73
N ARG A 28 -1.22 10.14 -8.37
CA ARG A 28 -2.38 10.22 -9.26
C ARG A 28 -3.68 10.19 -8.47
N ALA A 29 -3.57 10.24 -7.14
CA ALA A 29 -4.73 10.22 -6.24
C ALA A 29 -4.33 9.74 -4.85
N GLY A 30 -4.17 8.43 -4.71
CA GLY A 30 -3.78 7.85 -3.44
C GLY A 30 -3.59 6.35 -3.55
N ASP A 31 -3.24 5.70 -2.44
CA ASP A 31 -3.01 4.26 -2.46
C ASP A 31 -1.81 3.93 -3.37
N MET A 32 -1.89 2.85 -4.12
CA MET A 32 -0.79 2.46 -5.00
C MET A 32 -1.20 2.59 -6.47
N ILE A 33 -0.52 3.48 -7.18
CA ILE A 33 -0.81 3.76 -8.59
C ILE A 33 0.29 3.26 -9.54
N CYS A 34 -0.10 2.43 -10.49
CA CYS A 34 0.86 1.93 -11.47
C CYS A 34 0.98 2.98 -12.57
N PRO A 35 2.05 3.80 -12.58
CA PRO A 35 2.23 4.85 -13.60
C PRO A 35 1.91 4.34 -15.02
N GLU A 36 1.97 3.03 -15.17
CA GLU A 36 1.73 2.39 -16.45
C GLU A 36 0.23 2.16 -16.68
N CYS A 37 -0.40 1.40 -15.81
CA CYS A 37 -1.84 1.20 -15.94
C CYS A 37 -2.55 2.21 -15.07
N GLY A 38 -1.77 2.87 -14.22
CA GLY A 38 -2.24 3.90 -13.34
C GLY A 38 -3.38 3.46 -12.47
N LEU A 39 -3.44 2.17 -12.23
CA LEU A 39 -4.47 1.59 -11.40
C LEU A 39 -4.22 1.97 -9.94
N VAL A 40 -5.26 1.94 -9.12
CA VAL A 40 -5.12 2.29 -7.71
C VAL A 40 -5.47 1.13 -6.79
N VAL A 41 -4.48 0.69 -6.02
CA VAL A 41 -4.69 -0.39 -5.07
C VAL A 41 -4.12 -0.01 -3.71
N GLY A 42 -4.90 -0.28 -2.67
CA GLY A 42 -4.43 0.03 -1.33
C GLY A 42 -5.49 0.69 -0.48
N ASP A 43 -5.25 0.74 0.83
CA ASP A 43 -6.18 1.34 1.75
C ASP A 43 -5.43 2.08 2.86
N ARG A 44 -4.34 1.47 3.32
CA ARG A 44 -3.52 2.07 4.38
C ARG A 44 -2.96 3.41 3.91
N VAL A 45 -3.77 4.45 4.01
CA VAL A 45 -3.37 5.79 3.59
C VAL A 45 -2.02 6.18 4.20
N ILE A 46 -1.99 6.41 5.52
CA ILE A 46 -0.76 6.78 6.20
C ILE A 46 -0.19 8.08 5.63
N ASP A 47 0.52 8.82 6.47
CA ASP A 47 1.11 10.10 6.05
C ASP A 47 1.80 10.79 7.21
N VAL A 48 2.46 11.91 6.91
CA VAL A 48 3.16 12.68 7.94
C VAL A 48 2.78 14.16 7.86
N GLY A 49 2.89 14.74 6.66
CA GLY A 49 2.55 16.14 6.48
C GLY A 49 3.11 17.03 7.56
N SER A 50 4.43 16.98 7.77
CA SER A 50 5.08 17.80 8.79
C SER A 50 6.58 17.61 8.77
N GLU A 51 7.28 18.52 8.09
CA GLU A 51 8.73 18.45 7.99
C GLU A 51 9.37 19.83 8.15
N TRP A 52 8.57 20.81 8.58
CA TRP A 52 9.06 22.17 8.78
C TRP A 52 9.57 22.76 7.46
N ARG A 53 10.79 22.41 7.09
CA ARG A 53 11.40 22.91 5.86
C ARG A 53 11.63 24.42 5.93
N THR A 54 12.76 24.86 5.40
CA THR A 54 13.12 26.28 5.40
C THR A 54 14.21 26.57 4.37
N PHE A 55 14.38 27.84 4.05
CA PHE A 55 15.38 28.26 3.08
C PHE A 55 16.08 29.53 3.52
N SER A 56 17.35 29.41 3.90
CA SER A 56 18.13 30.57 4.35
C SER A 56 17.47 31.25 5.54
N ASN A 57 18.16 32.24 6.11
CA ASN A 57 17.64 32.98 7.25
C ASN A 57 18.44 34.26 7.47
N ASP A 58 18.11 34.97 8.55
CA ASP A 58 18.80 36.21 8.87
C ASP A 58 19.70 36.03 10.09
N LYS A 59 19.23 35.26 11.06
CA LYS A 59 19.99 35.00 12.28
C LYS A 59 21.32 34.33 11.95
N ALA A 2 -12.12 -17.84 5.79
CA ALA A 2 -12.91 -16.79 6.50
C ALA A 2 -13.99 -16.22 5.58
N SER A 3 -15.23 -16.24 6.06
CA SER A 3 -16.36 -15.73 5.29
C SER A 3 -17.04 -14.57 6.02
N THR A 4 -16.25 -13.80 6.77
CA THR A 4 -16.76 -12.67 7.51
C THR A 4 -16.60 -11.38 6.72
N SER A 5 -15.55 -11.31 5.91
CA SER A 5 -15.28 -10.14 5.09
C SER A 5 -15.94 -10.28 3.72
N ARG A 6 -15.59 -9.37 2.81
CA ARG A 6 -16.15 -9.39 1.46
C ARG A 6 -15.43 -10.41 0.59
N LEU A 7 -14.21 -10.09 0.18
CA LEU A 7 -13.42 -10.98 -0.66
C LEU A 7 -11.93 -10.63 -0.58
N ASP A 8 -11.15 -11.23 -1.47
CA ASP A 8 -9.71 -10.98 -1.50
C ASP A 8 -9.08 -11.61 -2.74
N ALA A 9 -8.50 -10.77 -3.58
CA ALA A 9 -7.85 -11.23 -4.80
C ALA A 9 -6.96 -10.15 -5.40
N LEU A 10 -5.95 -9.73 -4.65
CA LEU A 10 -5.02 -8.70 -5.11
C LEU A 10 -3.65 -9.30 -5.41
N PRO A 11 -2.84 -8.60 -6.22
CA PRO A 11 -1.49 -9.07 -6.59
C PRO A 11 -0.59 -9.19 -5.37
N ARG A 12 0.65 -9.66 -5.60
CA ARG A 12 1.60 -9.82 -4.52
C ARG A 12 2.94 -9.18 -4.85
N VAL A 13 3.01 -8.48 -5.98
CA VAL A 13 4.25 -7.82 -6.40
C VAL A 13 4.06 -7.06 -7.71
N THR A 14 4.31 -5.76 -7.67
CA THR A 14 4.17 -4.91 -8.84
C THR A 14 2.80 -5.09 -9.50
N CYS A 15 2.64 -4.53 -10.69
CA CYS A 15 1.38 -4.62 -11.43
C CYS A 15 1.18 -6.02 -11.99
N PRO A 16 -0.04 -6.58 -11.88
CA PRO A 16 -0.34 -7.92 -12.39
C PRO A 16 -0.17 -8.01 -13.91
N ASN A 17 -0.21 -6.87 -14.58
CA ASN A 17 -0.07 -6.82 -16.03
C ASN A 17 1.18 -6.03 -16.44
N HIS A 18 1.80 -5.35 -15.47
CA HIS A 18 3.00 -4.58 -15.74
C HIS A 18 4.11 -4.91 -14.74
N PRO A 19 4.93 -5.93 -15.04
CA PRO A 19 6.03 -6.35 -14.16
C PRO A 19 7.03 -5.23 -13.93
N ASP A 20 7.24 -4.41 -14.96
CA ASP A 20 8.17 -3.30 -14.87
C ASP A 20 7.52 -2.07 -14.23
N ALA A 21 6.19 -1.99 -14.29
CA ALA A 21 5.46 -0.88 -13.71
C ALA A 21 5.22 -1.09 -12.21
N ILE A 22 6.22 -0.73 -11.43
CA ILE A 22 6.18 -0.90 -9.99
C ILE A 22 5.20 0.06 -9.30
N LEU A 23 3.89 -0.28 -9.39
CA LEU A 23 2.83 0.52 -8.77
C LEU A 23 3.38 1.41 -7.67
N VAL A 24 3.47 2.69 -7.95
CA VAL A 24 4.00 3.63 -7.00
C VAL A 24 3.00 3.92 -5.88
N GLU A 25 3.47 4.58 -4.83
CA GLU A 25 2.65 4.88 -3.70
C GLU A 25 1.86 6.13 -3.92
N ASP A 26 0.62 6.07 -3.50
CA ASP A 26 -0.29 7.17 -3.59
C ASP A 26 -0.56 7.67 -5.00
N TYR A 27 -1.59 7.10 -5.64
CA TYR A 27 -2.00 7.52 -6.98
C TYR A 27 -2.44 8.97 -6.95
N ARG A 28 -1.53 9.88 -7.28
CA ARG A 28 -1.85 11.30 -7.25
C ARG A 28 -2.45 11.67 -5.90
N ALA A 29 -1.85 11.13 -4.84
CA ALA A 29 -2.31 11.36 -3.47
C ALA A 29 -3.39 10.35 -3.10
N GLY A 30 -3.25 9.13 -3.60
CA GLY A 30 -4.21 8.08 -3.32
C GLY A 30 -3.57 6.77 -2.90
N ASP A 31 -3.90 5.70 -3.62
CA ASP A 31 -3.38 4.37 -3.32
C ASP A 31 -2.15 4.05 -4.19
N MET A 32 -1.99 2.79 -4.57
CA MET A 32 -0.85 2.37 -5.38
C MET A 32 -1.14 2.54 -6.88
N ILE A 33 -0.36 3.40 -7.51
CA ILE A 33 -0.55 3.72 -8.92
C ILE A 33 0.48 3.07 -9.82
N CYS A 34 -0.01 2.29 -10.79
CA CYS A 34 0.87 1.66 -11.75
C CYS A 34 1.10 2.62 -12.90
N PRO A 35 2.21 3.37 -12.89
CA PRO A 35 2.54 4.35 -13.93
C PRO A 35 2.26 3.87 -15.35
N GLU A 36 2.06 2.57 -15.52
CA GLU A 36 1.82 2.01 -16.82
C GLU A 36 0.33 2.04 -17.15
N CYS A 37 -0.47 1.29 -16.41
CA CYS A 37 -1.91 1.30 -16.62
C CYS A 37 -2.50 2.37 -15.72
N GLY A 38 -1.70 2.72 -14.72
CA GLY A 38 -2.08 3.72 -13.75
C GLY A 38 -3.21 3.26 -12.88
N LEU A 39 -3.20 1.97 -12.58
CA LEU A 39 -4.20 1.36 -11.74
C LEU A 39 -3.95 1.73 -10.29
N VAL A 40 -5.01 1.85 -9.51
CA VAL A 40 -4.90 2.22 -8.12
C VAL A 40 -5.33 1.10 -7.18
N VAL A 41 -4.38 0.56 -6.42
CA VAL A 41 -4.68 -0.49 -5.45
C VAL A 41 -4.32 -0.02 -4.06
N GLY A 42 -5.17 -0.32 -3.10
CA GLY A 42 -4.91 0.07 -1.74
C GLY A 42 -5.78 1.22 -1.35
N ASP A 43 -5.51 1.79 -0.18
CA ASP A 43 -6.27 2.93 0.30
C ASP A 43 -7.78 2.77 0.03
N ARG A 44 -8.51 3.88 0.13
CA ARG A 44 -9.95 3.87 -0.12
C ARG A 44 -10.54 5.26 0.12
N VAL A 45 -11.61 5.57 -0.61
CA VAL A 45 -12.28 6.87 -0.48
C VAL A 45 -12.72 7.12 0.96
N ILE A 46 -12.38 8.29 1.48
CA ILE A 46 -12.73 8.67 2.85
C ILE A 46 -12.28 7.62 3.85
N ASP A 47 -12.50 7.90 5.13
CA ASP A 47 -12.12 6.98 6.20
C ASP A 47 -12.97 5.71 6.14
N VAL A 48 -12.42 4.67 5.52
CA VAL A 48 -13.13 3.41 5.40
C VAL A 48 -12.62 2.39 6.43
N GLY A 49 -12.29 2.88 7.62
CA GLY A 49 -11.79 2.00 8.66
C GLY A 49 -12.44 2.29 10.01
N SER A 50 -13.20 1.32 10.51
CA SER A 50 -13.87 1.47 11.80
C SER A 50 -13.15 0.68 12.89
N GLU A 51 -12.36 1.36 13.70
CA GLU A 51 -11.63 0.72 14.78
C GLU A 51 -10.93 1.75 15.65
N TRP A 52 -11.72 2.55 16.37
CA TRP A 52 -11.20 3.58 17.24
C TRP A 52 -10.40 4.62 16.46
N ARG A 53 -9.15 4.31 16.14
CA ARG A 53 -8.29 5.21 15.39
C ARG A 53 -8.18 6.56 16.08
N THR A 54 -7.34 6.61 17.12
CA THR A 54 -7.14 7.84 17.87
C THR A 54 -5.78 7.85 18.55
N PHE A 55 -5.39 9.01 19.07
CA PHE A 55 -4.10 9.15 19.75
C PHE A 55 -4.26 9.90 21.07
N SER A 56 -4.34 9.14 22.17
CA SER A 56 -4.50 9.73 23.50
C SER A 56 -5.80 10.53 23.58
N ASN A 57 -6.76 10.02 24.34
CA ASN A 57 -8.04 10.70 24.51
C ASN A 57 -7.85 12.08 25.12
N ASP A 58 -8.79 12.98 24.84
CA ASP A 58 -8.73 14.34 25.36
C ASP A 58 -8.85 14.34 26.89
N LYS A 59 -9.99 13.87 27.38
CA LYS A 59 -10.24 13.82 28.81
C LYS A 59 -9.28 12.85 29.49
N ALA A 2 4.42 -17.82 11.88
CA ALA A 2 3.19 -17.36 12.59
C ALA A 2 2.02 -17.26 11.63
N SER A 3 1.21 -18.33 11.59
CA SER A 3 0.05 -18.36 10.71
C SER A 3 -1.11 -17.54 11.30
N THR A 4 -1.13 -17.42 12.62
CA THR A 4 -2.19 -16.68 13.30
C THR A 4 -2.03 -15.18 13.06
N SER A 5 -2.23 -14.77 11.81
CA SER A 5 -2.12 -13.36 11.43
C SER A 5 -3.28 -12.94 10.53
N ARG A 6 -3.88 -11.81 10.84
CA ARG A 6 -5.00 -11.29 10.06
C ARG A 6 -4.59 -11.05 8.61
N LEU A 7 -3.47 -10.37 8.43
CA LEU A 7 -2.96 -10.07 7.08
C LEU A 7 -1.45 -9.85 7.11
N ASP A 8 -0.74 -10.62 6.30
CA ASP A 8 0.71 -10.52 6.23
C ASP A 8 1.14 -9.36 5.33
N ALA A 9 0.55 -9.28 4.15
CA ALA A 9 0.87 -8.22 3.20
C ALA A 9 -0.35 -7.84 2.36
N LEU A 10 -1.02 -6.76 2.76
CA LEU A 10 -2.19 -6.30 2.05
C LEU A 10 -1.83 -5.70 0.69
N PRO A 11 -0.84 -4.78 0.63
CA PRO A 11 -0.43 -4.15 -0.63
C PRO A 11 0.31 -5.13 -1.54
N ARG A 12 0.31 -4.84 -2.84
CA ARG A 12 0.98 -5.69 -3.81
C ARG A 12 2.45 -5.30 -3.96
N VAL A 13 3.17 -6.06 -4.76
CA VAL A 13 4.59 -5.80 -5.00
C VAL A 13 4.83 -5.29 -6.42
N THR A 14 3.91 -5.60 -7.33
CA THR A 14 4.02 -5.18 -8.72
C THR A 14 2.68 -5.30 -9.43
N CYS A 15 2.60 -4.73 -10.63
CA CYS A 15 1.38 -4.77 -11.43
C CYS A 15 1.22 -6.15 -12.06
N PRO A 16 -0.01 -6.71 -12.04
CA PRO A 16 -0.28 -8.04 -12.60
C PRO A 16 -0.07 -8.07 -14.12
N ASN A 17 -0.15 -6.90 -14.76
CA ASN A 17 0.02 -6.81 -16.20
C ASN A 17 1.26 -5.99 -16.56
N HIS A 18 1.86 -5.35 -15.56
CA HIS A 18 3.06 -4.54 -15.79
C HIS A 18 4.15 -4.89 -14.77
N PRO A 19 4.95 -5.91 -15.05
CA PRO A 19 6.04 -6.33 -14.16
C PRO A 19 7.02 -5.20 -13.92
N ASP A 20 7.25 -4.39 -14.94
CA ASP A 20 8.18 -3.27 -14.85
C ASP A 20 7.54 -2.07 -14.15
N ALA A 21 6.22 -1.92 -14.28
CA ALA A 21 5.51 -0.82 -13.66
C ALA A 21 5.26 -1.08 -12.18
N ILE A 22 6.24 -0.70 -11.37
CA ILE A 22 6.18 -0.90 -9.93
C ILE A 22 5.20 0.05 -9.25
N LEU A 23 3.90 -0.21 -9.43
CA LEU A 23 2.82 0.60 -8.83
C LEU A 23 3.39 1.50 -7.73
N VAL A 24 3.41 2.79 -8.00
CA VAL A 24 3.97 3.73 -7.04
C VAL A 24 3.00 4.05 -5.92
N GLU A 25 3.56 4.57 -4.83
CA GLU A 25 2.81 4.89 -3.66
C GLU A 25 2.07 6.19 -3.82
N ASP A 26 0.83 6.15 -3.44
CA ASP A 26 -0.05 7.28 -3.47
C ASP A 26 -0.48 7.69 -4.87
N TYR A 27 -1.47 7.00 -5.43
CA TYR A 27 -1.99 7.32 -6.75
C TYR A 27 -2.54 8.75 -6.75
N ARG A 28 -1.82 9.66 -7.40
CA ARG A 28 -2.25 11.05 -7.46
C ARG A 28 -2.72 11.52 -6.09
N ALA A 29 -2.03 11.03 -5.05
CA ALA A 29 -2.36 11.36 -3.66
C ALA A 29 -3.34 10.35 -3.09
N GLY A 30 -3.19 9.09 -3.50
CA GLY A 30 -4.08 8.04 -3.02
C GLY A 30 -3.33 6.79 -2.57
N ASP A 31 -3.61 5.67 -3.23
CA ASP A 31 -2.96 4.41 -2.90
C ASP A 31 -1.83 4.07 -3.89
N MET A 32 -1.85 2.89 -4.48
CA MET A 32 -0.79 2.48 -5.39
C MET A 32 -1.18 2.62 -6.86
N ILE A 33 -0.43 3.42 -7.58
CA ILE A 33 -0.69 3.70 -8.99
C ILE A 33 0.35 3.05 -9.89
N CYS A 34 -0.11 2.27 -10.88
CA CYS A 34 0.80 1.65 -11.82
C CYS A 34 1.07 2.63 -12.95
N PRO A 35 2.19 3.37 -12.90
CA PRO A 35 2.55 4.36 -13.92
C PRO A 35 2.27 3.90 -15.35
N GLU A 36 2.09 2.61 -15.54
CA GLU A 36 1.85 2.06 -16.87
C GLU A 36 0.37 2.07 -17.20
N CYS A 37 -0.41 1.30 -16.47
CA CYS A 37 -1.86 1.29 -16.69
C CYS A 37 -2.47 2.33 -15.78
N GLY A 38 -1.69 2.68 -14.77
CA GLY A 38 -2.08 3.64 -13.79
C GLY A 38 -3.23 3.15 -12.94
N LEU A 39 -3.21 1.84 -12.69
CA LEU A 39 -4.21 1.20 -11.89
C LEU A 39 -4.02 1.61 -10.43
N VAL A 40 -5.12 1.73 -9.70
CA VAL A 40 -5.05 2.19 -8.33
C VAL A 40 -5.47 1.11 -7.35
N VAL A 41 -4.55 0.79 -6.44
CA VAL A 41 -4.81 -0.22 -5.44
C VAL A 41 -4.39 0.26 -4.04
N GLY A 42 -5.26 0.05 -3.07
CA GLY A 42 -4.97 0.44 -1.70
C GLY A 42 -6.07 1.27 -1.09
N ASP A 43 -5.95 1.53 0.19
CA ASP A 43 -6.95 2.32 0.91
C ASP A 43 -6.45 3.74 1.17
N ARG A 44 -7.26 4.72 0.81
CA ARG A 44 -6.90 6.12 1.00
C ARG A 44 -8.01 6.86 1.74
N VAL A 45 -9.26 6.61 1.34
CA VAL A 45 -10.41 7.26 1.96
C VAL A 45 -11.71 6.83 1.28
N ILE A 46 -12.52 6.07 1.99
CA ILE A 46 -13.80 5.60 1.46
C ILE A 46 -14.98 6.21 2.21
N ASP A 47 -14.77 7.38 2.79
CA ASP A 47 -15.81 8.07 3.54
C ASP A 47 -16.35 7.19 4.66
N VAL A 48 -15.49 6.29 5.16
CA VAL A 48 -15.88 5.39 6.24
C VAL A 48 -16.11 6.15 7.53
N GLY A 49 -17.27 6.81 7.62
CA GLY A 49 -17.59 7.57 8.82
C GLY A 49 -18.89 8.35 8.67
N SER A 50 -19.88 7.74 8.03
CA SER A 50 -21.17 8.38 7.82
C SER A 50 -22.18 7.93 8.87
N GLU A 51 -22.05 6.67 9.30
CA GLU A 51 -22.95 6.12 10.31
C GLU A 51 -22.24 5.98 11.66
N TRP A 52 -22.61 6.83 12.61
CA TRP A 52 -22.01 6.81 13.93
C TRP A 52 -20.50 7.02 13.86
N ARG A 53 -19.75 5.93 13.72
CA ARG A 53 -18.28 6.01 13.63
C ARG A 53 -17.71 6.97 14.68
N THR A 54 -17.97 6.67 15.95
CA THR A 54 -17.48 7.50 17.04
C THR A 54 -16.08 7.06 17.49
N PHE A 55 -15.36 7.98 18.12
CA PHE A 55 -14.02 7.69 18.60
C PHE A 55 -14.02 7.40 20.10
N SER A 56 -14.93 6.53 20.53
CA SER A 56 -15.04 6.17 21.93
C SER A 56 -15.45 7.37 22.78
N ASN A 57 -15.72 7.14 24.06
CA ASN A 57 -16.11 8.20 24.97
C ASN A 57 -15.01 9.26 25.07
N ASP A 58 -15.42 10.53 24.95
CA ASP A 58 -14.47 11.64 25.02
C ASP A 58 -14.04 11.88 26.47
N LYS A 59 -15.02 12.07 27.35
CA LYS A 59 -14.74 12.32 28.76
C LYS A 59 -13.98 11.14 29.37
N ALA A 2 10.68 -14.63 18.43
CA ALA A 2 9.56 -14.06 19.23
C ALA A 2 8.36 -13.77 18.34
N SER A 3 7.16 -13.96 18.90
CA SER A 3 5.93 -13.73 18.15
C SER A 3 5.60 -12.24 18.11
N THR A 4 6.16 -11.54 17.13
CA THR A 4 5.93 -10.11 16.98
C THR A 4 5.85 -9.72 15.50
N SER A 5 5.46 -10.68 14.66
CA SER A 5 5.35 -10.44 13.22
C SER A 5 4.89 -11.70 12.50
N ARG A 6 3.78 -11.60 11.79
CA ARG A 6 3.24 -12.72 11.03
C ARG A 6 3.09 -12.39 9.56
N LEU A 7 2.53 -11.22 9.28
CA LEU A 7 2.34 -10.77 7.91
C LEU A 7 3.49 -9.89 7.45
N ASP A 8 3.73 -9.85 6.14
CA ASP A 8 4.81 -9.04 5.58
C ASP A 8 4.66 -8.93 4.06
N ALA A 9 3.45 -8.61 3.61
CA ALA A 9 3.19 -8.48 2.18
C ALA A 9 1.77 -7.96 1.94
N LEU A 10 1.61 -6.64 2.01
CA LEU A 10 0.31 -6.02 1.79
C LEU A 10 -0.03 -5.98 0.30
N PRO A 11 0.79 -5.29 -0.51
CA PRO A 11 0.57 -5.19 -1.95
C PRO A 11 0.97 -6.47 -2.69
N ARG A 12 1.04 -6.38 -4.02
CA ARG A 12 1.42 -7.52 -4.84
C ARG A 12 2.88 -7.43 -5.27
N VAL A 13 3.55 -6.32 -4.91
CA VAL A 13 4.96 -6.10 -5.24
C VAL A 13 5.11 -5.49 -6.63
N THR A 14 4.11 -5.68 -7.49
CA THR A 14 4.15 -5.15 -8.85
C THR A 14 2.78 -5.29 -9.52
N CYS A 15 2.66 -4.71 -10.71
CA CYS A 15 1.41 -4.77 -11.47
C CYS A 15 1.23 -6.15 -12.08
N PRO A 16 0.02 -6.72 -12.01
CA PRO A 16 -0.26 -8.05 -12.56
C PRO A 16 -0.09 -8.09 -14.08
N ASN A 17 -0.16 -6.91 -14.71
CA ASN A 17 0.01 -6.82 -16.16
C ASN A 17 1.24 -6.00 -16.53
N HIS A 18 1.85 -5.35 -15.54
CA HIS A 18 3.04 -4.55 -15.78
C HIS A 18 4.14 -4.88 -14.78
N PRO A 19 4.97 -5.90 -15.08
CA PRO A 19 6.06 -6.31 -14.19
C PRO A 19 7.06 -5.18 -13.95
N ASP A 20 7.26 -4.37 -14.98
CA ASP A 20 8.19 -3.25 -14.89
C ASP A 20 7.55 -2.05 -14.21
N ALA A 21 6.23 -1.95 -14.29
CA ALA A 21 5.50 -0.84 -13.68
C ALA A 21 5.27 -1.09 -12.19
N ILE A 22 6.26 -0.68 -11.41
CA ILE A 22 6.22 -0.86 -9.96
C ILE A 22 5.23 0.08 -9.27
N LEU A 23 3.92 -0.21 -9.43
CA LEU A 23 2.85 0.58 -8.81
C LEU A 23 3.42 1.48 -7.72
N VAL A 24 3.43 2.78 -7.98
CA VAL A 24 3.98 3.72 -7.03
C VAL A 24 3.01 4.01 -5.90
N GLU A 25 3.57 4.55 -4.82
CA GLU A 25 2.80 4.86 -3.65
C GLU A 25 2.08 6.17 -3.81
N ASP A 26 0.83 6.13 -3.43
CA ASP A 26 -0.03 7.28 -3.47
C ASP A 26 -0.46 7.70 -4.88
N TYR A 27 -1.46 7.01 -5.42
CA TYR A 27 -1.99 7.34 -6.75
C TYR A 27 -2.53 8.75 -6.74
N ARG A 28 -1.83 9.66 -7.41
CA ARG A 28 -2.26 11.05 -7.47
C ARG A 28 -2.70 11.54 -6.10
N ALA A 29 -2.02 11.05 -5.06
CA ALA A 29 -2.32 11.38 -3.67
C ALA A 29 -3.32 10.38 -3.08
N GLY A 30 -3.17 9.12 -3.48
CA GLY A 30 -4.07 8.08 -2.99
C GLY A 30 -3.32 6.83 -2.55
N ASP A 31 -3.62 5.70 -3.22
CA ASP A 31 -2.98 4.43 -2.89
C ASP A 31 -1.86 4.10 -3.88
N MET A 32 -1.86 2.91 -4.46
CA MET A 32 -0.80 2.52 -5.38
C MET A 32 -1.19 2.65 -6.84
N ILE A 33 -0.42 3.44 -7.57
CA ILE A 33 -0.68 3.70 -8.97
C ILE A 33 0.35 3.05 -9.87
N CYS A 34 -0.09 2.26 -10.85
CA CYS A 34 0.80 1.63 -11.79
C CYS A 34 1.07 2.59 -12.92
N PRO A 35 2.20 3.32 -12.89
CA PRO A 35 2.56 4.31 -13.92
C PRO A 35 2.26 3.84 -15.35
N GLU A 36 2.07 2.55 -15.53
CA GLU A 36 1.82 2.01 -16.85
C GLU A 36 0.33 2.01 -17.17
N CYS A 37 -0.44 1.24 -16.41
CA CYS A 37 -1.88 1.22 -16.61
C CYS A 37 -2.49 2.27 -15.71
N GLY A 38 -1.69 2.65 -14.72
CA GLY A 38 -2.08 3.62 -13.75
C GLY A 38 -3.21 3.14 -12.88
N LEU A 39 -3.20 1.84 -12.64
CA LEU A 39 -4.21 1.22 -11.81
C LEU A 39 -4.02 1.66 -10.38
N VAL A 40 -5.11 1.84 -9.66
CA VAL A 40 -5.07 2.30 -8.30
C VAL A 40 -5.47 1.22 -7.32
N VAL A 41 -4.52 0.78 -6.49
CA VAL A 41 -4.79 -0.24 -5.50
C VAL A 41 -4.49 0.28 -4.10
N GLY A 42 -5.41 0.03 -3.16
CA GLY A 42 -5.19 0.47 -1.79
C GLY A 42 -6.37 1.20 -1.22
N ASP A 43 -7.52 1.03 -1.82
CA ASP A 43 -8.73 1.67 -1.38
C ASP A 43 -9.02 1.39 0.09
N ARG A 44 -10.21 1.75 0.54
CA ARG A 44 -10.60 1.56 1.94
C ARG A 44 -9.82 2.51 2.84
N VAL A 45 -10.52 3.16 3.76
CA VAL A 45 -9.90 4.12 4.66
C VAL A 45 -9.50 3.47 5.99
N ILE A 46 -10.37 2.62 6.52
CA ILE A 46 -10.11 1.95 7.79
C ILE A 46 -10.28 2.90 8.97
N ASP A 47 -9.53 4.00 8.96
CA ASP A 47 -9.60 5.00 10.02
C ASP A 47 -8.85 4.53 11.26
N VAL A 48 -9.44 3.59 11.98
CA VAL A 48 -8.82 3.06 13.20
C VAL A 48 -8.64 4.14 14.24
N GLY A 49 -9.52 5.15 14.21
CA GLY A 49 -9.43 6.24 15.16
C GLY A 49 -10.74 6.48 15.89
N SER A 50 -11.21 7.72 15.85
CA SER A 50 -12.47 8.08 16.51
C SER A 50 -12.39 7.78 18.01
N GLU A 51 -11.57 8.54 18.71
CA GLU A 51 -11.41 8.37 20.16
C GLU A 51 -12.03 9.53 20.93
N TRP A 52 -11.66 9.67 22.19
CA TRP A 52 -12.18 10.75 23.04
C TRP A 52 -12.13 12.09 22.32
N ARG A 53 -10.93 12.49 21.91
CA ARG A 53 -10.74 13.76 21.22
C ARG A 53 -11.20 14.93 22.09
N THR A 54 -10.50 15.15 23.19
CA THR A 54 -10.82 16.24 24.10
C THR A 54 -9.78 17.36 24.02
N PHE A 55 -10.18 18.55 24.46
CA PHE A 55 -9.27 19.70 24.44
C PHE A 55 -9.24 20.39 25.79
N SER A 56 -9.44 19.61 26.86
CA SER A 56 -9.42 20.14 28.21
C SER A 56 -10.50 21.21 28.39
N ASN A 57 -10.69 21.64 29.63
CA ASN A 57 -11.69 22.66 29.93
C ASN A 57 -11.03 23.93 30.45
N ASP A 58 -11.83 24.99 30.62
CA ASP A 58 -11.32 26.27 31.10
C ASP A 58 -11.90 26.60 32.47
N LYS A 59 -13.22 26.82 32.51
CA LYS A 59 -13.90 27.16 33.76
C LYS A 59 -13.76 26.01 34.76
N ALA A 2 -5.30 -22.61 2.46
CA ALA A 2 -5.68 -21.75 3.61
C ALA A 2 -7.14 -21.33 3.52
N SER A 3 -7.88 -21.58 4.60
CA SER A 3 -9.29 -21.24 4.65
C SER A 3 -9.60 -20.35 5.86
N THR A 4 -8.59 -19.59 6.29
CA THR A 4 -8.76 -18.70 7.43
C THR A 4 -8.55 -17.24 7.03
N SER A 5 -8.65 -16.96 5.73
CA SER A 5 -8.47 -15.61 5.22
C SER A 5 -9.79 -14.85 5.22
N ARG A 6 -9.77 -13.63 4.71
CA ARG A 6 -10.98 -12.81 4.65
C ARG A 6 -11.17 -12.19 3.26
N LEU A 7 -10.67 -10.96 3.08
CA LEU A 7 -10.79 -10.28 1.79
C LEU A 7 -9.58 -9.37 1.55
N ASP A 8 -9.83 -8.12 1.15
CA ASP A 8 -8.75 -7.17 0.89
C ASP A 8 -7.96 -7.57 -0.36
N ALA A 9 -7.27 -8.68 -0.27
CA ALA A 9 -6.48 -9.19 -1.39
C ALA A 9 -5.47 -8.16 -1.90
N LEU A 10 -4.47 -7.86 -1.09
CA LEU A 10 -3.45 -6.89 -1.47
C LEU A 10 -2.04 -7.51 -1.49
N PRO A 11 -1.91 -8.85 -1.64
CA PRO A 11 -0.60 -9.51 -1.67
C PRO A 11 0.04 -9.45 -3.06
N ARG A 12 1.00 -8.56 -3.23
CA ARG A 12 1.69 -8.43 -4.50
C ARG A 12 2.80 -7.39 -4.43
N VAL A 13 3.64 -7.36 -5.45
CA VAL A 13 4.76 -6.42 -5.50
C VAL A 13 4.75 -5.59 -6.79
N THR A 14 4.08 -6.10 -7.82
CA THR A 14 4.01 -5.39 -9.10
C THR A 14 2.71 -5.70 -9.83
N CYS A 15 2.32 -4.81 -10.73
CA CYS A 15 1.10 -4.97 -11.52
C CYS A 15 1.15 -6.23 -12.37
N PRO A 16 0.05 -7.00 -12.44
CA PRO A 16 -0.03 -8.22 -13.24
C PRO A 16 0.15 -7.93 -14.73
N ASN A 17 -0.29 -6.74 -15.13
CA ASN A 17 -0.18 -6.32 -16.52
C ASN A 17 1.10 -5.52 -16.74
N HIS A 18 1.70 -5.06 -15.65
CA HIS A 18 2.93 -4.28 -15.73
C HIS A 18 3.97 -4.80 -14.75
N PRO A 19 4.75 -5.81 -15.16
CA PRO A 19 5.80 -6.38 -14.30
C PRO A 19 6.90 -5.36 -14.01
N ASP A 20 7.47 -4.78 -15.07
CA ASP A 20 8.53 -3.80 -14.93
C ASP A 20 8.02 -2.49 -14.31
N ALA A 21 6.70 -2.31 -14.29
CA ALA A 21 6.12 -1.11 -13.70
C ALA A 21 5.60 -1.39 -12.30
N ILE A 22 6.22 -0.77 -11.32
CA ILE A 22 5.84 -0.96 -9.93
C ILE A 22 4.82 0.07 -9.47
N LEU A 23 3.71 -0.41 -8.90
CA LEU A 23 2.67 0.47 -8.40
C LEU A 23 3.26 1.38 -7.34
N VAL A 24 3.52 2.61 -7.71
CA VAL A 24 4.11 3.56 -6.79
C VAL A 24 3.17 3.91 -5.66
N GLU A 25 3.74 4.37 -4.57
CA GLU A 25 2.99 4.73 -3.40
C GLU A 25 2.53 6.16 -3.50
N ASP A 26 1.26 6.31 -3.83
CA ASP A 26 0.64 7.60 -3.97
C ASP A 26 1.14 8.35 -5.20
N TYR A 27 0.23 8.63 -6.11
CA TYR A 27 0.57 9.33 -7.33
C TYR A 27 -0.67 9.49 -8.19
N ARG A 28 -1.81 9.70 -7.55
CA ARG A 28 -3.09 9.86 -8.24
C ARG A 28 -4.22 9.85 -7.22
N ALA A 29 -4.67 8.67 -6.85
CA ALA A 29 -5.72 8.53 -5.85
C ALA A 29 -5.11 8.69 -4.46
N GLY A 30 -3.83 8.29 -4.36
CA GLY A 30 -3.10 8.40 -3.11
C GLY A 30 -2.72 7.04 -2.53
N ASP A 31 -3.21 5.97 -3.13
CA ASP A 31 -2.89 4.62 -2.67
C ASP A 31 -1.67 4.10 -3.44
N MET A 32 -1.84 3.00 -4.16
CA MET A 32 -0.74 2.43 -4.93
C MET A 32 -1.10 2.45 -6.42
N ILE A 33 -0.42 3.29 -7.19
CA ILE A 33 -0.71 3.43 -8.60
C ILE A 33 0.41 2.92 -9.51
N CYS A 34 0.01 2.25 -10.57
CA CYS A 34 0.95 1.76 -11.56
C CYS A 34 1.11 2.82 -12.64
N PRO A 35 2.21 3.59 -12.60
CA PRO A 35 2.47 4.67 -13.57
C PRO A 35 2.08 4.32 -15.00
N GLU A 36 1.99 3.03 -15.27
CA GLU A 36 1.65 2.55 -16.60
C GLU A 36 0.14 2.60 -16.82
N CYS A 37 -0.59 1.76 -16.09
CA CYS A 37 -2.05 1.77 -16.19
C CYS A 37 -2.57 2.77 -15.20
N GLY A 38 -1.72 3.09 -14.24
CA GLY A 38 -2.03 4.03 -13.19
C GLY A 38 -3.10 3.49 -12.27
N LEU A 39 -3.24 2.18 -12.26
CA LEU A 39 -4.21 1.52 -11.42
C LEU A 39 -3.92 1.88 -9.97
N VAL A 40 -4.96 2.09 -9.18
CA VAL A 40 -4.79 2.46 -7.79
C VAL A 40 -5.29 1.36 -6.88
N VAL A 41 -4.47 0.98 -5.90
CA VAL A 41 -4.84 -0.06 -4.97
C VAL A 41 -4.60 0.42 -3.53
N GLY A 42 -5.62 0.26 -2.69
CA GLY A 42 -5.49 0.67 -1.31
C GLY A 42 -6.54 1.67 -0.93
N ASP A 43 -6.67 1.87 0.38
CA ASP A 43 -7.63 2.79 0.96
C ASP A 43 -8.25 2.15 2.18
N ARG A 44 -8.81 0.96 1.99
CA ARG A 44 -9.43 0.20 3.07
C ARG A 44 -10.45 1.06 3.82
N VAL A 45 -10.91 0.55 4.96
CA VAL A 45 -11.89 1.26 5.78
C VAL A 45 -11.21 2.05 6.89
N ILE A 46 -10.86 1.36 7.98
CA ILE A 46 -10.21 2.02 9.10
C ILE A 46 -8.70 2.05 8.91
N ASP A 47 -8.11 3.24 9.04
CA ASP A 47 -6.67 3.41 8.87
C ASP A 47 -5.92 2.64 9.94
N VAL A 48 -5.94 3.15 11.17
CA VAL A 48 -5.26 2.52 12.29
C VAL A 48 -5.95 2.83 13.61
N GLY A 49 -5.91 1.87 14.53
CA GLY A 49 -6.54 2.07 15.83
C GLY A 49 -6.84 0.76 16.53
N SER A 50 -7.07 -0.29 15.74
CA SER A 50 -7.39 -1.60 16.29
C SER A 50 -6.17 -2.21 16.97
N GLU A 51 -5.08 -2.33 16.22
CA GLU A 51 -3.85 -2.90 16.75
C GLU A 51 -3.18 -1.92 17.70
N TRP A 52 -2.37 -2.46 18.62
CA TRP A 52 -1.66 -1.62 19.59
C TRP A 52 -0.66 -0.72 18.90
N ARG A 53 0.46 -1.29 18.46
CA ARG A 53 1.50 -0.53 17.78
C ARG A 53 2.02 0.60 18.69
N THR A 54 3.13 0.32 19.36
CA THR A 54 3.74 1.31 20.25
C THR A 54 5.22 1.00 20.49
N PHE A 55 5.91 1.92 21.14
CA PHE A 55 7.33 1.75 21.44
C PHE A 55 7.58 1.76 22.94
N SER A 56 6.93 0.86 23.66
CA SER A 56 7.08 0.76 25.10
C SER A 56 6.64 2.06 25.78
N ASN A 57 6.85 2.14 27.09
CA ASN A 57 6.48 3.33 27.85
C ASN A 57 7.71 4.02 28.42
N ASP A 58 7.48 5.06 29.22
CA ASP A 58 8.58 5.81 29.83
C ASP A 58 8.76 5.41 31.29
N LYS A 59 7.65 5.10 31.96
CA LYS A 59 7.69 4.69 33.36
C LYS A 59 7.89 3.19 33.49
N ALA A 2 6.09 -32.68 3.14
CA ALA A 2 6.14 -31.29 3.68
C ALA A 2 5.08 -30.42 3.01
N SER A 3 4.96 -29.18 3.48
CA SER A 3 3.98 -28.25 2.93
C SER A 3 4.69 -27.03 2.32
N THR A 4 4.28 -26.66 1.12
CA THR A 4 4.87 -25.52 0.43
C THR A 4 3.92 -24.99 -0.64
N SER A 5 3.29 -23.85 -0.34
CA SER A 5 2.35 -23.23 -1.27
C SER A 5 1.92 -21.85 -0.78
N ARG A 6 2.87 -21.11 -0.19
CA ARG A 6 2.59 -19.78 0.32
C ARG A 6 2.45 -18.79 -0.83
N LEU A 7 1.22 -18.33 -1.07
CA LEU A 7 0.95 -17.37 -2.13
C LEU A 7 1.32 -15.95 -1.71
N ASP A 8 2.36 -15.40 -2.34
CA ASP A 8 2.82 -14.06 -2.04
C ASP A 8 1.74 -13.03 -2.40
N ALA A 9 2.15 -11.79 -2.67
CA ALA A 9 1.22 -10.73 -3.04
C ALA A 9 0.49 -10.20 -1.81
N LEU A 10 -0.39 -9.22 -2.05
CA LEU A 10 -1.19 -8.56 -1.00
C LEU A 10 -0.90 -7.06 -0.95
N PRO A 11 0.40 -6.67 -0.94
CA PRO A 11 0.79 -5.27 -0.90
C PRO A 11 0.91 -4.66 -2.30
N ARG A 12 0.59 -5.46 -3.32
CA ARG A 12 0.67 -4.99 -4.70
C ARG A 12 2.09 -4.53 -5.04
N VAL A 13 3.06 -5.36 -4.71
CA VAL A 13 4.47 -5.03 -4.98
C VAL A 13 4.68 -4.72 -6.45
N THR A 14 3.87 -5.32 -7.32
CA THR A 14 3.98 -5.10 -8.75
C THR A 14 2.63 -5.22 -9.44
N CYS A 15 2.54 -4.67 -10.64
CA CYS A 15 1.31 -4.70 -11.42
C CYS A 15 1.10 -6.09 -12.04
N PRO A 16 -0.14 -6.61 -11.98
CA PRO A 16 -0.46 -7.93 -12.52
C PRO A 16 -0.22 -8.02 -14.03
N ASN A 17 -0.26 -6.87 -14.70
CA ASN A 17 -0.06 -6.82 -16.15
C ASN A 17 1.19 -6.01 -16.51
N HIS A 18 1.78 -5.35 -15.51
CA HIS A 18 2.98 -4.55 -15.75
C HIS A 18 4.07 -4.89 -14.73
N PRO A 19 4.87 -5.93 -14.99
CA PRO A 19 5.95 -6.34 -14.09
C PRO A 19 6.97 -5.22 -13.87
N ASP A 20 7.21 -4.44 -14.91
CA ASP A 20 8.16 -3.34 -14.84
C ASP A 20 7.54 -2.13 -14.14
N ALA A 21 6.23 -1.97 -14.29
CA ALA A 21 5.53 -0.85 -13.68
C ALA A 21 5.28 -1.09 -12.19
N ILE A 22 6.28 -0.75 -11.40
CA ILE A 22 6.23 -0.93 -9.95
C ILE A 22 5.26 0.03 -9.27
N LEU A 23 3.96 -0.27 -9.41
CA LEU A 23 2.89 0.55 -8.80
C LEU A 23 3.43 1.42 -7.69
N VAL A 24 3.51 2.70 -7.95
CA VAL A 24 4.04 3.65 -6.99
C VAL A 24 3.03 3.93 -5.88
N GLU A 25 3.49 4.57 -4.83
CA GLU A 25 2.67 4.86 -3.70
C GLU A 25 1.85 6.11 -3.92
N ASP A 26 0.62 6.01 -3.49
CA ASP A 26 -0.34 7.08 -3.57
C ASP A 26 -0.53 7.64 -4.98
N TYR A 27 -1.55 7.14 -5.68
CA TYR A 27 -1.89 7.61 -7.01
C TYR A 27 -2.42 9.04 -6.92
N ARG A 28 -1.64 10.00 -7.41
CA ARG A 28 -2.05 11.39 -7.35
C ARG A 28 -2.63 11.71 -5.98
N ALA A 29 -2.07 11.06 -4.96
CA ALA A 29 -2.52 11.24 -3.56
C ALA A 29 -3.57 10.20 -3.22
N GLY A 30 -3.37 8.97 -3.69
CA GLY A 30 -4.31 7.89 -3.42
C GLY A 30 -3.63 6.61 -3.00
N ASP A 31 -3.92 5.52 -3.71
CA ASP A 31 -3.35 4.21 -3.40
C ASP A 31 -2.12 3.95 -4.27
N MET A 32 -1.90 2.68 -4.64
CA MET A 32 -0.75 2.31 -5.44
C MET A 32 -1.03 2.49 -6.93
N ILE A 33 -0.29 3.40 -7.54
CA ILE A 33 -0.49 3.73 -8.94
C ILE A 33 0.54 3.07 -9.85
N CYS A 34 0.03 2.33 -10.83
CA CYS A 34 0.89 1.67 -11.79
C CYS A 34 1.14 2.65 -12.94
N PRO A 35 2.26 3.39 -12.91
CA PRO A 35 2.60 4.38 -13.96
C PRO A 35 2.31 3.91 -15.38
N GLU A 36 2.10 2.61 -15.55
CA GLU A 36 1.84 2.07 -16.87
C GLU A 36 0.35 2.12 -17.20
N CYS A 37 -0.46 1.38 -16.47
CA CYS A 37 -1.90 1.42 -16.68
C CYS A 37 -2.47 2.48 -15.77
N GLY A 38 -1.69 2.79 -14.75
CA GLY A 38 -2.04 3.77 -13.77
C GLY A 38 -3.17 3.30 -12.88
N LEU A 39 -3.12 2.02 -12.55
CA LEU A 39 -4.11 1.39 -11.71
C LEU A 39 -3.87 1.78 -10.25
N VAL A 40 -4.94 1.85 -9.46
CA VAL A 40 -4.84 2.26 -8.08
C VAL A 40 -5.29 1.16 -7.13
N VAL A 41 -4.36 0.73 -6.27
CA VAL A 41 -4.66 -0.31 -5.29
C VAL A 41 -4.17 0.07 -3.90
N GLY A 42 -5.01 -0.17 -2.90
CA GLY A 42 -4.62 0.15 -1.53
C GLY A 42 -5.67 0.97 -0.81
N ASP A 43 -5.59 1.00 0.51
CA ASP A 43 -6.52 1.75 1.32
C ASP A 43 -5.93 2.05 2.70
N ARG A 44 -6.08 1.11 3.63
CA ARG A 44 -5.55 1.26 4.98
C ARG A 44 -5.83 2.66 5.54
N VAL A 45 -4.92 3.59 5.30
CA VAL A 45 -5.08 4.96 5.79
C VAL A 45 -5.06 5.01 7.32
N ILE A 46 -3.86 4.94 7.88
CA ILE A 46 -3.69 4.98 9.34
C ILE A 46 -3.93 6.39 9.87
N ASP A 47 -3.62 7.39 9.04
CA ASP A 47 -3.80 8.79 9.44
C ASP A 47 -2.96 9.12 10.66
N VAL A 48 -1.74 9.60 10.43
CA VAL A 48 -0.84 9.96 11.52
C VAL A 48 -0.50 11.46 11.47
N GLY A 49 0.37 11.83 10.53
CA GLY A 49 0.76 13.22 10.40
C GLY A 49 2.25 13.39 10.25
N SER A 50 2.91 13.78 11.33
CA SER A 50 4.36 13.99 11.31
C SER A 50 5.09 12.70 10.93
N GLU A 51 6.11 12.83 10.09
CA GLU A 51 6.89 11.69 9.65
C GLU A 51 8.35 11.85 10.02
N TRP A 52 8.62 12.63 11.06
CA TRP A 52 9.98 12.87 11.52
C TRP A 52 10.82 13.51 10.42
N ARG A 53 11.39 12.69 9.54
CA ARG A 53 12.22 13.18 8.44
C ARG A 53 13.25 14.18 8.95
N THR A 54 14.34 13.68 9.51
CA THR A 54 15.40 14.52 10.03
C THR A 54 16.72 13.75 10.16
N PHE A 55 17.72 14.37 10.76
CA PHE A 55 19.02 13.74 10.94
C PHE A 55 19.26 13.42 12.41
N SER A 56 18.45 12.53 12.96
CA SER A 56 18.58 12.14 14.36
C SER A 56 18.31 13.33 15.28
N ASN A 57 18.25 13.05 16.58
CA ASN A 57 18.00 14.09 17.57
C ASN A 57 19.19 14.24 18.52
N ASP A 58 19.11 15.22 19.42
CA ASP A 58 20.18 15.46 20.38
C ASP A 58 20.19 14.39 21.47
N LYS A 59 19.07 14.27 22.18
CA LYS A 59 18.94 13.29 23.25
C LYS A 59 18.84 11.88 22.69
N ALA A 2 1.68 -24.26 8.64
CA ALA A 2 1.07 -23.87 9.93
C ALA A 2 -0.43 -24.10 9.92
N SER A 3 -1.03 -24.19 11.11
CA SER A 3 -2.47 -24.42 11.23
C SER A 3 -3.25 -23.20 10.74
N THR A 4 -2.66 -22.02 10.92
CA THR A 4 -3.30 -20.78 10.50
C THR A 4 -2.49 -20.08 9.41
N SER A 5 -2.48 -20.69 8.22
CA SER A 5 -1.74 -20.14 7.09
C SER A 5 -2.49 -20.36 5.79
N ARG A 6 -2.55 -21.62 5.35
CA ARG A 6 -3.24 -21.98 4.12
C ARG A 6 -2.55 -21.36 2.90
N LEU A 7 -2.76 -20.07 2.70
CA LEU A 7 -2.15 -19.36 1.57
C LEU A 7 -0.95 -18.53 2.02
N ASP A 8 -1.14 -17.78 3.11
CA ASP A 8 -0.06 -16.94 3.63
C ASP A 8 0.35 -15.87 2.61
N ALA A 9 -0.56 -15.56 1.69
CA ALA A 9 -0.29 -14.58 0.65
C ALA A 9 -1.51 -14.42 -0.28
N LEU A 10 -1.44 -13.45 -1.17
CA LEU A 10 -2.53 -13.20 -2.11
C LEU A 10 -2.07 -12.30 -3.26
N PRO A 11 -1.72 -11.03 -2.97
CA PRO A 11 -1.27 -10.08 -3.99
C PRO A 11 0.11 -10.44 -4.55
N ARG A 12 0.62 -9.59 -5.42
CA ARG A 12 1.92 -9.81 -6.04
C ARG A 12 2.86 -8.63 -5.78
N VAL A 13 4.00 -8.61 -6.46
CA VAL A 13 4.97 -7.54 -6.29
C VAL A 13 4.50 -6.24 -6.96
N THR A 14 4.68 -6.17 -8.28
CA THR A 14 4.28 -4.98 -9.03
C THR A 14 2.89 -5.16 -9.64
N CYS A 15 2.66 -4.53 -10.80
CA CYS A 15 1.39 -4.62 -11.49
C CYS A 15 1.16 -6.02 -12.04
N PRO A 16 -0.06 -6.57 -11.91
CA PRO A 16 -0.38 -7.91 -12.41
C PRO A 16 -0.20 -8.01 -13.93
N ASN A 17 -0.24 -6.87 -14.60
CA ASN A 17 -0.08 -6.82 -16.05
C ASN A 17 1.18 -6.05 -16.45
N HIS A 18 1.80 -5.37 -15.48
CA HIS A 18 3.02 -4.62 -15.74
C HIS A 18 4.10 -4.97 -14.71
N PRO A 19 4.90 -6.01 -14.97
CA PRO A 19 5.97 -6.42 -14.06
C PRO A 19 6.98 -5.31 -13.83
N ASP A 20 7.23 -4.52 -14.87
CA ASP A 20 8.18 -3.43 -14.79
C ASP A 20 7.55 -2.21 -14.12
N ALA A 21 6.23 -2.07 -14.26
CA ALA A 21 5.52 -0.95 -13.67
C ALA A 21 5.31 -1.15 -12.19
N ILE A 22 6.19 -0.53 -11.46
CA ILE A 22 6.21 -0.65 -10.03
C ILE A 22 5.21 0.28 -9.33
N LEU A 23 3.91 -0.12 -9.40
CA LEU A 23 2.82 0.63 -8.77
C LEU A 23 3.35 1.54 -7.67
N VAL A 24 3.45 2.82 -7.97
CA VAL A 24 3.96 3.77 -7.02
C VAL A 24 2.96 4.01 -5.90
N GLU A 25 3.44 4.64 -4.84
CA GLU A 25 2.61 4.91 -3.68
C GLU A 25 1.79 6.16 -3.89
N ASP A 26 0.57 6.06 -3.45
CA ASP A 26 -0.37 7.13 -3.53
C ASP A 26 -0.57 7.70 -4.94
N TYR A 27 -1.59 7.18 -5.62
CA TYR A 27 -1.93 7.66 -6.97
C TYR A 27 -2.35 9.12 -6.89
N ARG A 28 -1.39 10.02 -7.02
CA ARG A 28 -1.69 11.44 -6.95
C ARG A 28 -2.40 11.75 -5.64
N ALA A 29 -1.89 11.15 -4.56
CA ALA A 29 -2.45 11.31 -3.23
C ALA A 29 -3.54 10.28 -2.98
N GLY A 30 -3.35 9.08 -3.56
CA GLY A 30 -4.32 8.01 -3.41
C GLY A 30 -3.68 6.70 -2.98
N ASP A 31 -3.98 5.63 -3.71
CA ASP A 31 -3.44 4.30 -3.41
C ASP A 31 -2.20 4.02 -4.26
N MET A 32 -1.99 2.77 -4.64
CA MET A 32 -0.84 2.38 -5.45
C MET A 32 -1.12 2.55 -6.95
N ILE A 33 -0.37 3.44 -7.57
CA ILE A 33 -0.56 3.75 -8.98
C ILE A 33 0.49 3.09 -9.88
N CYS A 34 0.00 2.30 -10.82
CA CYS A 34 0.88 1.63 -11.77
C CYS A 34 1.11 2.58 -12.94
N PRO A 35 2.23 3.32 -12.95
CA PRO A 35 2.56 4.27 -14.02
C PRO A 35 2.26 3.74 -15.43
N GLU A 36 2.07 2.45 -15.56
CA GLU A 36 1.82 1.85 -16.85
C GLU A 36 0.33 1.90 -17.19
N CYS A 37 -0.48 1.17 -16.42
CA CYS A 37 -1.92 1.19 -16.62
C CYS A 37 -2.50 2.27 -15.75
N GLY A 38 -1.70 2.64 -14.76
CA GLY A 38 -2.06 3.65 -13.81
C GLY A 38 -3.20 3.21 -12.93
N LEU A 39 -3.20 1.93 -12.61
CA LEU A 39 -4.21 1.34 -11.76
C LEU A 39 -3.97 1.74 -10.31
N VAL A 40 -5.06 1.82 -9.53
CA VAL A 40 -4.95 2.22 -8.15
C VAL A 40 -5.34 1.12 -7.18
N VAL A 41 -4.38 0.66 -6.39
CA VAL A 41 -4.64 -0.38 -5.40
C VAL A 41 -4.25 0.13 -4.02
N GLY A 42 -5.12 -0.08 -3.04
CA GLY A 42 -4.81 0.35 -1.70
C GLY A 42 -5.89 1.24 -1.14
N ASP A 43 -5.56 2.03 -0.14
CA ASP A 43 -6.51 2.93 0.48
C ASP A 43 -7.65 2.14 1.11
N ARG A 44 -7.41 1.63 2.32
CA ARG A 44 -8.42 0.86 3.03
C ARG A 44 -8.97 1.61 4.24
N VAL A 45 -8.13 1.77 5.26
CA VAL A 45 -8.54 2.47 6.48
C VAL A 45 -7.34 3.03 7.22
N ILE A 46 -7.61 3.87 8.22
CA ILE A 46 -6.54 4.48 9.02
C ILE A 46 -6.58 3.98 10.46
N ASP A 47 -5.45 3.50 10.95
CA ASP A 47 -5.34 3.00 12.32
C ASP A 47 -3.92 2.54 12.62
N VAL A 48 -3.29 1.91 11.65
CA VAL A 48 -1.92 1.41 11.81
C VAL A 48 -0.97 2.53 12.21
N GLY A 49 -1.26 3.74 11.74
CA GLY A 49 -0.42 4.88 12.06
C GLY A 49 -0.86 5.58 13.33
N SER A 50 -0.58 4.96 14.48
CA SER A 50 -0.95 5.53 15.77
C SER A 50 -0.36 4.70 16.92
N GLU A 51 0.94 4.86 17.16
CA GLU A 51 1.61 4.14 18.22
C GLU A 51 1.66 4.98 19.50
N TRP A 52 1.55 4.31 20.65
CA TRP A 52 1.58 5.00 21.94
C TRP A 52 2.92 5.69 22.15
N ARG A 53 3.89 4.98 22.74
CA ARG A 53 5.22 5.52 23.00
C ARG A 53 5.14 6.95 23.52
N THR A 54 5.10 7.09 24.85
CA THR A 54 5.03 8.40 25.48
C THR A 54 6.41 8.88 25.92
N PHE A 55 6.60 10.19 25.94
CA PHE A 55 7.88 10.77 26.34
C PHE A 55 7.92 10.99 27.85
N SER A 56 8.73 10.18 28.53
CA SER A 56 8.87 10.29 29.98
C SER A 56 7.50 10.22 30.66
N ASN A 57 7.14 9.02 31.13
CA ASN A 57 5.87 8.82 31.80
C ASN A 57 5.80 9.64 33.08
N ASP A 58 4.58 9.95 33.53
CA ASP A 58 4.38 10.73 34.75
C ASP A 58 4.56 9.86 35.99
N LYS A 59 3.65 8.89 36.15
CA LYS A 59 3.70 7.99 37.30
C LYS A 59 4.77 6.91 37.09
N ALA A 2 10.07 -19.98 9.44
CA ALA A 2 9.79 -19.48 10.81
C ALA A 2 8.28 -19.45 11.08
N SER A 3 7.81 -20.39 11.88
CA SER A 3 6.39 -20.46 12.23
C SER A 3 5.96 -19.25 13.04
N THR A 4 6.89 -18.71 13.82
CA THR A 4 6.60 -17.54 14.65
C THR A 4 6.57 -16.27 13.80
N SER A 5 7.39 -16.24 12.75
CA SER A 5 7.45 -15.09 11.86
C SER A 5 6.10 -14.84 11.20
N ARG A 6 5.82 -13.58 10.90
CA ARG A 6 4.57 -13.21 10.25
C ARG A 6 4.77 -12.96 8.76
N LEU A 7 5.30 -11.78 8.43
CA LEU A 7 5.54 -11.41 7.04
C LEU A 7 6.13 -10.01 6.94
N ASP A 8 6.29 -9.52 5.72
CA ASP A 8 6.85 -8.20 5.49
C ASP A 8 5.83 -7.30 4.80
N ALA A 9 5.06 -6.56 5.60
CA ALA A 9 4.04 -5.66 5.07
C ALA A 9 4.54 -4.22 5.03
N LEU A 10 4.72 -3.69 3.82
CA LEU A 10 5.20 -2.32 3.65
C LEU A 10 5.30 -1.98 2.16
N PRO A 11 6.13 -2.72 1.41
CA PRO A 11 6.33 -2.49 -0.02
C PRO A 11 5.22 -3.11 -0.86
N ARG A 12 5.44 -3.15 -2.17
CA ARG A 12 4.46 -3.72 -3.10
C ARG A 12 5.17 -4.50 -4.21
N VAL A 13 4.74 -5.73 -4.43
CA VAL A 13 5.34 -6.57 -5.48
C VAL A 13 5.39 -5.83 -6.81
N THR A 14 4.33 -5.94 -7.61
CA THR A 14 4.27 -5.29 -8.90
C THR A 14 2.90 -5.44 -9.53
N CYS A 15 2.72 -4.83 -10.69
CA CYS A 15 1.46 -4.90 -11.42
C CYS A 15 1.23 -6.30 -11.98
N PRO A 16 0.00 -6.84 -11.86
CA PRO A 16 -0.32 -8.17 -12.38
C PRO A 16 -0.18 -8.24 -13.89
N ASN A 17 -0.23 -7.08 -14.55
CA ASN A 17 -0.10 -7.02 -15.99
C ASN A 17 1.15 -6.25 -16.40
N HIS A 18 1.78 -5.56 -15.45
CA HIS A 18 2.99 -4.80 -15.73
C HIS A 18 4.13 -5.20 -14.82
N PRO A 19 4.89 -6.25 -15.21
CA PRO A 19 6.05 -6.72 -14.45
C PRO A 19 7.23 -5.80 -14.63
N ASP A 20 6.94 -4.52 -14.68
CA ASP A 20 7.94 -3.49 -14.85
C ASP A 20 7.45 -2.22 -14.16
N ALA A 21 6.17 -1.92 -14.35
CA ALA A 21 5.56 -0.76 -13.74
C ALA A 21 5.23 -1.05 -12.28
N ILE A 22 6.23 -0.84 -11.44
CA ILE A 22 6.12 -1.10 -10.01
C ILE A 22 5.20 -0.11 -9.31
N LEU A 23 3.89 -0.31 -9.49
CA LEU A 23 2.86 0.55 -8.88
C LEU A 23 3.46 1.39 -7.77
N VAL A 24 3.49 2.69 -7.97
CA VAL A 24 4.08 3.58 -6.99
C VAL A 24 3.12 3.90 -5.86
N GLU A 25 3.68 4.33 -4.75
CA GLU A 25 2.92 4.63 -3.57
C GLU A 25 2.27 5.99 -3.69
N ASP A 26 1.04 6.03 -3.22
CA ASP A 26 0.24 7.23 -3.21
C ASP A 26 0.37 8.09 -4.47
N TYR A 27 -0.71 8.13 -5.25
CA TYR A 27 -0.77 8.93 -6.47
C TYR A 27 -2.20 9.40 -6.71
N ARG A 28 -2.36 10.70 -6.96
CA ARG A 28 -3.67 11.29 -7.21
C ARG A 28 -4.64 11.00 -6.08
N ALA A 29 -4.11 10.71 -4.90
CA ALA A 29 -4.92 10.41 -3.73
C ALA A 29 -4.06 9.87 -2.59
N GLY A 30 -3.66 8.61 -2.72
CA GLY A 30 -2.83 8.00 -1.70
C GLY A 30 -2.70 6.49 -1.84
N ASP A 31 -3.09 5.97 -3.00
CA ASP A 31 -3.02 4.54 -3.25
C ASP A 31 -1.84 4.20 -4.16
N MET A 32 -1.80 2.98 -4.70
CA MET A 32 -0.71 2.55 -5.56
C MET A 32 -1.05 2.70 -7.05
N ILE A 33 -0.25 3.49 -7.74
CA ILE A 33 -0.46 3.78 -9.15
C ILE A 33 0.55 3.07 -10.04
N CYS A 34 0.06 2.31 -11.01
CA CYS A 34 0.93 1.63 -11.95
C CYS A 34 1.21 2.57 -13.10
N PRO A 35 2.35 3.27 -13.09
CA PRO A 35 2.73 4.23 -14.13
C PRO A 35 2.45 3.74 -15.55
N GLU A 36 2.20 2.46 -15.71
CA GLU A 36 1.95 1.89 -17.03
C GLU A 36 0.47 1.95 -17.38
N CYS A 37 -0.35 1.23 -16.62
CA CYS A 37 -1.80 1.27 -16.86
C CYS A 37 -2.37 2.38 -15.99
N GLY A 38 -1.58 2.70 -14.98
CA GLY A 38 -1.94 3.72 -14.03
C GLY A 38 -3.08 3.30 -13.15
N LEU A 39 -3.06 2.03 -12.79
CA LEU A 39 -4.08 1.43 -11.94
C LEU A 39 -3.85 1.86 -10.50
N VAL A 40 -4.95 2.11 -9.78
CA VAL A 40 -4.88 2.57 -8.42
C VAL A 40 -5.36 1.50 -7.45
N VAL A 41 -4.50 1.16 -6.51
CA VAL A 41 -4.86 0.15 -5.51
C VAL A 41 -4.49 0.62 -4.11
N GLY A 42 -5.43 0.47 -3.18
CA GLY A 42 -5.18 0.88 -1.81
C GLY A 42 -6.23 1.81 -1.28
N ASP A 43 -7.40 1.76 -1.85
CA ASP A 43 -8.47 2.62 -1.44
C ASP A 43 -9.16 2.02 -0.22
N ARG A 44 -8.42 1.90 0.87
CA ARG A 44 -8.96 1.33 2.11
C ARG A 44 -9.21 2.43 3.14
N VAL A 45 -10.03 2.13 4.14
CA VAL A 45 -10.35 3.09 5.18
C VAL A 45 -9.69 2.69 6.51
N ILE A 46 -10.43 1.98 7.37
CA ILE A 46 -9.89 1.55 8.66
C ILE A 46 -9.08 2.66 9.33
N ASP A 47 -9.77 3.52 10.07
CA ASP A 47 -9.12 4.62 10.77
C ASP A 47 -8.35 4.13 11.99
N VAL A 48 -8.84 3.05 12.60
CA VAL A 48 -8.20 2.47 13.77
C VAL A 48 -8.23 3.45 14.94
N GLY A 49 -9.36 3.49 15.64
CA GLY A 49 -9.50 4.38 16.78
C GLY A 49 -9.80 3.64 18.07
N SER A 50 -10.56 2.55 17.97
CA SER A 50 -10.91 1.76 19.14
C SER A 50 -9.71 0.98 19.67
N GLU A 51 -8.70 1.71 20.13
CA GLU A 51 -7.49 1.09 20.66
C GLU A 51 -6.51 2.15 21.19
N TRP A 52 -7.06 3.22 21.76
CA TRP A 52 -6.25 4.31 22.30
C TRP A 52 -5.46 5.01 21.20
N ARG A 53 -4.45 4.32 20.66
CA ARG A 53 -3.62 4.88 19.60
C ARG A 53 -2.75 6.01 20.13
N THR A 54 -1.91 5.69 21.11
CA THR A 54 -1.01 6.66 21.71
C THR A 54 0.30 6.00 22.13
N PHE A 55 1.24 6.82 22.60
CA PHE A 55 2.54 6.32 23.03
C PHE A 55 2.83 6.74 24.48
N SER A 56 2.34 5.94 25.42
CA SER A 56 2.55 6.22 26.84
C SER A 56 1.94 7.57 27.21
N ASN A 57 1.92 7.86 28.52
CA ASN A 57 1.37 9.12 29.01
C ASN A 57 1.82 9.39 30.44
N ASP A 58 1.84 10.66 30.82
CA ASP A 58 2.24 11.05 32.17
C ASP A 58 1.17 10.67 33.18
N LYS A 59 -0.08 10.89 32.82
CA LYS A 59 -1.20 10.57 33.70
C LYS A 59 -1.44 9.07 33.77
N ALA A 2 5.34 -20.18 13.85
CA ALA A 2 4.53 -19.92 15.06
C ALA A 2 3.04 -19.95 14.73
N SER A 3 2.24 -20.44 15.69
CA SER A 3 0.80 -20.52 15.50
C SER A 3 0.10 -19.27 16.04
N THR A 4 0.54 -18.11 15.57
CA THR A 4 -0.03 -16.84 16.00
C THR A 4 0.06 -15.80 14.90
N SER A 5 -0.12 -16.24 13.66
CA SER A 5 -0.07 -15.34 12.51
C SER A 5 -0.90 -15.89 11.36
N ARG A 6 -1.94 -15.13 10.99
CA ARG A 6 -2.83 -15.54 9.90
C ARG A 6 -2.51 -14.76 8.63
N LEU A 7 -2.05 -13.53 8.79
CA LEU A 7 -1.72 -12.67 7.66
C LEU A 7 -0.37 -13.07 7.06
N ASP A 8 -0.36 -14.20 6.36
CA ASP A 8 0.86 -14.70 5.73
C ASP A 8 0.69 -14.82 4.22
N ALA A 9 0.76 -13.69 3.53
CA ALA A 9 0.62 -13.66 2.08
C ALA A 9 0.92 -12.28 1.52
N LEU A 10 1.78 -12.23 0.51
CA LEU A 10 2.16 -10.96 -0.12
C LEU A 10 0.96 -10.33 -0.82
N PRO A 11 0.72 -9.02 -0.60
CA PRO A 11 -0.40 -8.31 -1.22
C PRO A 11 -0.31 -8.33 -2.75
N ARG A 12 0.76 -7.76 -3.28
CA ARG A 12 0.97 -7.71 -4.73
C ARG A 12 2.44 -7.61 -5.07
N VAL A 13 3.05 -6.47 -4.73
CA VAL A 13 4.47 -6.21 -4.99
C VAL A 13 4.70 -5.61 -6.38
N THR A 14 3.72 -5.77 -7.27
CA THR A 14 3.82 -5.24 -8.62
C THR A 14 2.49 -5.36 -9.36
N CYS A 15 2.44 -4.80 -10.56
CA CYS A 15 1.23 -4.84 -11.37
C CYS A 15 1.07 -6.19 -12.05
N PRO A 16 -0.15 -6.77 -12.02
CA PRO A 16 -0.42 -8.06 -12.64
C PRO A 16 -0.29 -8.02 -14.16
N ASN A 17 -0.39 -6.83 -14.73
CA ASN A 17 -0.27 -6.65 -16.17
C ASN A 17 1.08 -6.05 -16.54
N HIS A 18 1.64 -5.25 -15.63
CA HIS A 18 2.94 -4.61 -15.86
C HIS A 18 3.95 -5.07 -14.82
N PRO A 19 4.67 -6.17 -15.08
CA PRO A 19 5.68 -6.67 -14.16
C PRO A 19 6.75 -5.61 -13.89
N ASP A 20 7.01 -4.79 -14.90
CA ASP A 20 8.00 -3.72 -14.79
C ASP A 20 7.43 -2.49 -14.08
N ALA A 21 6.16 -2.20 -14.33
CA ALA A 21 5.52 -1.04 -13.69
C ALA A 21 5.29 -1.31 -12.21
N ILE A 22 6.26 -0.93 -11.41
CA ILE A 22 6.20 -1.13 -9.97
C ILE A 22 5.34 -0.11 -9.25
N LEU A 23 4.02 -0.20 -9.49
CA LEU A 23 3.03 0.69 -8.89
C LEU A 23 3.64 1.50 -7.74
N VAL A 24 3.55 2.81 -7.84
CA VAL A 24 4.15 3.65 -6.83
C VAL A 24 3.21 3.88 -5.65
N GLU A 25 3.82 4.22 -4.53
CA GLU A 25 3.11 4.46 -3.30
C GLU A 25 2.44 5.81 -3.35
N ASP A 26 1.15 5.80 -3.06
CA ASP A 26 0.36 7.01 -3.06
C ASP A 26 0.57 7.87 -4.30
N TYR A 27 -0.48 7.98 -5.11
CA TYR A 27 -0.42 8.79 -6.32
C TYR A 27 -1.83 9.13 -6.80
N ARG A 28 -1.95 10.29 -7.44
CA ARG A 28 -3.25 10.75 -7.93
C ARG A 28 -4.22 10.79 -6.77
N ALA A 29 -3.70 11.18 -5.60
CA ALA A 29 -4.50 11.24 -4.39
C ALA A 29 -5.04 9.85 -4.09
N GLY A 30 -4.24 8.83 -4.43
CA GLY A 30 -4.67 7.47 -4.21
C GLY A 30 -3.59 6.57 -3.62
N ASP A 31 -3.88 5.27 -3.65
CA ASP A 31 -3.00 4.23 -3.13
C ASP A 31 -1.79 4.04 -4.04
N MET A 32 -1.65 2.85 -4.59
CA MET A 32 -0.52 2.54 -5.44
C MET A 32 -0.87 2.73 -6.91
N ILE A 33 -0.16 3.63 -7.55
CA ILE A 33 -0.42 3.96 -8.93
C ILE A 33 0.56 3.28 -9.88
N CYS A 34 0.03 2.57 -10.86
CA CYS A 34 0.87 1.91 -11.83
C CYS A 34 1.20 2.88 -12.94
N PRO A 35 2.38 3.51 -12.93
CA PRO A 35 2.78 4.48 -13.95
C PRO A 35 2.38 4.07 -15.37
N GLU A 36 2.13 2.79 -15.56
CA GLU A 36 1.76 2.26 -16.87
C GLU A 36 0.26 2.30 -17.08
N CYS A 37 -0.48 1.55 -16.26
CA CYS A 37 -1.94 1.57 -16.36
C CYS A 37 -2.45 2.66 -15.47
N GLY A 38 -1.59 3.07 -14.54
CA GLY A 38 -1.91 4.09 -13.60
C GLY A 38 -3.04 3.69 -12.69
N LEU A 39 -3.14 2.39 -12.49
CA LEU A 39 -4.15 1.81 -11.63
C LEU A 39 -3.84 2.12 -10.17
N VAL A 40 -4.88 2.27 -9.36
CA VAL A 40 -4.72 2.58 -7.96
C VAL A 40 -5.09 1.40 -7.09
N VAL A 41 -4.13 0.90 -6.34
CA VAL A 41 -4.37 -0.24 -5.47
C VAL A 41 -3.85 0.03 -4.05
N GLY A 42 -4.62 -0.41 -3.07
CA GLY A 42 -4.23 -0.23 -1.69
C GLY A 42 -5.34 0.33 -0.83
N ASP A 43 -5.19 0.18 0.47
CA ASP A 43 -6.19 0.68 1.41
C ASP A 43 -5.70 0.54 2.84
N ARG A 44 -5.04 -0.58 3.13
CA ARG A 44 -4.53 -0.85 4.48
C ARG A 44 -3.87 0.39 5.08
N VAL A 45 -4.38 0.81 6.23
CA VAL A 45 -3.86 1.99 6.92
C VAL A 45 -3.62 1.70 8.40
N ILE A 46 -2.91 2.61 9.06
CA ILE A 46 -2.60 2.47 10.49
C ILE A 46 -1.43 1.53 10.71
N ASP A 47 -0.43 2.00 11.44
CA ASP A 47 0.76 1.21 11.73
C ASP A 47 1.24 1.45 13.16
N VAL A 48 0.31 1.79 14.04
CA VAL A 48 0.63 2.06 15.44
C VAL A 48 1.61 3.21 15.58
N GLY A 49 1.09 4.39 15.85
CA GLY A 49 1.94 5.57 16.00
C GLY A 49 1.44 6.52 17.06
N SER A 50 0.74 5.98 18.06
CA SER A 50 0.20 6.79 19.15
C SER A 50 0.92 6.47 20.46
N GLU A 51 2.20 6.81 20.52
CA GLU A 51 3.00 6.56 21.72
C GLU A 51 4.15 7.55 21.82
N TRP A 52 3.82 8.80 22.12
CA TRP A 52 4.81 9.86 22.25
C TRP A 52 5.50 10.15 20.92
N ARG A 53 6.25 9.17 20.42
CA ARG A 53 6.96 9.32 19.16
C ARG A 53 8.10 10.33 19.29
N THR A 54 9.22 9.88 19.85
CA THR A 54 10.39 10.74 20.04
C THR A 54 11.66 9.90 20.06
N PHE A 55 12.75 10.50 20.54
CA PHE A 55 14.04 9.82 20.61
C PHE A 55 14.02 8.72 21.69
N SER A 56 13.20 7.70 21.46
CA SER A 56 13.07 6.59 22.40
C SER A 56 12.57 7.08 23.75
N ASN A 57 11.92 6.19 24.49
CA ASN A 57 11.38 6.52 25.80
C ASN A 57 12.03 5.68 26.90
N ASP A 58 12.63 6.35 27.88
CA ASP A 58 13.29 5.66 28.98
C ASP A 58 13.18 6.46 30.27
N LYS A 59 11.98 6.48 30.84
CA LYS A 59 11.74 7.21 32.08
C LYS A 59 12.05 6.34 33.30
N ALA A 2 6.32 -26.71 -7.76
CA ALA A 2 6.13 -26.06 -6.44
C ALA A 2 4.66 -26.11 -6.02
N SER A 3 4.36 -26.94 -5.03
CA SER A 3 2.99 -27.06 -4.54
C SER A 3 2.64 -25.92 -3.59
N THR A 4 3.52 -25.67 -2.62
CA THR A 4 3.30 -24.60 -1.66
C THR A 4 4.22 -23.41 -1.93
N SER A 5 3.97 -22.73 -3.05
CA SER A 5 4.77 -21.58 -3.43
C SER A 5 3.91 -20.31 -3.49
N ARG A 6 2.70 -20.45 -3.99
CA ARG A 6 1.78 -19.32 -4.10
C ARG A 6 2.36 -18.24 -5.00
N LEU A 7 1.55 -17.23 -5.29
CA LEU A 7 1.99 -16.12 -6.15
C LEU A 7 1.66 -14.78 -5.51
N ASP A 8 0.43 -14.66 -4.99
CA ASP A 8 -0.01 -13.42 -4.36
C ASP A 8 -1.43 -13.56 -3.82
N ALA A 9 -2.41 -13.55 -4.73
CA ALA A 9 -3.82 -13.68 -4.35
C ALA A 9 -4.35 -12.37 -3.77
N LEU A 10 -4.04 -12.11 -2.50
CA LEU A 10 -4.51 -10.90 -1.83
C LEU A 10 -3.57 -9.71 -2.09
N PRO A 11 -2.29 -9.82 -1.68
CA PRO A 11 -1.31 -8.74 -1.87
C PRO A 11 -1.17 -8.33 -3.34
N ARG A 12 -0.64 -9.23 -4.15
CA ARG A 12 -0.44 -8.97 -5.57
C ARG A 12 0.65 -7.92 -5.77
N VAL A 13 1.90 -8.35 -5.62
CA VAL A 13 3.04 -7.45 -5.78
C VAL A 13 3.14 -6.92 -7.20
N THR A 14 3.46 -5.64 -7.34
CA THR A 14 3.58 -5.00 -8.64
C THR A 14 2.28 -5.14 -9.42
N CYS A 15 2.26 -4.58 -10.63
CA CYS A 15 1.08 -4.63 -11.49
C CYS A 15 0.90 -6.02 -12.10
N PRO A 16 -0.34 -6.56 -12.08
CA PRO A 16 -0.62 -7.86 -12.66
C PRO A 16 -0.49 -7.84 -14.18
N ASN A 17 -0.56 -6.64 -14.76
CA ASN A 17 -0.44 -6.46 -16.20
C ASN A 17 0.85 -5.74 -16.57
N HIS A 18 1.53 -5.17 -15.56
CA HIS A 18 2.77 -4.46 -15.81
C HIS A 18 3.87 -4.90 -14.84
N PRO A 19 4.57 -6.00 -15.16
CA PRO A 19 5.66 -6.48 -14.31
C PRO A 19 6.73 -5.41 -14.13
N ASP A 20 7.04 -4.71 -15.22
CA ASP A 20 8.05 -3.67 -15.20
C ASP A 20 7.52 -2.40 -14.52
N ALA A 21 6.22 -2.36 -14.22
CA ALA A 21 5.64 -1.20 -13.55
C ALA A 21 5.45 -1.47 -12.07
N ILE A 22 6.26 -0.81 -11.30
CA ILE A 22 6.26 -0.99 -9.87
C ILE A 22 5.32 -0.02 -9.14
N LEU A 23 4.01 -0.19 -9.40
CA LEU A 23 2.96 0.64 -8.77
C LEU A 23 3.55 1.48 -7.64
N VAL A 24 3.53 2.79 -7.81
CA VAL A 24 4.12 3.66 -6.81
C VAL A 24 3.18 3.93 -5.64
N GLU A 25 3.80 4.25 -4.51
CA GLU A 25 3.10 4.53 -3.27
C GLU A 25 2.45 5.88 -3.31
N ASP A 26 1.17 5.87 -3.03
CA ASP A 26 0.37 7.07 -3.00
C ASP A 26 0.53 7.90 -4.27
N TYR A 27 -0.49 7.86 -5.12
CA TYR A 27 -0.48 8.61 -6.37
C TYR A 27 -1.90 8.84 -6.87
N ARG A 28 -2.05 9.82 -7.74
CA ARG A 28 -3.36 10.15 -8.29
C ARG A 28 -4.35 10.33 -7.15
N ALA A 29 -3.85 10.87 -6.03
CA ALA A 29 -4.68 11.06 -4.86
C ALA A 29 -5.18 9.71 -4.39
N GLY A 30 -4.35 8.69 -4.56
CA GLY A 30 -4.74 7.35 -4.18
C GLY A 30 -3.65 6.54 -3.51
N ASP A 31 -3.81 5.23 -3.55
CA ASP A 31 -2.87 4.28 -2.96
C ASP A 31 -1.68 4.00 -3.87
N MET A 32 -1.64 2.84 -4.48
CA MET A 32 -0.51 2.49 -5.33
C MET A 32 -0.86 2.61 -6.80
N ILE A 33 -0.21 3.52 -7.47
CA ILE A 33 -0.48 3.78 -8.87
C ILE A 33 0.56 3.15 -9.79
N CYS A 34 0.07 2.39 -10.76
CA CYS A 34 0.95 1.77 -11.74
C CYS A 34 1.30 2.77 -12.82
N PRO A 35 2.49 3.41 -12.76
CA PRO A 35 2.92 4.40 -13.75
C PRO A 35 2.56 4.03 -15.19
N GLU A 36 2.32 2.75 -15.43
CA GLU A 36 2.01 2.27 -16.76
C GLU A 36 0.51 2.35 -17.04
N CYS A 37 -0.28 1.59 -16.31
CA CYS A 37 -1.74 1.63 -16.49
C CYS A 37 -2.27 2.69 -15.56
N GLY A 38 -1.46 2.98 -14.56
CA GLY A 38 -1.77 3.97 -13.57
C GLY A 38 -2.91 3.56 -12.68
N LEU A 39 -3.01 2.26 -12.47
CA LEU A 39 -4.04 1.71 -11.62
C LEU A 39 -3.74 2.06 -10.17
N VAL A 40 -4.77 2.09 -9.33
CA VAL A 40 -4.60 2.46 -7.93
C VAL A 40 -5.00 1.31 -7.01
N VAL A 41 -4.06 0.85 -6.20
CA VAL A 41 -4.32 -0.23 -5.25
C VAL A 41 -3.77 0.13 -3.87
N GLY A 42 -4.57 -0.10 -2.84
CA GLY A 42 -4.13 0.18 -1.49
C GLY A 42 -5.18 0.89 -0.68
N ASP A 43 -4.80 1.31 0.53
CA ASP A 43 -5.72 2.02 1.43
C ASP A 43 -6.57 1.01 2.20
N ARG A 44 -6.18 0.76 3.44
CA ARG A 44 -6.90 -0.17 4.30
C ARG A 44 -8.38 0.18 4.39
N VAL A 45 -8.66 1.47 4.55
CA VAL A 45 -10.04 1.94 4.65
C VAL A 45 -10.70 1.46 5.94
N ILE A 46 -9.89 1.33 6.99
CA ILE A 46 -10.40 0.87 8.28
C ILE A 46 -10.43 2.02 9.28
N ASP A 47 -11.44 2.02 10.15
CA ASP A 47 -11.59 3.06 11.15
C ASP A 47 -11.37 2.50 12.56
N VAL A 48 -11.64 1.20 12.72
CA VAL A 48 -11.46 0.55 14.02
C VAL A 48 -10.04 0.75 14.55
N GLY A 49 -9.92 0.81 15.87
CA GLY A 49 -8.62 0.99 16.49
C GLY A 49 -8.61 0.56 17.94
N SER A 50 -7.41 0.33 18.49
CA SER A 50 -7.27 -0.09 19.88
C SER A 50 -5.80 -0.16 20.27
N GLU A 51 -5.04 0.86 19.91
CA GLU A 51 -3.61 0.91 20.22
C GLU A 51 -3.32 1.99 21.27
N TRP A 52 -4.36 2.45 21.95
CA TRP A 52 -4.22 3.48 22.98
C TRP A 52 -3.74 4.79 22.37
N ARG A 53 -2.45 4.86 22.03
CA ARG A 53 -1.88 6.06 21.44
C ARG A 53 -1.91 7.23 22.43
N THR A 54 -0.91 7.28 23.30
CA THR A 54 -0.82 8.34 24.30
C THR A 54 0.63 8.76 24.51
N PHE A 55 0.84 9.77 25.35
CA PHE A 55 2.17 10.26 25.64
C PHE A 55 2.30 10.71 27.10
N SER A 56 1.41 10.20 27.95
CA SER A 56 1.43 10.55 29.37
C SER A 56 1.39 12.06 29.56
N ASN A 57 1.64 12.50 30.79
CA ASN A 57 1.62 13.92 31.10
C ASN A 57 3.02 14.40 31.50
N ASP A 58 3.15 15.70 31.74
CA ASP A 58 4.44 16.28 32.14
C ASP A 58 4.94 15.66 33.43
N LYS A 59 4.19 15.86 34.51
CA LYS A 59 4.57 15.31 35.82
C LYS A 59 4.20 13.85 35.92
N ALA A 2 -10.56 -28.70 -1.90
CA ALA A 2 -10.36 -27.50 -1.06
C ALA A 2 -10.75 -26.23 -1.80
N SER A 3 -11.97 -25.75 -1.54
CA SER A 3 -12.47 -24.54 -2.18
C SER A 3 -12.25 -23.31 -1.30
N THR A 4 -11.41 -23.45 -0.28
CA THR A 4 -11.10 -22.35 0.62
C THR A 4 -9.97 -21.49 0.08
N SER A 5 -9.16 -22.07 -0.81
CA SER A 5 -8.04 -21.35 -1.39
C SER A 5 -8.51 -20.09 -2.11
N ARG A 6 -8.23 -18.93 -1.51
CA ARG A 6 -8.63 -17.66 -2.10
C ARG A 6 -7.62 -16.57 -1.75
N LEU A 7 -7.98 -15.32 -1.98
CA LEU A 7 -7.10 -14.19 -1.70
C LEU A 7 -6.57 -14.26 -0.28
N ASP A 8 -5.35 -14.77 -0.12
CA ASP A 8 -4.72 -14.89 1.19
C ASP A 8 -3.23 -14.57 1.12
N ALA A 9 -2.51 -14.92 2.19
CA ALA A 9 -1.08 -14.68 2.26
C ALA A 9 -0.77 -13.18 2.28
N LEU A 10 -0.63 -12.58 1.10
CA LEU A 10 -0.34 -11.15 1.00
C LEU A 10 -0.75 -10.61 -0.38
N PRO A 11 -0.90 -9.28 -0.50
CA PRO A 11 -1.30 -8.65 -1.76
C PRO A 11 -0.18 -8.70 -2.80
N ARG A 12 -0.32 -7.92 -3.86
CA ARG A 12 0.66 -7.88 -4.93
C ARG A 12 1.64 -6.72 -4.74
N VAL A 13 2.92 -6.98 -4.99
CA VAL A 13 3.95 -5.95 -4.85
C VAL A 13 4.31 -5.37 -6.21
N THR A 14 3.31 -5.25 -7.08
CA THR A 14 3.50 -4.70 -8.42
C THR A 14 2.24 -4.86 -9.25
N CYS A 15 2.33 -4.51 -10.53
CA CYS A 15 1.18 -4.63 -11.43
C CYS A 15 1.05 -6.05 -11.97
N PRO A 16 -0.17 -6.60 -11.98
CA PRO A 16 -0.41 -7.96 -12.49
C PRO A 16 -0.21 -8.04 -14.00
N ASN A 17 -0.23 -6.89 -14.66
CA ASN A 17 -0.04 -6.83 -16.11
C ASN A 17 1.22 -6.03 -16.48
N HIS A 18 1.84 -5.40 -15.50
CA HIS A 18 3.05 -4.62 -15.74
C HIS A 18 4.12 -4.99 -14.71
N PRO A 19 4.94 -6.02 -15.01
CA PRO A 19 6.01 -6.45 -14.11
C PRO A 19 7.03 -5.35 -13.86
N ASP A 20 7.29 -4.54 -14.88
CA ASP A 20 8.25 -3.45 -14.77
C ASP A 20 7.62 -2.21 -14.13
N ALA A 21 6.31 -2.06 -14.29
CA ALA A 21 5.60 -0.92 -13.72
C ALA A 21 5.35 -1.13 -12.22
N ILE A 22 6.33 -0.72 -11.43
CA ILE A 22 6.29 -0.86 -9.98
C ILE A 22 5.29 0.09 -9.32
N LEU A 23 4.00 -0.22 -9.47
CA LEU A 23 2.91 0.59 -8.87
C LEU A 23 3.46 1.49 -7.76
N VAL A 24 3.50 2.77 -8.03
CA VAL A 24 4.03 3.72 -7.07
C VAL A 24 3.03 3.99 -5.96
N GLU A 25 3.53 4.60 -4.89
CA GLU A 25 2.73 4.89 -3.74
C GLU A 25 1.91 6.15 -3.95
N ASP A 26 0.68 6.05 -3.52
CA ASP A 26 -0.26 7.13 -3.59
C ASP A 26 -0.53 7.66 -4.99
N TYR A 27 -1.56 7.11 -5.64
CA TYR A 27 -1.97 7.55 -6.97
C TYR A 27 -2.44 8.99 -6.91
N ARG A 28 -1.57 9.92 -7.28
CA ARG A 28 -1.93 11.33 -7.25
C ARG A 28 -2.57 11.69 -5.91
N ALA A 29 -2.04 11.07 -4.85
CA ALA A 29 -2.53 11.26 -3.47
C ALA A 29 -3.58 10.21 -3.13
N GLY A 30 -3.36 9.00 -3.62
CA GLY A 30 -4.30 7.91 -3.36
C GLY A 30 -3.59 6.63 -2.93
N ASP A 31 -3.89 5.53 -3.62
CA ASP A 31 -3.28 4.24 -3.31
C ASP A 31 -2.06 4.00 -4.21
N MET A 32 -1.85 2.76 -4.62
CA MET A 32 -0.71 2.43 -5.47
C MET A 32 -1.03 2.59 -6.95
N ILE A 33 -0.31 3.48 -7.60
CA ILE A 33 -0.53 3.79 -8.99
C ILE A 33 0.49 3.15 -9.91
N CYS A 34 0.01 2.38 -10.87
CA CYS A 34 0.89 1.75 -11.84
C CYS A 34 1.11 2.73 -12.98
N PRO A 35 2.23 3.49 -12.97
CA PRO A 35 2.55 4.47 -14.01
C PRO A 35 2.25 3.97 -15.42
N GLU A 36 2.07 2.68 -15.57
CA GLU A 36 1.80 2.09 -16.87
C GLU A 36 0.32 2.12 -17.19
N CYS A 37 -0.46 1.37 -16.44
CA CYS A 37 -1.91 1.38 -16.63
C CYS A 37 -2.50 2.43 -15.72
N GLY A 38 -1.70 2.77 -14.72
CA GLY A 38 -2.07 3.76 -13.74
C GLY A 38 -3.21 3.28 -12.87
N LEU A 39 -3.18 1.99 -12.58
CA LEU A 39 -4.18 1.37 -11.74
C LEU A 39 -3.93 1.73 -10.29
N VAL A 40 -4.99 1.81 -9.50
CA VAL A 40 -4.89 2.19 -8.10
C VAL A 40 -5.23 1.02 -7.18
N VAL A 41 -4.23 0.59 -6.41
CA VAL A 41 -4.43 -0.50 -5.46
C VAL A 41 -4.04 -0.05 -4.07
N GLY A 42 -4.87 -0.38 -3.08
CA GLY A 42 -4.56 -0.01 -1.71
C GLY A 42 -5.74 0.60 -0.99
N ASP A 43 -5.64 0.66 0.33
CA ASP A 43 -6.70 1.22 1.15
C ASP A 43 -6.21 1.46 2.57
N ARG A 44 -5.71 0.39 3.19
CA ARG A 44 -5.21 0.47 4.56
C ARG A 44 -3.92 -0.33 4.72
N VAL A 45 -3.00 0.16 5.55
CA VAL A 45 -1.73 -0.52 5.77
C VAL A 45 -1.75 -1.29 7.09
N ILE A 46 -1.39 -2.56 7.03
CA ILE A 46 -1.36 -3.41 8.22
C ILE A 46 -0.25 -4.47 8.11
N ASP A 47 0.47 -4.66 9.21
CA ASP A 47 1.56 -5.64 9.24
C ASP A 47 1.24 -6.78 10.20
N VAL A 48 1.42 -6.53 11.50
CA VAL A 48 1.14 -7.53 12.51
C VAL A 48 1.40 -6.98 13.91
N GLY A 49 2.52 -6.29 14.08
CA GLY A 49 2.85 -5.71 15.36
C GLY A 49 3.28 -4.26 15.26
N SER A 50 2.35 -3.35 15.58
CA SER A 50 2.63 -1.92 15.52
C SER A 50 1.55 -1.13 16.25
N GLU A 51 1.95 -0.41 17.30
CA GLU A 51 1.01 0.38 18.07
C GLU A 51 1.74 1.27 19.07
N TRP A 52 1.15 2.42 19.38
CA TRP A 52 1.73 3.36 20.33
C TRP A 52 3.11 3.85 19.84
N ARG A 53 4.19 3.25 20.34
CA ARG A 53 5.54 3.63 19.95
C ARG A 53 5.75 5.14 20.08
N THR A 54 6.40 5.55 21.17
CA THR A 54 6.66 6.96 21.41
C THR A 54 8.16 7.26 21.29
N PHE A 55 8.49 8.55 21.15
CA PHE A 55 9.88 8.97 21.02
C PHE A 55 10.38 9.61 22.31
N SER A 56 9.83 9.15 23.43
CA SER A 56 10.23 9.67 24.74
C SER A 56 9.96 11.17 24.83
N ASN A 57 10.40 11.78 25.92
CA ASN A 57 10.22 13.22 26.12
C ASN A 57 10.96 13.68 27.37
N ASP A 58 11.03 15.00 27.54
CA ASP A 58 11.72 15.58 28.70
C ASP A 58 11.01 15.20 30.00
N LYS A 59 9.72 15.50 30.07
CA LYS A 59 8.93 15.19 31.26
C LYS A 59 8.24 13.84 31.12
N ALA A 2 5.02 -31.43 13.95
CA ALA A 2 3.97 -30.70 13.19
C ALA A 2 4.49 -30.27 11.83
N SER A 3 3.64 -29.60 11.05
CA SER A 3 4.03 -29.15 9.72
C SER A 3 3.04 -28.10 9.20
N THR A 4 3.25 -26.85 9.61
CA THR A 4 2.38 -25.76 9.19
C THR A 4 2.89 -25.13 7.90
N SER A 5 1.97 -24.88 6.96
CA SER A 5 2.32 -24.29 5.68
C SER A 5 1.44 -23.08 5.37
N ARG A 6 0.12 -23.28 5.49
CA ARG A 6 -0.84 -22.21 5.22
C ARG A 6 -0.67 -21.68 3.80
N LEU A 7 -1.59 -22.07 2.93
CA LEU A 7 -1.55 -21.64 1.53
C LEU A 7 -2.13 -20.22 1.39
N ASP A 8 -1.50 -19.27 2.07
CA ASP A 8 -1.95 -17.88 2.00
C ASP A 8 -1.39 -17.19 0.77
N ALA A 9 -1.74 -17.72 -0.40
CA ALA A 9 -1.28 -17.17 -1.67
C ALA A 9 -2.01 -15.87 -2.00
N LEU A 10 -1.78 -14.83 -1.20
CA LEU A 10 -2.43 -13.55 -1.43
C LEU A 10 -1.40 -12.41 -1.50
N PRO A 11 -0.29 -12.62 -2.25
CA PRO A 11 0.76 -11.61 -2.39
C PRO A 11 0.38 -10.53 -3.41
N ARG A 12 0.58 -9.27 -3.04
CA ARG A 12 0.26 -8.16 -3.92
C ARG A 12 1.48 -7.28 -4.14
N VAL A 13 2.26 -7.58 -5.17
CA VAL A 13 3.46 -6.81 -5.48
C VAL A 13 3.51 -6.42 -6.95
N THR A 14 3.81 -5.16 -7.21
CA THR A 14 3.89 -4.65 -8.57
C THR A 14 2.57 -4.88 -9.32
N CYS A 15 2.54 -4.43 -10.57
CA CYS A 15 1.35 -4.59 -11.40
C CYS A 15 1.24 -6.01 -11.95
N PRO A 16 0.04 -6.61 -11.89
CA PRO A 16 -0.18 -7.97 -12.40
C PRO A 16 -0.02 -8.06 -13.92
N ASN A 17 -0.12 -6.91 -14.58
CA ASN A 17 0.01 -6.85 -16.04
C ASN A 17 1.23 -6.04 -16.46
N HIS A 18 1.86 -5.36 -15.50
CA HIS A 18 3.05 -4.56 -15.78
C HIS A 18 4.15 -4.88 -14.77
N PRO A 19 4.98 -5.88 -15.06
CA PRO A 19 6.08 -6.27 -14.17
C PRO A 19 7.07 -5.13 -13.96
N ASP A 20 7.26 -4.32 -15.01
CA ASP A 20 8.18 -3.20 -14.95
C ASP A 20 7.53 -1.99 -14.26
N ALA A 21 6.21 -1.91 -14.33
CA ALA A 21 5.48 -0.79 -13.72
C ALA A 21 5.25 -1.05 -12.23
N ILE A 22 6.25 -0.69 -11.45
CA ILE A 22 6.22 -0.88 -10.00
C ILE A 22 5.22 0.06 -9.31
N LEU A 23 3.92 -0.25 -9.44
CA LEU A 23 2.84 0.54 -8.83
C LEU A 23 3.41 1.44 -7.73
N VAL A 24 3.43 2.72 -7.99
CA VAL A 24 3.98 3.66 -7.03
C VAL A 24 3.01 3.95 -5.89
N GLU A 25 3.54 4.50 -4.82
CA GLU A 25 2.77 4.79 -3.65
C GLU A 25 2.02 6.08 -3.82
N ASP A 26 0.77 6.04 -3.43
CA ASP A 26 -0.11 7.17 -3.47
C ASP A 26 -0.48 7.63 -4.87
N TYR A 27 -1.50 7.01 -5.45
CA TYR A 27 -1.99 7.38 -6.78
C TYR A 27 -2.38 8.85 -6.79
N ARG A 28 -1.49 9.72 -7.25
CA ARG A 28 -1.77 11.13 -7.29
C ARG A 28 -2.34 11.61 -5.95
N ALA A 29 -1.87 10.97 -4.88
CA ALA A 29 -2.30 11.28 -3.51
C ALA A 29 -3.33 10.25 -3.02
N GLY A 30 -3.23 9.04 -3.55
CA GLY A 30 -4.14 7.97 -3.16
C GLY A 30 -3.40 6.73 -2.70
N ASP A 31 -3.70 5.59 -3.33
CA ASP A 31 -3.06 4.33 -2.98
C ASP A 31 -1.93 4.00 -3.96
N MET A 32 -1.88 2.80 -4.50
CA MET A 32 -0.80 2.42 -5.40
C MET A 32 -1.18 2.54 -6.88
N ILE A 33 -0.43 3.37 -7.58
CA ILE A 33 -0.67 3.66 -8.98
C ILE A 33 0.38 3.03 -9.88
N CYS A 34 -0.08 2.24 -10.85
CA CYS A 34 0.82 1.62 -11.81
C CYS A 34 1.05 2.58 -12.96
N PRO A 35 2.16 3.34 -12.94
CA PRO A 35 2.48 4.32 -13.98
C PRO A 35 2.20 3.84 -15.41
N GLU A 36 2.02 2.55 -15.58
CA GLU A 36 1.78 1.99 -16.90
C GLU A 36 0.30 1.99 -17.23
N CYS A 37 -0.49 1.22 -16.48
CA CYS A 37 -1.93 1.20 -16.69
C CYS A 37 -2.54 2.26 -15.79
N GLY A 38 -1.75 2.63 -14.81
CA GLY A 38 -2.14 3.62 -13.84
C GLY A 38 -3.27 3.13 -12.97
N LEU A 39 -3.23 1.84 -12.69
CA LEU A 39 -4.23 1.20 -11.86
C LEU A 39 -4.02 1.61 -10.41
N VAL A 40 -5.11 1.76 -9.68
CA VAL A 40 -5.02 2.20 -8.31
C VAL A 40 -5.45 1.10 -7.34
N VAL A 41 -4.50 0.66 -6.53
CA VAL A 41 -4.77 -0.36 -5.52
C VAL A 41 -4.42 0.17 -4.14
N GLY A 42 -5.32 -0.02 -3.20
CA GLY A 42 -5.08 0.44 -1.85
C GLY A 42 -6.12 1.44 -1.43
N ASP A 43 -5.86 2.18 -0.36
CA ASP A 43 -6.79 3.18 0.15
C ASP A 43 -7.95 3.45 -0.80
N ARG A 44 -9.00 2.65 -0.68
CA ARG A 44 -10.18 2.78 -1.53
C ARG A 44 -11.39 3.27 -0.71
N VAL A 45 -11.22 4.39 -0.03
CA VAL A 45 -12.29 4.97 0.77
C VAL A 45 -12.64 4.05 1.94
N ILE A 46 -11.64 3.69 2.74
CA ILE A 46 -11.84 2.82 3.89
C ILE A 46 -11.19 3.41 5.14
N ASP A 47 -11.89 4.36 5.77
CA ASP A 47 -11.39 5.00 6.97
C ASP A 47 -11.18 3.98 8.09
N VAL A 48 -12.28 3.55 8.71
CA VAL A 48 -12.21 2.58 9.79
C VAL A 48 -13.12 1.39 9.52
N GLY A 49 -12.71 0.53 8.59
CA GLY A 49 -13.51 -0.63 8.25
C GLY A 49 -13.53 -1.66 9.37
N SER A 50 -14.21 -1.32 10.46
CA SER A 50 -14.31 -2.23 11.60
C SER A 50 -12.93 -2.52 12.19
N GLU A 51 -12.04 -1.54 12.09
CA GLU A 51 -10.68 -1.69 12.61
C GLU A 51 -10.50 -0.92 13.92
N TRP A 52 -11.61 -0.53 14.54
CA TRP A 52 -11.57 0.22 15.80
C TRP A 52 -10.92 1.58 15.60
N ARG A 53 -9.60 1.59 15.53
CA ARG A 53 -8.85 2.83 15.34
C ARG A 53 -9.02 3.76 16.55
N THR A 54 -8.24 3.52 17.60
CA THR A 54 -8.31 4.32 18.81
C THR A 54 -6.93 4.43 19.46
N PHE A 55 -6.72 5.52 20.19
CA PHE A 55 -5.45 5.74 20.88
C PHE A 55 -5.54 5.33 22.34
N SER A 56 -6.23 4.23 22.60
CA SER A 56 -6.40 3.72 23.96
C SER A 56 -7.11 4.75 24.84
N ASN A 57 -7.60 4.29 25.99
CA ASN A 57 -8.30 5.18 26.92
C ASN A 57 -7.31 6.08 27.64
N ASP A 58 -7.66 7.37 27.73
CA ASP A 58 -6.81 8.35 28.40
C ASP A 58 -7.09 8.38 29.90
N LYS A 59 -8.36 8.17 30.27
CA LYS A 59 -8.76 8.18 31.67
C LYS A 59 -8.72 6.77 32.25
N ALA A 2 6.87 -30.61 -7.30
CA ALA A 2 6.08 -29.91 -6.26
C ALA A 2 4.78 -30.65 -5.97
N SER A 3 4.87 -31.71 -5.16
CA SER A 3 3.71 -32.50 -4.80
C SER A 3 2.78 -31.72 -3.87
N THR A 4 3.38 -31.04 -2.90
CA THR A 4 2.61 -30.26 -1.93
C THR A 4 3.09 -28.81 -1.91
N SER A 5 3.57 -28.33 -3.05
CA SER A 5 4.06 -26.96 -3.16
C SER A 5 3.02 -26.07 -3.81
N ARG A 6 2.85 -24.87 -3.25
CA ARG A 6 1.87 -23.91 -3.78
C ARG A 6 2.57 -22.80 -4.55
N LEU A 7 1.93 -22.33 -5.62
CA LEU A 7 2.48 -21.25 -6.44
C LEU A 7 2.68 -19.98 -5.62
N ASP A 8 3.62 -19.15 -6.06
CA ASP A 8 3.90 -17.90 -5.36
C ASP A 8 2.88 -16.82 -5.70
N ALA A 9 1.94 -17.14 -6.59
CA ALA A 9 0.91 -16.20 -6.99
C ALA A 9 -0.14 -16.05 -5.90
N LEU A 10 -0.10 -14.94 -5.18
CA LEU A 10 -1.06 -14.67 -4.11
C LEU A 10 -0.80 -13.29 -3.50
N PRO A 11 0.38 -13.08 -2.90
CA PRO A 11 0.73 -11.79 -2.28
C PRO A 11 0.87 -10.68 -3.32
N ARG A 12 1.23 -11.06 -4.54
CA ARG A 12 1.40 -10.10 -5.62
C ARG A 12 2.52 -9.11 -5.31
N VAL A 13 3.27 -8.73 -6.34
CA VAL A 13 4.37 -7.79 -6.19
C VAL A 13 4.08 -6.49 -6.93
N THR A 14 4.38 -6.47 -8.24
CA THR A 14 4.16 -5.30 -9.07
C THR A 14 2.75 -5.33 -9.66
N CYS A 15 2.57 -4.66 -10.80
CA CYS A 15 1.28 -4.64 -11.49
C CYS A 15 0.93 -6.03 -12.01
N PRO A 16 -0.34 -6.45 -11.88
CA PRO A 16 -0.78 -7.76 -12.37
C PRO A 16 -0.58 -7.90 -13.87
N ASN A 17 -0.49 -6.77 -14.57
CA ASN A 17 -0.29 -6.77 -16.02
C ASN A 17 1.02 -6.07 -16.40
N HIS A 18 1.65 -5.42 -15.43
CA HIS A 18 2.91 -4.73 -15.69
C HIS A 18 3.97 -5.12 -14.65
N PRO A 19 4.73 -6.18 -14.92
CA PRO A 19 5.79 -6.64 -14.01
C PRO A 19 6.83 -5.55 -13.76
N ASP A 20 7.15 -4.80 -14.81
CA ASP A 20 8.14 -3.74 -14.71
C ASP A 20 7.54 -2.48 -14.09
N ALA A 21 6.26 -2.23 -14.36
CA ALA A 21 5.58 -1.05 -13.82
C ALA A 21 5.36 -1.18 -12.32
N ILE A 22 6.35 -0.71 -11.56
CA ILE A 22 6.32 -0.81 -10.11
C ILE A 22 5.30 0.13 -9.44
N LEU A 23 4.04 -0.28 -9.46
CA LEU A 23 2.96 0.49 -8.83
C LEU A 23 3.51 1.35 -7.70
N VAL A 24 3.59 2.65 -7.95
CA VAL A 24 4.13 3.56 -6.96
C VAL A 24 3.16 3.82 -5.83
N GLU A 25 3.68 4.38 -4.74
CA GLU A 25 2.90 4.68 -3.57
C GLU A 25 2.16 5.97 -3.78
N ASP A 26 0.90 5.95 -3.39
CA ASP A 26 0.02 7.10 -3.50
C ASP A 26 0.24 7.95 -4.75
N TYR A 27 -0.83 8.11 -5.52
CA TYR A 27 -0.80 8.92 -6.72
C TYR A 27 -2.08 9.73 -6.83
N ARG A 28 -1.93 11.05 -6.85
CA ARG A 28 -3.08 11.95 -6.90
C ARG A 28 -3.95 11.74 -5.68
N ALA A 29 -3.29 11.60 -4.53
CA ALA A 29 -3.99 11.35 -3.28
C ALA A 29 -4.69 10.00 -3.34
N GLY A 30 -4.01 9.04 -3.98
CA GLY A 30 -4.57 7.72 -4.12
C GLY A 30 -3.74 6.62 -3.49
N ASP A 31 -3.97 5.40 -3.97
CA ASP A 31 -3.27 4.20 -3.49
C ASP A 31 -2.03 3.94 -4.34
N MET A 32 -1.78 2.68 -4.65
CA MET A 32 -0.63 2.30 -5.44
C MET A 32 -0.92 2.48 -6.93
N ILE A 33 -0.21 3.40 -7.54
CA ILE A 33 -0.43 3.72 -8.93
C ILE A 33 0.59 3.08 -9.86
N CYS A 34 0.09 2.32 -10.82
CA CYS A 34 0.95 1.70 -11.79
C CYS A 34 1.21 2.69 -12.91
N PRO A 35 2.35 3.40 -12.89
CA PRO A 35 2.68 4.40 -13.92
C PRO A 35 2.43 3.92 -15.35
N GLU A 36 2.20 2.62 -15.51
CA GLU A 36 1.96 2.06 -16.83
C GLU A 36 0.48 2.10 -17.18
N CYS A 37 -0.34 1.37 -16.43
CA CYS A 37 -1.77 1.40 -16.66
C CYS A 37 -2.36 2.48 -15.79
N GLY A 38 -1.61 2.78 -14.75
CA GLY A 38 -1.98 3.77 -13.79
C GLY A 38 -3.14 3.34 -12.93
N LEU A 39 -3.07 2.07 -12.54
CA LEU A 39 -4.09 1.47 -11.70
C LEU A 39 -3.84 1.82 -10.24
N VAL A 40 -4.91 1.83 -9.43
CA VAL A 40 -4.78 2.18 -8.03
C VAL A 40 -5.16 1.04 -7.11
N VAL A 41 -4.19 0.58 -6.35
CA VAL A 41 -4.42 -0.50 -5.39
C VAL A 41 -3.91 -0.07 -4.01
N GLY A 42 -4.72 -0.27 -2.99
CA GLY A 42 -4.32 0.09 -1.66
C GLY A 42 -5.35 0.97 -0.98
N ASP A 43 -4.91 1.70 0.03
CA ASP A 43 -5.79 2.57 0.77
C ASP A 43 -6.84 1.77 1.55
N ARG A 44 -6.43 0.59 2.01
CA ARG A 44 -7.31 -0.29 2.76
C ARG A 44 -7.51 0.22 4.19
N VAL A 45 -8.22 -0.54 4.99
CA VAL A 45 -8.48 -0.18 6.38
C VAL A 45 -7.18 -0.12 7.18
N ILE A 46 -6.70 1.10 7.44
CA ILE A 46 -5.47 1.28 8.20
C ILE A 46 -5.15 2.76 8.37
N ASP A 47 -5.28 3.24 9.61
CA ASP A 47 -5.00 4.63 9.92
C ASP A 47 -3.97 4.76 11.03
N VAL A 48 -3.08 5.73 10.90
CA VAL A 48 -2.03 5.95 11.90
C VAL A 48 -1.89 7.44 12.22
N GLY A 49 -3.01 8.16 12.17
CA GLY A 49 -2.99 9.58 12.45
C GLY A 49 -2.43 9.89 13.84
N SER A 50 -1.15 10.25 13.89
CA SER A 50 -0.50 10.58 15.15
C SER A 50 -0.57 9.40 16.12
N GLU A 51 0.53 8.66 16.23
CA GLU A 51 0.60 7.51 17.11
C GLU A 51 0.44 7.94 18.57
N TRP A 52 1.48 8.58 19.11
CA TRP A 52 1.45 9.05 20.49
C TRP A 52 2.16 10.38 20.63
N ARG A 53 3.33 10.50 20.00
CA ARG A 53 4.12 11.73 20.05
C ARG A 53 4.69 11.95 21.45
N THR A 54 5.04 10.85 22.11
CA THR A 54 5.61 10.92 23.45
C THR A 54 7.02 11.49 23.42
N PHE A 55 7.64 11.62 24.58
CA PHE A 55 8.99 12.16 24.69
C PHE A 55 9.61 11.83 26.04
N SER A 56 9.22 10.68 26.59
CA SER A 56 9.74 10.25 27.89
C SER A 56 9.41 11.27 28.98
N ASN A 57 9.74 10.93 30.22
CA ASN A 57 9.50 11.82 31.35
C ASN A 57 10.74 11.95 32.23
N ASP A 58 10.71 12.91 33.14
CA ASP A 58 11.83 13.15 34.04
C ASP A 58 12.07 11.93 34.92
N LYS A 59 11.06 11.57 35.72
CA LYS A 59 11.17 10.42 36.61
C LYS A 59 11.30 9.12 35.81
#